data_2DJ2
#
_entry.id   2DJ2
#
_entity_poly.entity_id   1
_entity_poly.type   'polypeptide(L)'
_entity_poly.pdbx_seq_one_letter_code
;GSSGSSGVTLSLTKDNFDDVVNNADIILVEFYAPWCGHCKKLAPEYEKAAKELSKRSPPIPLAKVDATEQTDLAKRFDVS
GYPTLKIFRKGRPFDYNGPREKYGIVDYMIEQSGSGPSSG
;
_entity_poly.pdbx_strand_id   A
#
# COMPACT_ATOMS: atom_id res chain seq x y z
N GLY A 1 -7.63 11.59 14.40
CA GLY A 1 -8.46 12.49 13.64
C GLY A 1 -9.42 11.77 12.72
N SER A 2 -8.90 10.85 11.91
CA SER A 2 -9.71 10.09 10.99
C SER A 2 -9.79 8.62 11.40
N SER A 3 -10.92 8.24 11.99
CA SER A 3 -11.12 6.87 12.45
C SER A 3 -12.59 6.47 12.34
N GLY A 4 -12.90 5.61 11.38
CA GLY A 4 -14.27 5.16 11.20
C GLY A 4 -14.44 4.31 9.96
N SER A 5 -13.48 3.42 9.71
CA SER A 5 -13.52 2.54 8.54
C SER A 5 -13.40 1.08 8.95
N SER A 6 -14.35 0.27 8.50
CA SER A 6 -14.36 -1.15 8.82
C SER A 6 -13.73 -1.97 7.70
N GLY A 7 -12.41 -2.07 7.72
CA GLY A 7 -11.71 -2.83 6.69
C GLY A 7 -10.24 -3.03 7.04
N VAL A 8 -9.49 -3.58 6.08
CA VAL A 8 -8.07 -3.83 6.28
C VAL A 8 -7.22 -2.70 5.72
N THR A 9 -7.61 -2.19 4.55
CA THR A 9 -6.89 -1.10 3.91
C THR A 9 -7.08 0.21 4.66
N LEU A 10 -6.01 0.99 4.75
CA LEU A 10 -6.06 2.27 5.44
C LEU A 10 -6.06 3.44 4.45
N SER A 11 -6.85 4.46 4.74
CA SER A 11 -6.94 5.63 3.88
C SER A 11 -6.03 6.75 4.38
N LEU A 12 -4.90 6.93 3.69
CA LEU A 12 -3.95 7.97 4.06
C LEU A 12 -4.15 9.22 3.22
N THR A 13 -4.17 10.38 3.89
CA THR A 13 -4.36 11.64 3.20
C THR A 13 -3.16 12.57 3.43
N LYS A 14 -3.03 13.58 2.57
CA LYS A 14 -1.94 14.53 2.68
C LYS A 14 -1.88 15.15 4.07
N ASP A 15 -2.95 14.96 4.83
CA ASP A 15 -3.02 15.49 6.19
C ASP A 15 -2.54 14.47 7.21
N ASN A 16 -2.68 13.19 6.87
CA ASN A 16 -2.26 12.11 7.76
C ASN A 16 -1.50 11.04 6.99
N PHE A 17 -0.77 11.47 5.95
CA PHE A 17 0.00 10.54 5.13
C PHE A 17 1.40 10.35 5.70
N ASP A 18 2.04 11.45 6.08
CA ASP A 18 3.38 11.41 6.64
C ASP A 18 3.34 11.21 8.15
N ASP A 19 2.14 11.25 8.71
CA ASP A 19 1.96 11.08 10.15
C ASP A 19 1.61 9.63 10.48
N VAL A 20 1.05 8.92 9.50
CA VAL A 20 0.67 7.52 9.69
C VAL A 20 1.74 6.59 9.15
N VAL A 21 2.19 6.85 7.93
CA VAL A 21 3.21 6.03 7.30
C VAL A 21 4.50 6.02 8.12
N ASN A 22 4.87 7.19 8.63
CA ASN A 22 6.08 7.31 9.44
C ASN A 22 5.98 6.46 10.70
N ASN A 23 4.75 6.21 11.14
CA ASN A 23 4.52 5.41 12.34
C ASN A 23 4.24 3.95 11.98
N ALA A 24 4.58 3.59 10.75
CA ALA A 24 4.36 2.22 10.27
C ALA A 24 5.67 1.59 9.83
N ASP A 25 6.23 0.74 10.69
CA ASP A 25 7.49 0.07 10.39
C ASP A 25 7.59 -0.28 8.91
N ILE A 26 6.54 -0.90 8.38
CA ILE A 26 6.50 -1.27 6.98
C ILE A 26 5.08 -1.20 6.42
N ILE A 27 4.83 -0.21 5.58
CA ILE A 27 3.52 -0.03 4.97
C ILE A 27 3.64 0.19 3.47
N LEU A 28 2.58 -0.18 2.74
CA LEU A 28 2.57 -0.02 1.29
C LEU A 28 1.41 0.88 0.86
N VAL A 29 1.72 1.90 0.06
CA VAL A 29 0.71 2.82 -0.43
C VAL A 29 0.38 2.57 -1.89
N GLU A 30 -0.91 2.56 -2.22
CA GLU A 30 -1.35 2.32 -3.58
C GLU A 30 -2.22 3.47 -4.08
N PHE A 31 -1.64 4.31 -4.94
CA PHE A 31 -2.36 5.45 -5.49
C PHE A 31 -3.38 5.00 -6.54
N TYR A 32 -4.66 5.21 -6.25
CA TYR A 32 -5.73 4.83 -7.17
C TYR A 32 -6.63 6.01 -7.48
N ALA A 33 -7.46 5.87 -8.50
CA ALA A 33 -8.39 6.92 -8.89
C ALA A 33 -9.81 6.39 -8.99
N PRO A 34 -10.78 7.17 -8.45
CA PRO A 34 -12.19 6.80 -8.47
C PRO A 34 -12.79 6.85 -9.86
N TRP A 35 -11.96 7.16 -10.85
CA TRP A 35 -12.41 7.25 -12.23
C TRP A 35 -11.59 6.33 -13.13
N CYS A 36 -10.45 5.87 -12.62
CA CYS A 36 -9.57 4.99 -13.38
C CYS A 36 -10.12 3.57 -13.42
N GLY A 37 -10.39 3.08 -14.63
CA GLY A 37 -10.92 1.74 -14.79
C GLY A 37 -9.98 0.68 -14.26
N HIS A 38 -8.81 0.56 -14.87
CA HIS A 38 -7.82 -0.43 -14.47
C HIS A 38 -7.87 -0.65 -12.96
N CYS A 39 -8.03 0.44 -12.22
CA CYS A 39 -8.08 0.37 -10.76
C CYS A 39 -9.22 -0.54 -10.31
N LYS A 40 -10.40 -0.33 -10.88
CA LYS A 40 -11.58 -1.13 -10.54
C LYS A 40 -11.21 -2.60 -10.39
N LYS A 41 -10.13 -3.00 -11.04
CA LYS A 41 -9.66 -4.39 -10.99
C LYS A 41 -8.70 -4.59 -9.82
N LEU A 42 -7.90 -3.56 -9.53
CA LEU A 42 -6.94 -3.63 -8.44
C LEU A 42 -7.64 -3.49 -7.09
N ALA A 43 -8.66 -2.66 -7.04
CA ALA A 43 -9.42 -2.44 -5.81
C ALA A 43 -9.50 -3.71 -4.98
N PRO A 44 -10.09 -4.77 -5.57
CA PRO A 44 -10.25 -6.06 -4.90
C PRO A 44 -8.92 -6.78 -4.73
N GLU A 45 -8.00 -6.56 -5.67
CA GLU A 45 -6.69 -7.19 -5.61
C GLU A 45 -5.84 -6.58 -4.49
N TYR A 46 -6.18 -5.37 -4.10
CA TYR A 46 -5.44 -4.67 -3.04
C TYR A 46 -6.09 -4.91 -1.68
N GLU A 47 -7.37 -4.58 -1.58
CA GLU A 47 -8.11 -4.75 -0.34
C GLU A 47 -7.98 -6.18 0.18
N LYS A 48 -8.01 -7.14 -0.74
CA LYS A 48 -7.91 -8.55 -0.40
C LYS A 48 -6.52 -8.86 0.16
N ALA A 49 -5.48 -8.54 -0.63
CA ALA A 49 -4.11 -8.79 -0.22
C ALA A 49 -3.86 -8.29 1.20
N ALA A 50 -4.54 -7.21 1.56
CA ALA A 50 -4.40 -6.63 2.90
C ALA A 50 -4.85 -7.60 3.97
N LYS A 51 -5.88 -8.40 3.65
CA LYS A 51 -6.42 -9.37 4.59
C LYS A 51 -5.42 -10.50 4.84
N GLU A 52 -4.72 -10.91 3.78
CA GLU A 52 -3.73 -11.98 3.89
C GLU A 52 -2.54 -11.54 4.72
N LEU A 53 -2.05 -10.34 4.46
CA LEU A 53 -0.91 -9.79 5.19
C LEU A 53 -1.29 -9.49 6.64
N SER A 54 -2.41 -8.81 6.82
CA SER A 54 -2.88 -8.45 8.16
C SER A 54 -2.91 -9.67 9.07
N LYS A 55 -3.18 -10.84 8.49
CA LYS A 55 -3.22 -12.08 9.24
C LYS A 55 -1.86 -12.73 9.31
N ARG A 56 -1.00 -12.41 8.34
CA ARG A 56 0.34 -12.97 8.29
C ARG A 56 1.20 -12.45 9.44
N SER A 57 2.44 -12.88 9.49
CA SER A 57 3.36 -12.46 10.54
C SER A 57 4.80 -12.43 10.04
N PRO A 58 5.43 -11.26 10.12
CA PRO A 58 4.81 -10.05 10.65
C PRO A 58 3.71 -9.52 9.73
N PRO A 59 2.64 -8.99 10.34
CA PRO A 59 1.50 -8.43 9.59
C PRO A 59 1.86 -7.13 8.88
N ILE A 60 1.75 -7.13 7.56
CA ILE A 60 2.05 -5.96 6.76
C ILE A 60 0.78 -5.25 6.30
N PRO A 61 0.40 -4.18 7.03
CA PRO A 61 -0.80 -3.40 6.71
C PRO A 61 -0.65 -2.59 5.43
N LEU A 62 -1.73 -2.49 4.66
CA LEU A 62 -1.71 -1.74 3.42
C LEU A 62 -2.55 -0.47 3.53
N ALA A 63 -2.32 0.47 2.61
CA ALA A 63 -3.06 1.72 2.61
C ALA A 63 -3.36 2.17 1.18
N LYS A 64 -4.56 2.72 0.99
CA LYS A 64 -4.97 3.20 -0.33
C LYS A 64 -5.15 4.71 -0.33
N VAL A 65 -4.41 5.38 -1.21
CA VAL A 65 -4.50 6.84 -1.31
C VAL A 65 -5.05 7.26 -2.67
N ASP A 66 -5.88 8.29 -2.66
CA ASP A 66 -6.49 8.79 -3.90
C ASP A 66 -5.63 9.89 -4.51
N ALA A 67 -4.87 9.56 -5.54
CA ALA A 67 -4.00 10.51 -6.21
C ALA A 67 -4.82 11.66 -6.81
N THR A 68 -6.14 11.52 -6.77
CA THR A 68 -7.03 12.54 -7.32
C THR A 68 -7.23 13.68 -6.32
N GLU A 69 -7.35 13.32 -5.04
CA GLU A 69 -7.55 14.31 -3.99
C GLU A 69 -6.23 14.63 -3.29
N GLN A 70 -5.34 13.64 -3.22
CA GLN A 70 -4.05 13.82 -2.58
C GLN A 70 -2.95 14.05 -3.62
N THR A 71 -3.30 14.76 -4.69
CA THR A 71 -2.35 15.06 -5.76
C THR A 71 -1.00 15.47 -5.19
N ASP A 72 -1.02 16.31 -4.17
CA ASP A 72 0.20 16.78 -3.53
C ASP A 72 1.13 15.62 -3.24
N LEU A 73 0.58 14.53 -2.73
CA LEU A 73 1.37 13.34 -2.41
C LEU A 73 1.83 12.63 -3.68
N ALA A 74 0.92 12.51 -4.65
CA ALA A 74 1.24 11.86 -5.91
C ALA A 74 2.47 12.48 -6.56
N LYS A 75 2.40 13.78 -6.82
CA LYS A 75 3.50 14.51 -7.44
C LYS A 75 4.81 14.24 -6.71
N ARG A 76 4.72 14.12 -5.39
CA ARG A 76 5.90 13.86 -4.57
C ARG A 76 6.55 12.53 -4.95
N PHE A 77 5.72 11.59 -5.38
CA PHE A 77 6.22 10.27 -5.78
C PHE A 77 6.16 10.10 -7.30
N ASP A 78 6.19 11.22 -8.01
CA ASP A 78 6.14 11.21 -9.46
C ASP A 78 5.10 10.22 -9.96
N VAL A 79 3.89 10.33 -9.42
CA VAL A 79 2.79 9.46 -9.81
C VAL A 79 2.03 10.02 -11.00
N SER A 80 2.32 9.49 -12.19
CA SER A 80 1.66 9.94 -13.40
C SER A 80 1.08 8.76 -14.18
N GLY A 81 0.48 7.82 -13.45
CA GLY A 81 -0.11 6.66 -14.08
C GLY A 81 -0.53 5.60 -13.08
N TYR A 82 -1.82 5.53 -12.79
CA TYR A 82 -2.34 4.57 -11.84
C TYR A 82 -2.78 3.29 -12.55
N PRO A 83 -2.83 2.17 -11.79
CA PRO A 83 -2.48 2.18 -10.37
C PRO A 83 -0.99 2.39 -10.13
N THR A 84 -0.65 2.92 -8.96
CA THR A 84 0.73 3.18 -8.62
C THR A 84 1.01 2.81 -7.16
N LEU A 85 1.70 1.68 -6.96
CA LEU A 85 2.03 1.23 -5.61
C LEU A 85 3.46 1.61 -5.24
N LYS A 86 3.69 1.82 -3.95
CA LYS A 86 5.02 2.19 -3.46
C LYS A 86 5.18 1.81 -2.00
N ILE A 87 6.31 1.18 -1.68
CA ILE A 87 6.59 0.76 -0.31
C ILE A 87 7.18 1.91 0.51
N PHE A 88 6.84 1.94 1.79
CA PHE A 88 7.33 2.99 2.69
C PHE A 88 7.86 2.39 3.98
N ARG A 89 9.11 2.72 4.31
CA ARG A 89 9.74 2.22 5.52
C ARG A 89 10.10 3.36 6.46
N LYS A 90 9.34 3.50 7.54
CA LYS A 90 9.58 4.54 8.52
C LYS A 90 9.80 5.89 7.84
N GLY A 91 9.12 6.09 6.71
CA GLY A 91 9.26 7.34 5.98
C GLY A 91 10.26 7.23 4.84
N ARG A 92 10.33 6.06 4.23
CA ARG A 92 11.25 5.83 3.12
C ARG A 92 10.53 5.15 1.96
N PRO A 93 10.14 5.94 0.95
CA PRO A 93 9.45 5.43 -0.24
C PRO A 93 10.35 4.58 -1.13
N PHE A 94 9.80 3.53 -1.70
CA PHE A 94 10.56 2.64 -2.57
C PHE A 94 9.69 2.13 -3.72
N ASP A 95 10.07 2.48 -4.94
CA ASP A 95 9.33 2.06 -6.12
C ASP A 95 8.94 0.59 -6.03
N TYR A 96 7.65 0.33 -5.86
CA TYR A 96 7.14 -1.03 -5.74
C TYR A 96 7.20 -1.75 -7.09
N ASN A 97 7.98 -2.82 -7.15
CA ASN A 97 8.13 -3.60 -8.38
C ASN A 97 7.80 -5.07 -8.15
N GLY A 98 6.73 -5.52 -8.78
CA GLY A 98 6.32 -6.91 -8.63
C GLY A 98 4.93 -7.17 -9.17
N PRO A 99 4.32 -8.30 -8.78
CA PRO A 99 2.98 -8.69 -9.22
C PRO A 99 1.89 -7.79 -8.63
N ARG A 100 0.92 -7.44 -9.46
CA ARG A 100 -0.18 -6.58 -9.02
C ARG A 100 -1.43 -7.40 -8.74
N GLU A 101 -1.23 -8.65 -8.32
CA GLU A 101 -2.33 -9.54 -8.01
C GLU A 101 -2.45 -9.77 -6.50
N LYS A 102 -3.66 -9.99 -6.03
CA LYS A 102 -3.91 -10.22 -4.62
C LYS A 102 -2.79 -11.06 -4.00
N TYR A 103 -2.62 -12.28 -4.51
CA TYR A 103 -1.59 -13.18 -4.01
C TYR A 103 -0.20 -12.55 -4.16
N GLY A 104 0.21 -12.32 -5.41
CA GLY A 104 1.51 -11.73 -5.67
C GLY A 104 1.84 -10.63 -4.70
N ILE A 105 1.11 -9.53 -4.77
CA ILE A 105 1.33 -8.39 -3.87
C ILE A 105 1.73 -8.86 -2.48
N VAL A 106 0.94 -9.76 -1.92
CA VAL A 106 1.22 -10.29 -0.59
C VAL A 106 2.57 -10.98 -0.53
N ASP A 107 2.78 -11.94 -1.43
CA ASP A 107 4.04 -12.68 -1.50
C ASP A 107 5.22 -11.72 -1.56
N TYR A 108 5.09 -10.68 -2.38
CA TYR A 108 6.15 -9.70 -2.53
C TYR A 108 6.41 -8.96 -1.22
N MET A 109 5.43 -8.17 -0.79
CA MET A 109 5.55 -7.41 0.45
C MET A 109 6.29 -8.23 1.51
N ILE A 110 6.06 -9.54 1.52
CA ILE A 110 6.71 -10.41 2.49
C ILE A 110 8.22 -10.42 2.29
N GLU A 111 8.66 -10.84 1.11
CA GLU A 111 10.09 -10.90 0.81
C GLU A 111 10.75 -9.55 1.08
N GLN A 112 9.96 -8.48 1.01
CA GLN A 112 10.47 -7.14 1.25
C GLN A 112 10.78 -6.92 2.72
N SER A 113 9.80 -7.20 3.57
CA SER A 113 9.96 -7.03 5.01
C SER A 113 11.21 -7.77 5.50
N GLY A 114 11.65 -8.75 4.73
CA GLY A 114 12.82 -9.52 5.10
C GLY A 114 12.64 -11.01 4.88
N SER A 115 12.72 -11.44 3.62
CA SER A 115 12.55 -12.84 3.28
C SER A 115 13.42 -13.73 4.17
N GLY A 116 14.67 -13.33 4.34
CA GLY A 116 15.58 -14.10 5.17
C GLY A 116 16.26 -13.25 6.24
N PRO A 117 17.43 -13.71 6.70
CA PRO A 117 18.19 -12.99 7.73
C PRO A 117 18.79 -11.69 7.22
N SER A 118 18.14 -10.58 7.54
CA SER A 118 18.61 -9.27 7.10
C SER A 118 19.19 -8.48 8.28
N SER A 119 19.81 -7.35 7.97
CA SER A 119 20.41 -6.50 9.00
C SER A 119 19.92 -5.07 8.87
N GLY A 120 19.94 -4.34 9.98
CA GLY A 120 19.50 -2.96 9.98
C GLY A 120 17.98 -2.83 10.02
N GLY A 1 -12.36 2.02 24.71
CA GLY A 1 -13.69 2.25 24.20
C GLY A 1 -13.83 1.87 22.73
N SER A 2 -13.79 0.58 22.45
CA SER A 2 -13.90 0.08 21.08
C SER A 2 -15.19 0.56 20.45
N SER A 3 -15.07 1.45 19.46
CA SER A 3 -16.23 1.99 18.77
C SER A 3 -15.87 2.38 17.34
N GLY A 4 -16.89 2.49 16.49
CA GLY A 4 -16.67 2.86 15.11
C GLY A 4 -16.35 1.66 14.23
N SER A 5 -16.32 1.88 12.92
CA SER A 5 -16.04 0.80 11.97
C SER A 5 -14.69 1.02 11.30
N SER A 6 -14.17 -0.03 10.68
CA SER A 6 -12.89 0.04 10.00
C SER A 6 -12.59 -1.26 9.25
N GLY A 7 -11.72 -1.17 8.25
CA GLY A 7 -11.36 -2.36 7.48
C GLY A 7 -9.90 -2.70 7.60
N VAL A 8 -9.37 -3.40 6.59
CA VAL A 8 -7.96 -3.80 6.59
C VAL A 8 -7.10 -2.72 5.93
N THR A 9 -7.64 -2.07 4.91
CA THR A 9 -6.90 -1.03 4.20
C THR A 9 -7.05 0.32 4.89
N LEU A 10 -5.95 1.07 4.94
CA LEU A 10 -5.95 2.39 5.58
C LEU A 10 -5.93 3.50 4.54
N SER A 11 -6.75 4.52 4.76
CA SER A 11 -6.82 5.65 3.84
C SER A 11 -5.94 6.80 4.30
N LEU A 12 -4.74 6.88 3.72
CA LEU A 12 -3.78 7.92 4.07
C LEU A 12 -4.01 9.18 3.23
N THR A 13 -4.06 10.33 3.89
CA THR A 13 -4.27 11.59 3.21
C THR A 13 -3.10 12.55 3.42
N LYS A 14 -3.02 13.58 2.59
CA LYS A 14 -1.94 14.56 2.70
C LYS A 14 -1.90 15.17 4.09
N ASP A 15 -2.93 14.90 4.89
CA ASP A 15 -3.01 15.41 6.24
C ASP A 15 -2.53 14.37 7.26
N ASN A 16 -2.67 13.11 6.90
CA ASN A 16 -2.25 12.02 7.78
C ASN A 16 -1.48 10.96 7.00
N PHE A 17 -0.71 11.40 6.00
CA PHE A 17 0.08 10.49 5.18
C PHE A 17 1.49 10.32 5.75
N ASP A 18 2.10 11.44 6.13
CA ASP A 18 3.45 11.42 6.68
C ASP A 18 3.40 11.20 8.19
N ASP A 19 2.20 11.23 8.75
CA ASP A 19 2.03 11.04 10.19
C ASP A 19 1.67 9.60 10.51
N VAL A 20 1.11 8.90 9.52
CA VAL A 20 0.73 7.51 9.70
C VAL A 20 1.80 6.57 9.16
N VAL A 21 2.23 6.80 7.92
CA VAL A 21 3.25 5.98 7.30
C VAL A 21 4.53 5.96 8.14
N ASN A 22 4.94 7.12 8.62
CA ASN A 22 6.14 7.25 9.44
C ASN A 22 6.04 6.36 10.67
N ASN A 23 4.82 6.06 11.08
CA ASN A 23 4.59 5.22 12.25
C ASN A 23 4.31 3.77 11.85
N ALA A 24 4.61 3.44 10.59
CA ALA A 24 4.40 2.09 10.08
C ALA A 24 5.71 1.47 9.63
N ASP A 25 6.32 0.67 10.50
CA ASP A 25 7.58 0.01 10.19
C ASP A 25 7.62 -0.41 8.72
N ILE A 26 6.54 -1.01 8.25
CA ILE A 26 6.46 -1.46 6.86
C ILE A 26 5.03 -1.37 6.34
N ILE A 27 4.77 -0.40 5.47
CA ILE A 27 3.45 -0.20 4.90
C ILE A 27 3.53 0.04 3.40
N LEU A 28 2.51 -0.40 2.67
CA LEU A 28 2.46 -0.22 1.22
C LEU A 28 1.35 0.73 0.83
N VAL A 29 1.67 1.68 -0.05
CA VAL A 29 0.69 2.66 -0.51
C VAL A 29 0.38 2.47 -1.99
N GLU A 30 -0.91 2.45 -2.32
CA GLU A 30 -1.34 2.28 -3.70
C GLU A 30 -2.19 3.45 -4.17
N PHE A 31 -1.63 4.27 -5.05
CA PHE A 31 -2.34 5.44 -5.57
C PHE A 31 -3.33 5.03 -6.65
N TYR A 32 -4.61 5.11 -6.33
CA TYR A 32 -5.67 4.75 -7.27
C TYR A 32 -6.60 5.93 -7.52
N ALA A 33 -7.39 5.83 -8.58
CA ALA A 33 -8.33 6.89 -8.94
C ALA A 33 -9.74 6.33 -9.14
N PRO A 34 -10.74 7.02 -8.57
CA PRO A 34 -12.15 6.62 -8.68
C PRO A 34 -12.69 6.78 -10.09
N TRP A 35 -11.83 7.20 -11.01
CA TRP A 35 -12.24 7.40 -12.40
C TRP A 35 -11.49 6.43 -13.32
N CYS A 36 -10.37 5.91 -12.84
CA CYS A 36 -9.57 4.98 -13.62
C CYS A 36 -10.18 3.57 -13.59
N GLY A 37 -10.37 2.99 -14.77
CA GLY A 37 -10.94 1.66 -14.84
C GLY A 37 -9.99 0.58 -14.34
N HIS A 38 -8.84 0.46 -15.00
CA HIS A 38 -7.85 -0.53 -14.61
C HIS A 38 -7.83 -0.73 -13.10
N CYS A 39 -8.01 0.36 -12.36
CA CYS A 39 -8.02 0.30 -10.90
C CYS A 39 -9.14 -0.60 -10.41
N LYS A 40 -10.34 -0.41 -10.96
CA LYS A 40 -11.49 -1.20 -10.56
C LYS A 40 -11.11 -2.67 -10.39
N LYS A 41 -10.04 -3.08 -11.05
CA LYS A 41 -9.57 -4.46 -10.97
C LYS A 41 -8.62 -4.64 -9.79
N LEU A 42 -7.82 -3.61 -9.53
CA LEU A 42 -6.86 -3.66 -8.44
C LEU A 42 -7.56 -3.48 -7.09
N ALA A 43 -8.55 -2.61 -7.06
CA ALA A 43 -9.31 -2.36 -5.83
C ALA A 43 -9.42 -3.61 -4.98
N PRO A 44 -10.02 -4.66 -5.55
CA PRO A 44 -10.20 -5.95 -4.86
C PRO A 44 -8.88 -6.69 -4.67
N GLU A 45 -7.96 -6.49 -5.60
CA GLU A 45 -6.65 -7.14 -5.53
C GLU A 45 -5.79 -6.52 -4.43
N TYR A 46 -6.11 -5.29 -4.05
CA TYR A 46 -5.37 -4.58 -3.02
C TYR A 46 -6.00 -4.82 -1.65
N GLU A 47 -7.29 -4.50 -1.53
CA GLU A 47 -8.02 -4.68 -0.27
C GLU A 47 -7.94 -6.12 0.20
N LYS A 48 -7.90 -7.05 -0.75
CA LYS A 48 -7.83 -8.47 -0.43
C LYS A 48 -6.48 -8.82 0.18
N ALA A 49 -5.40 -8.36 -0.46
CA ALA A 49 -4.06 -8.63 0.01
C ALA A 49 -3.89 -8.18 1.46
N ALA A 50 -4.66 -7.17 1.87
CA ALA A 50 -4.60 -6.65 3.22
C ALA A 50 -5.18 -7.65 4.22
N LYS A 51 -6.19 -8.40 3.79
CA LYS A 51 -6.82 -9.40 4.64
C LYS A 51 -5.89 -10.59 4.87
N GLU A 52 -5.09 -10.92 3.87
CA GLU A 52 -4.15 -12.03 3.97
C GLU A 52 -2.90 -11.62 4.74
N LEU A 53 -2.44 -10.40 4.51
CA LEU A 53 -1.26 -9.88 5.18
C LEU A 53 -1.56 -9.54 6.64
N SER A 54 -2.73 -8.96 6.88
CA SER A 54 -3.14 -8.58 8.22
C SER A 54 -3.17 -9.79 9.14
N LYS A 55 -3.38 -10.97 8.55
CA LYS A 55 -3.43 -12.20 9.32
C LYS A 55 -2.07 -12.91 9.31
N ARG A 56 -1.22 -12.52 8.37
CA ARG A 56 0.11 -13.10 8.25
C ARG A 56 1.02 -12.61 9.37
N SER A 57 2.28 -13.05 9.34
CA SER A 57 3.25 -12.65 10.35
C SER A 57 4.67 -12.65 9.78
N PRO A 58 5.33 -11.48 9.85
CA PRO A 58 4.76 -10.27 10.44
C PRO A 58 3.63 -9.70 9.58
N PRO A 59 2.61 -9.14 10.25
CA PRO A 59 1.46 -8.54 9.57
C PRO A 59 1.81 -7.24 8.86
N ILE A 60 1.64 -7.23 7.54
CA ILE A 60 1.96 -6.05 6.74
C ILE A 60 0.68 -5.34 6.30
N PRO A 61 0.32 -4.26 7.00
CA PRO A 61 -0.88 -3.47 6.69
C PRO A 61 -0.74 -2.69 5.39
N LEU A 62 -1.84 -2.58 4.65
CA LEU A 62 -1.84 -1.86 3.39
C LEU A 62 -2.70 -0.60 3.48
N ALA A 63 -2.29 0.44 2.76
CA ALA A 63 -3.02 1.70 2.76
C ALA A 63 -3.33 2.15 1.33
N LYS A 64 -4.53 2.66 1.13
CA LYS A 64 -4.96 3.14 -0.19
C LYS A 64 -5.07 4.65 -0.22
N VAL A 65 -4.41 5.27 -1.19
CA VAL A 65 -4.43 6.73 -1.32
C VAL A 65 -5.01 7.14 -2.66
N ASP A 66 -5.87 8.15 -2.65
CA ASP A 66 -6.50 8.65 -3.86
C ASP A 66 -5.68 9.77 -4.48
N ALA A 67 -4.84 9.42 -5.44
CA ALA A 67 -3.98 10.40 -6.11
C ALA A 67 -4.83 11.54 -6.69
N THR A 68 -6.14 11.34 -6.75
CA THR A 68 -7.04 12.34 -7.28
C THR A 68 -7.27 13.46 -6.29
N GLU A 69 -7.39 13.10 -5.01
CA GLU A 69 -7.61 14.07 -3.95
C GLU A 69 -6.31 14.39 -3.22
N GLN A 70 -5.35 13.48 -3.32
CA GLN A 70 -4.06 13.64 -2.66
C GLN A 70 -2.96 13.93 -3.68
N THR A 71 -3.30 14.70 -4.71
CA THR A 71 -2.35 15.04 -5.77
C THR A 71 -1.02 15.49 -5.17
N ASP A 72 -1.09 16.34 -4.14
CA ASP A 72 0.11 16.84 -3.49
C ASP A 72 1.07 15.71 -3.16
N LEU A 73 0.53 14.61 -2.65
CA LEU A 73 1.34 13.45 -2.29
C LEU A 73 1.77 12.70 -3.54
N ALA A 74 0.86 12.56 -4.50
CA ALA A 74 1.15 11.85 -5.74
C ALA A 74 2.38 12.45 -6.44
N LYS A 75 2.32 13.74 -6.72
CA LYS A 75 3.41 14.44 -7.37
C LYS A 75 4.74 14.15 -6.67
N ARG A 76 4.70 14.12 -5.34
CA ARG A 76 5.90 13.86 -4.56
C ARG A 76 6.51 12.50 -4.92
N PHE A 77 5.65 11.56 -5.30
CA PHE A 77 6.09 10.22 -5.68
C PHE A 77 5.95 10.00 -7.17
N ASP A 78 6.01 11.08 -7.94
CA ASP A 78 5.89 11.00 -9.39
C ASP A 78 4.79 10.03 -9.79
N VAL A 79 3.59 10.24 -9.26
CA VAL A 79 2.45 9.38 -9.56
C VAL A 79 1.57 10.00 -10.64
N SER A 80 1.80 9.61 -11.88
CA SER A 80 1.02 10.13 -13.00
C SER A 80 0.33 9.00 -13.76
N GLY A 81 0.72 7.76 -13.44
CA GLY A 81 0.12 6.61 -14.09
C GLY A 81 -0.36 5.56 -13.11
N TYR A 82 -1.65 5.59 -12.81
CA TYR A 82 -2.23 4.63 -11.87
C TYR A 82 -2.70 3.37 -12.60
N PRO A 83 -2.79 2.27 -11.85
CA PRO A 83 -2.44 2.23 -10.43
C PRO A 83 -0.94 2.40 -10.19
N THR A 84 -0.59 2.98 -9.04
CA THR A 84 0.81 3.20 -8.69
C THR A 84 1.08 2.82 -7.24
N LEU A 85 1.74 1.68 -7.04
CA LEU A 85 2.07 1.20 -5.71
C LEU A 85 3.48 1.61 -5.31
N LYS A 86 3.69 1.83 -4.02
CA LYS A 86 5.00 2.22 -3.50
C LYS A 86 5.16 1.81 -2.04
N ILE A 87 6.30 1.21 -1.73
CA ILE A 87 6.57 0.78 -0.36
C ILE A 87 7.20 1.90 0.46
N PHE A 88 6.87 1.94 1.75
CA PHE A 88 7.40 2.97 2.65
C PHE A 88 8.00 2.34 3.90
N ARG A 89 9.19 2.78 4.26
CA ARG A 89 9.88 2.26 5.44
C ARG A 89 10.16 3.38 6.44
N LYS A 90 9.44 3.36 7.56
CA LYS A 90 9.62 4.36 8.59
C LYS A 90 9.83 5.74 7.98
N GLY A 91 9.22 5.97 6.82
CA GLY A 91 9.34 7.25 6.15
C GLY A 91 10.32 7.20 4.99
N ARG A 92 10.35 6.07 4.29
CA ARG A 92 11.24 5.91 3.15
C ARG A 92 10.54 5.19 2.00
N PRO A 93 10.18 5.96 0.96
CA PRO A 93 9.49 5.41 -0.21
C PRO A 93 10.40 4.52 -1.05
N PHE A 94 9.82 3.51 -1.69
CA PHE A 94 10.57 2.58 -2.52
C PHE A 94 9.73 2.12 -3.70
N ASP A 95 10.25 2.32 -4.91
CA ASP A 95 9.55 1.92 -6.12
C ASP A 95 9.09 0.47 -6.03
N TYR A 96 7.78 0.27 -5.94
CA TYR A 96 7.22 -1.07 -5.84
C TYR A 96 7.23 -1.77 -7.20
N ASN A 97 8.06 -2.81 -7.31
CA ASN A 97 8.16 -3.56 -8.56
C ASN A 97 7.81 -5.03 -8.33
N GLY A 98 6.73 -5.47 -8.96
CA GLY A 98 6.29 -6.85 -8.82
C GLY A 98 4.89 -7.08 -9.37
N PRO A 99 4.25 -8.17 -8.92
CA PRO A 99 2.90 -8.53 -9.36
C PRO A 99 1.84 -7.57 -8.82
N ARG A 100 0.77 -7.39 -9.57
CA ARG A 100 -0.32 -6.50 -9.16
C ARG A 100 -1.57 -7.29 -8.81
N GLU A 101 -1.37 -8.51 -8.31
CA GLU A 101 -2.48 -9.37 -7.93
C GLU A 101 -2.48 -9.64 -6.42
N LYS A 102 -3.67 -9.81 -5.86
CA LYS A 102 -3.80 -10.07 -4.43
C LYS A 102 -2.66 -10.94 -3.92
N TYR A 103 -2.58 -12.16 -4.45
CA TYR A 103 -1.53 -13.09 -4.05
C TYR A 103 -0.15 -12.47 -4.24
N GLY A 104 0.20 -12.18 -5.49
CA GLY A 104 1.49 -11.58 -5.78
C GLY A 104 1.88 -10.52 -4.78
N ILE A 105 1.10 -9.44 -4.73
CA ILE A 105 1.37 -8.34 -3.81
C ILE A 105 1.75 -8.86 -2.43
N VAL A 106 0.90 -9.73 -1.88
CA VAL A 106 1.16 -10.30 -0.56
C VAL A 106 2.53 -10.97 -0.50
N ASP A 107 2.77 -11.90 -1.42
CA ASP A 107 4.05 -12.60 -1.47
C ASP A 107 5.22 -11.62 -1.54
N TYR A 108 5.06 -10.60 -2.38
CA TYR A 108 6.11 -9.59 -2.55
C TYR A 108 6.37 -8.86 -1.22
N MET A 109 5.38 -8.08 -0.78
CA MET A 109 5.51 -7.33 0.46
C MET A 109 6.29 -8.12 1.50
N ILE A 110 6.08 -9.44 1.52
CA ILE A 110 6.78 -10.31 2.47
C ILE A 110 8.27 -10.30 2.21
N GLU A 111 8.68 -10.80 1.04
CA GLU A 111 10.09 -10.85 0.69
C GLU A 111 10.77 -9.50 0.93
N GLN A 112 9.99 -8.43 0.82
CA GLN A 112 10.51 -7.08 1.02
C GLN A 112 10.86 -6.85 2.49
N SER A 113 9.88 -7.03 3.36
CA SER A 113 10.07 -6.84 4.79
C SER A 113 11.42 -7.40 5.23
N GLY A 114 11.80 -8.53 4.65
CA GLY A 114 13.06 -9.15 4.99
C GLY A 114 12.97 -10.66 5.06
N SER A 115 13.13 -11.31 3.91
CA SER A 115 13.05 -12.77 3.84
C SER A 115 13.39 -13.27 2.45
N GLY A 116 14.21 -14.32 2.38
CA GLY A 116 14.59 -14.88 1.10
C GLY A 116 15.18 -13.83 0.16
N PRO A 117 16.49 -13.58 0.29
CA PRO A 117 17.19 -12.59 -0.53
C PRO A 117 17.33 -13.04 -1.99
N SER A 118 17.73 -14.30 -2.17
CA SER A 118 17.89 -14.85 -3.51
C SER A 118 16.56 -14.91 -4.26
N SER A 119 16.63 -15.14 -5.56
CA SER A 119 15.42 -15.22 -6.38
C SER A 119 15.00 -16.66 -6.60
N GLY A 120 14.13 -17.15 -5.71
CA GLY A 120 13.66 -18.52 -5.82
C GLY A 120 13.12 -19.05 -4.51
N GLY A 1 -13.20 11.37 15.45
CA GLY A 1 -12.44 10.84 16.56
C GLY A 1 -12.14 9.37 16.41
N SER A 2 -12.90 8.53 17.11
CA SER A 2 -12.70 7.09 17.05
C SER A 2 -12.96 6.56 15.65
N SER A 3 -12.48 5.34 15.38
CA SER A 3 -12.66 4.73 14.07
C SER A 3 -14.14 4.52 13.76
N GLY A 4 -14.43 4.10 12.53
CA GLY A 4 -15.80 3.88 12.13
C GLY A 4 -15.91 2.91 10.96
N SER A 5 -15.02 3.06 9.98
CA SER A 5 -15.03 2.21 8.81
C SER A 5 -14.19 0.95 9.04
N SER A 6 -14.86 -0.17 9.23
CA SER A 6 -14.17 -1.44 9.47
C SER A 6 -13.60 -2.00 8.17
N GLY A 7 -12.33 -1.70 7.91
CA GLY A 7 -11.68 -2.19 6.71
C GLY A 7 -10.19 -2.37 6.89
N VAL A 8 -9.66 -3.45 6.32
CA VAL A 8 -8.23 -3.74 6.42
C VAL A 8 -7.40 -2.61 5.84
N THR A 9 -7.74 -2.19 4.62
CA THR A 9 -7.02 -1.12 3.95
C THR A 9 -7.17 0.20 4.70
N LEU A 10 -6.10 0.97 4.78
CA LEU A 10 -6.12 2.26 5.47
C LEU A 10 -6.10 3.41 4.46
N SER A 11 -6.88 4.44 4.76
CA SER A 11 -6.95 5.61 3.89
C SER A 11 -6.02 6.72 4.37
N LEU A 12 -4.92 6.91 3.67
CA LEU A 12 -3.95 7.93 4.04
C LEU A 12 -4.18 9.21 3.24
N THR A 13 -4.18 10.34 3.94
CA THR A 13 -4.39 11.63 3.29
C THR A 13 -3.19 12.55 3.50
N LYS A 14 -3.08 13.56 2.64
CA LYS A 14 -1.98 14.52 2.74
C LYS A 14 -1.90 15.13 4.13
N ASP A 15 -2.95 14.92 4.92
CA ASP A 15 -3.00 15.45 6.28
C ASP A 15 -2.47 14.43 7.28
N ASN A 16 -2.61 13.15 6.94
CA ASN A 16 -2.15 12.08 7.81
C ASN A 16 -1.40 11.02 7.00
N PHE A 17 -0.73 11.45 5.94
CA PHE A 17 0.03 10.53 5.09
C PHE A 17 1.44 10.35 5.62
N ASP A 18 2.06 11.45 6.04
CA ASP A 18 3.42 11.40 6.58
C ASP A 18 3.41 11.20 8.08
N ASP A 19 2.22 11.24 8.67
CA ASP A 19 2.07 11.05 10.11
C ASP A 19 1.72 9.61 10.44
N VAL A 20 1.14 8.91 9.47
CA VAL A 20 0.75 7.52 9.65
C VAL A 20 1.80 6.57 9.10
N VAL A 21 2.22 6.81 7.86
CA VAL A 21 3.23 5.99 7.21
C VAL A 21 4.54 5.99 8.00
N ASN A 22 4.93 7.17 8.48
CA ASN A 22 6.15 7.30 9.26
C ASN A 22 6.10 6.45 10.52
N ASN A 23 4.88 6.20 11.01
CA ASN A 23 4.70 5.39 12.21
C ASN A 23 4.41 3.94 11.85
N ALA A 24 4.73 3.56 10.61
CA ALA A 24 4.51 2.21 10.15
C ALA A 24 5.81 1.57 9.68
N ASP A 25 6.44 0.80 10.55
CA ASP A 25 7.69 0.13 10.23
C ASP A 25 7.72 -0.29 8.76
N ILE A 26 6.63 -0.90 8.31
CA ILE A 26 6.53 -1.36 6.92
C ILE A 26 5.09 -1.28 6.43
N ILE A 27 4.82 -0.31 5.56
CA ILE A 27 3.49 -0.13 5.00
C ILE A 27 3.54 0.12 3.50
N LEU A 28 2.57 -0.42 2.78
CA LEU A 28 2.50 -0.25 1.33
C LEU A 28 1.39 0.71 0.94
N VAL A 29 1.71 1.68 0.09
CA VAL A 29 0.74 2.67 -0.36
C VAL A 29 0.41 2.48 -1.84
N GLU A 30 -0.87 2.44 -2.16
CA GLU A 30 -1.31 2.26 -3.54
C GLU A 30 -2.16 3.44 -3.99
N PHE A 31 -1.62 4.24 -4.91
CA PHE A 31 -2.33 5.41 -5.42
C PHE A 31 -3.30 5.00 -6.52
N TYR A 32 -4.60 5.09 -6.20
CA TYR A 32 -5.64 4.73 -7.17
C TYR A 32 -6.55 5.92 -7.44
N ALA A 33 -7.35 5.81 -8.50
CA ALA A 33 -8.27 6.88 -8.88
C ALA A 33 -9.68 6.34 -9.09
N PRO A 34 -10.67 7.06 -8.54
CA PRO A 34 -12.08 6.66 -8.65
C PRO A 34 -12.63 6.82 -10.06
N TRP A 35 -11.75 7.22 -10.97
CA TRP A 35 -12.13 7.40 -12.37
C TRP A 35 -11.37 6.45 -13.28
N CYS A 36 -10.28 5.90 -12.77
CA CYS A 36 -9.46 4.97 -13.54
C CYS A 36 -10.07 3.58 -13.56
N GLY A 37 -10.30 3.04 -14.75
CA GLY A 37 -10.88 1.72 -14.87
C GLY A 37 -9.97 0.63 -14.36
N HIS A 38 -8.81 0.48 -14.99
CA HIS A 38 -7.84 -0.53 -14.58
C HIS A 38 -7.87 -0.74 -13.07
N CYS A 39 -7.94 0.36 -12.33
CA CYS A 39 -7.98 0.30 -10.88
C CYS A 39 -9.10 -0.61 -10.39
N LYS A 40 -10.29 -0.42 -10.95
CA LYS A 40 -11.45 -1.22 -10.59
C LYS A 40 -11.07 -2.69 -10.42
N LYS A 41 -9.98 -3.09 -11.08
CA LYS A 41 -9.51 -4.46 -11.01
C LYS A 41 -8.57 -4.65 -9.82
N LEU A 42 -7.77 -3.63 -9.54
CA LEU A 42 -6.82 -3.68 -8.43
C LEU A 42 -7.53 -3.48 -7.10
N ALA A 43 -8.46 -2.53 -7.05
CA ALA A 43 -9.21 -2.24 -5.85
C ALA A 43 -9.39 -3.50 -5.00
N PRO A 44 -10.03 -4.52 -5.58
CA PRO A 44 -10.28 -5.79 -4.91
C PRO A 44 -9.00 -6.59 -4.68
N GLU A 45 -8.08 -6.50 -5.64
CA GLU A 45 -6.81 -7.22 -5.55
C GLU A 45 -5.92 -6.62 -4.48
N TYR A 46 -6.22 -5.38 -4.09
CA TYR A 46 -5.44 -4.69 -3.07
C TYR A 46 -6.03 -4.92 -1.69
N GLU A 47 -7.32 -4.65 -1.55
CA GLU A 47 -8.02 -4.83 -0.28
C GLU A 47 -7.84 -6.25 0.25
N LYS A 48 -7.95 -7.23 -0.64
CA LYS A 48 -7.80 -8.63 -0.27
C LYS A 48 -6.39 -8.90 0.24
N ALA A 49 -5.39 -8.43 -0.50
CA ALA A 49 -4.00 -8.63 -0.11
C ALA A 49 -3.77 -8.19 1.34
N ALA A 50 -4.44 -7.12 1.74
CA ALA A 50 -4.30 -6.61 3.09
C ALA A 50 -4.86 -7.60 4.12
N LYS A 51 -5.88 -8.35 3.71
CA LYS A 51 -6.50 -9.33 4.58
C LYS A 51 -5.54 -10.49 4.87
N GLU A 52 -4.82 -10.92 3.84
CA GLU A 52 -3.86 -12.02 3.97
C GLU A 52 -2.66 -11.59 4.80
N LEU A 53 -2.19 -10.37 4.58
CA LEU A 53 -1.04 -9.84 5.29
C LEU A 53 -1.42 -9.49 6.73
N SER A 54 -2.59 -8.90 6.91
CA SER A 54 -3.07 -8.51 8.23
C SER A 54 -3.06 -9.70 9.18
N LYS A 55 -3.30 -10.89 8.63
CA LYS A 55 -3.32 -12.11 9.42
C LYS A 55 -1.93 -12.74 9.50
N ARG A 56 -1.08 -12.41 8.52
CA ARG A 56 0.28 -12.94 8.47
C ARG A 56 1.12 -12.37 9.61
N SER A 57 2.38 -12.76 9.66
CA SER A 57 3.29 -12.29 10.70
C SER A 57 4.74 -12.29 10.19
N PRO A 58 5.37 -11.10 10.23
CA PRO A 58 4.72 -9.88 10.73
C PRO A 58 3.63 -9.38 9.79
N PRO A 59 2.55 -8.84 10.37
CA PRO A 59 1.42 -8.31 9.60
C PRO A 59 1.77 -7.04 8.85
N ILE A 60 1.64 -7.07 7.53
CA ILE A 60 1.95 -5.92 6.70
C ILE A 60 0.67 -5.23 6.22
N PRO A 61 0.28 -4.15 6.92
CA PRO A 61 -0.93 -3.39 6.59
C PRO A 61 -0.78 -2.60 5.29
N LEU A 62 -1.86 -2.52 4.52
CA LEU A 62 -1.84 -1.80 3.25
C LEU A 62 -2.75 -0.57 3.32
N ALA A 63 -2.34 0.50 2.64
CA ALA A 63 -3.12 1.73 2.61
C ALA A 63 -3.39 2.17 1.18
N LYS A 64 -4.57 2.75 0.96
CA LYS A 64 -4.94 3.22 -0.37
C LYS A 64 -5.15 4.73 -0.38
N VAL A 65 -4.43 5.42 -1.25
CA VAL A 65 -4.54 6.88 -1.35
C VAL A 65 -5.08 7.29 -2.71
N ASP A 66 -6.02 8.24 -2.69
CA ASP A 66 -6.64 8.73 -3.93
C ASP A 66 -5.79 9.84 -4.54
N ALA A 67 -4.84 9.47 -5.38
CA ALA A 67 -3.97 10.45 -6.03
C ALA A 67 -4.80 11.56 -6.68
N THR A 68 -6.08 11.30 -6.87
CA THR A 68 -6.98 12.28 -7.49
C THR A 68 -7.27 13.43 -6.54
N GLU A 69 -7.39 13.11 -5.25
CA GLU A 69 -7.68 14.12 -4.24
C GLU A 69 -6.41 14.53 -3.50
N GLN A 70 -5.48 13.57 -3.37
CA GLN A 70 -4.21 13.83 -2.69
C GLN A 70 -3.09 14.07 -3.69
N THR A 71 -3.41 14.78 -4.77
CA THR A 71 -2.43 15.08 -5.81
C THR A 71 -1.10 15.49 -5.20
N ASP A 72 -1.15 16.35 -4.19
CA ASP A 72 0.06 16.81 -3.52
C ASP A 72 1.02 15.66 -3.26
N LEU A 73 0.49 14.56 -2.73
CA LEU A 73 1.31 13.39 -2.44
C LEU A 73 1.82 12.75 -3.73
N ALA A 74 0.94 12.59 -4.70
CA ALA A 74 1.30 11.99 -5.98
C ALA A 74 2.52 12.69 -6.58
N LYS A 75 2.44 14.01 -6.69
CA LYS A 75 3.53 14.79 -7.24
C LYS A 75 4.85 14.47 -6.54
N ARG A 76 4.81 14.39 -5.22
CA ARG A 76 6.00 14.08 -4.44
C ARG A 76 6.62 12.76 -4.89
N PHE A 77 5.77 11.82 -5.28
CA PHE A 77 6.23 10.52 -5.73
C PHE A 77 6.13 10.40 -7.25
N ASP A 78 6.24 11.53 -7.93
CA ASP A 78 6.16 11.55 -9.39
C ASP A 78 5.15 10.52 -9.89
N VAL A 79 3.97 10.51 -9.27
CA VAL A 79 2.92 9.57 -9.66
C VAL A 79 2.08 10.13 -10.80
N SER A 80 2.37 9.69 -12.02
CA SER A 80 1.64 10.15 -13.20
C SER A 80 1.13 8.97 -14.02
N GLY A 81 0.58 7.97 -13.32
CA GLY A 81 0.05 6.80 -14.00
C GLY A 81 -0.38 5.72 -13.03
N TYR A 82 -1.68 5.66 -12.75
CA TYR A 82 -2.22 4.67 -11.83
C TYR A 82 -2.65 3.42 -12.59
N PRO A 83 -2.70 2.29 -11.85
CA PRO A 83 -2.37 2.25 -10.43
C PRO A 83 -0.88 2.45 -10.17
N THR A 84 -0.56 3.00 -9.00
CA THR A 84 0.82 3.25 -8.63
C THR A 84 1.09 2.85 -7.18
N LEU A 85 1.78 1.73 -7.00
CA LEU A 85 2.10 1.23 -5.67
C LEU A 85 3.51 1.64 -5.26
N LYS A 86 3.72 1.79 -3.96
CA LYS A 86 5.03 2.17 -3.44
C LYS A 86 5.17 1.77 -1.97
N ILE A 87 6.33 1.22 -1.63
CA ILE A 87 6.59 0.79 -0.26
C ILE A 87 7.21 1.92 0.56
N PHE A 88 6.76 2.06 1.79
CA PHE A 88 7.26 3.09 2.68
C PHE A 88 7.79 2.49 3.98
N ARG A 89 9.03 2.82 4.33
CA ARG A 89 9.64 2.31 5.55
C ARG A 89 10.07 3.45 6.46
N LYS A 90 9.45 3.54 7.63
CA LYS A 90 9.76 4.59 8.58
C LYS A 90 9.93 5.94 7.89
N GLY A 91 9.24 6.11 6.76
CA GLY A 91 9.32 7.36 6.02
C GLY A 91 10.28 7.27 4.86
N ARG A 92 10.35 6.09 4.23
CA ARG A 92 11.24 5.88 3.10
C ARG A 92 10.52 5.15 1.96
N PRO A 93 10.10 5.93 0.95
CA PRO A 93 9.39 5.37 -0.21
C PRO A 93 10.29 4.52 -1.10
N PHE A 94 9.73 3.46 -1.67
CA PHE A 94 10.48 2.58 -2.55
C PHE A 94 9.62 2.07 -3.69
N ASP A 95 10.01 2.38 -4.92
CA ASP A 95 9.26 1.95 -6.10
C ASP A 95 8.86 0.49 -5.98
N TYR A 96 7.55 0.25 -5.87
CA TYR A 96 7.04 -1.10 -5.75
C TYR A 96 7.04 -1.82 -7.11
N ASN A 97 7.93 -2.80 -7.24
CA ASN A 97 8.04 -3.56 -8.48
C ASN A 97 7.68 -5.03 -8.25
N GLY A 98 6.60 -5.47 -8.87
CA GLY A 98 6.17 -6.86 -8.72
C GLY A 98 4.78 -7.09 -9.26
N PRO A 99 4.15 -8.19 -8.83
CA PRO A 99 2.80 -8.57 -9.26
C PRO A 99 1.73 -7.62 -8.70
N ARG A 100 0.71 -7.35 -9.50
CA ARG A 100 -0.37 -6.46 -9.09
C ARG A 100 -1.63 -7.26 -8.75
N GLU A 101 -1.43 -8.46 -8.21
CA GLU A 101 -2.56 -9.32 -7.85
C GLU A 101 -2.59 -9.55 -6.33
N LYS A 102 -3.76 -9.95 -5.84
CA LYS A 102 -3.93 -10.20 -4.41
C LYS A 102 -2.78 -11.05 -3.87
N TYR A 103 -2.66 -12.27 -4.37
CA TYR A 103 -1.61 -13.18 -3.92
C TYR A 103 -0.24 -12.56 -4.15
N GLY A 104 0.06 -12.22 -5.40
CA GLY A 104 1.35 -11.61 -5.71
C GLY A 104 1.75 -10.54 -4.72
N ILE A 105 0.97 -9.45 -4.68
CA ILE A 105 1.25 -8.35 -3.78
C ILE A 105 1.68 -8.86 -2.41
N VAL A 106 0.90 -9.79 -1.87
CA VAL A 106 1.18 -10.36 -0.55
C VAL A 106 2.56 -11.02 -0.54
N ASP A 107 2.78 -11.93 -1.46
CA ASP A 107 4.05 -12.64 -1.56
C ASP A 107 5.22 -11.65 -1.63
N TYR A 108 5.03 -10.60 -2.42
CA TYR A 108 6.08 -9.58 -2.58
C TYR A 108 6.35 -8.86 -1.26
N MET A 109 5.36 -8.11 -0.80
CA MET A 109 5.49 -7.38 0.46
C MET A 109 6.26 -8.20 1.50
N ILE A 110 6.03 -9.50 1.49
CA ILE A 110 6.69 -10.41 2.42
C ILE A 110 8.20 -10.39 2.21
N GLU A 111 8.64 -10.86 1.05
CA GLU A 111 10.06 -10.91 0.73
C GLU A 111 10.73 -9.57 1.06
N GLN A 112 9.97 -8.50 0.97
CA GLN A 112 10.49 -7.16 1.26
C GLN A 112 10.71 -6.98 2.75
N SER A 113 9.78 -7.50 3.55
CA SER A 113 9.87 -7.38 5.00
C SER A 113 11.09 -8.13 5.53
N GLY A 114 11.67 -8.98 4.68
CA GLY A 114 12.84 -9.74 5.08
C GLY A 114 13.78 -10.00 3.93
N SER A 115 13.46 -10.98 3.10
CA SER A 115 14.28 -11.34 1.95
C SER A 115 14.93 -10.09 1.36
N GLY A 116 16.25 -10.15 1.18
CA GLY A 116 16.97 -9.02 0.62
C GLY A 116 17.39 -9.26 -0.82
N PRO A 117 18.68 -9.51 -1.03
CA PRO A 117 19.24 -9.77 -2.36
C PRO A 117 18.79 -11.10 -2.94
N SER A 118 18.65 -12.10 -2.07
CA SER A 118 18.23 -13.43 -2.49
C SER A 118 17.81 -14.27 -1.29
N SER A 119 16.97 -15.28 -1.54
CA SER A 119 16.49 -16.15 -0.48
C SER A 119 17.16 -17.52 -0.56
N GLY A 120 17.53 -17.92 -1.78
CA GLY A 120 18.18 -19.19 -1.98
C GLY A 120 19.63 -19.19 -1.54
N GLY A 1 -11.50 8.40 21.36
CA GLY A 1 -11.01 8.71 20.03
C GLY A 1 -11.54 7.77 18.97
N SER A 2 -11.44 8.17 17.71
CA SER A 2 -11.92 7.37 16.59
C SER A 2 -10.93 6.26 16.26
N SER A 3 -11.43 5.19 15.65
CA SER A 3 -10.59 4.06 15.27
C SER A 3 -10.13 4.18 13.82
N GLY A 4 -11.08 4.49 12.94
CA GLY A 4 -10.76 4.63 11.52
C GLY A 4 -11.70 3.84 10.64
N SER A 5 -11.31 3.65 9.38
CA SER A 5 -12.13 2.91 8.43
C SER A 5 -12.27 1.45 8.86
N SER A 6 -13.46 0.89 8.66
CA SER A 6 -13.72 -0.50 9.02
C SER A 6 -13.21 -1.44 7.93
N GLY A 7 -12.01 -1.97 8.13
CA GLY A 7 -11.43 -2.89 7.16
C GLY A 7 -9.98 -3.17 7.43
N VAL A 8 -9.28 -3.68 6.42
CA VAL A 8 -7.86 -4.00 6.56
C VAL A 8 -6.99 -2.89 5.96
N THR A 9 -7.44 -2.33 4.85
CA THR A 9 -6.71 -1.25 4.20
C THR A 9 -6.89 0.07 4.91
N LEU A 10 -5.83 0.86 4.98
CA LEU A 10 -5.87 2.16 5.63
C LEU A 10 -5.89 3.29 4.61
N SER A 11 -6.77 4.26 4.82
CA SER A 11 -6.88 5.40 3.92
C SER A 11 -6.00 6.56 4.37
N LEU A 12 -4.87 6.72 3.72
CA LEU A 12 -3.93 7.78 4.06
C LEU A 12 -4.16 9.02 3.18
N THR A 13 -4.22 10.18 3.83
CA THR A 13 -4.44 11.44 3.11
C THR A 13 -3.28 12.39 3.32
N LYS A 14 -3.19 13.39 2.44
CA LYS A 14 -2.12 14.39 2.53
C LYS A 14 -2.09 15.03 3.92
N ASP A 15 -3.15 14.82 4.68
CA ASP A 15 -3.23 15.37 6.03
C ASP A 15 -2.74 14.37 7.07
N ASN A 16 -2.86 13.08 6.76
CA ASN A 16 -2.41 12.03 7.65
C ASN A 16 -1.63 10.96 6.90
N PHE A 17 -0.88 11.39 5.89
CA PHE A 17 -0.07 10.47 5.10
C PHE A 17 1.33 10.34 5.66
N ASP A 18 1.92 11.48 6.02
CA ASP A 18 3.27 11.50 6.57
C ASP A 18 3.24 11.31 8.08
N ASP A 19 2.04 11.34 8.65
CA ASP A 19 1.88 11.18 10.09
C ASP A 19 1.55 9.72 10.43
N VAL A 20 1.01 9.00 9.46
CA VAL A 20 0.64 7.61 9.66
C VAL A 20 1.73 6.67 9.15
N VAL A 21 2.11 6.85 7.89
CA VAL A 21 3.15 6.03 7.28
C VAL A 21 4.44 6.06 8.10
N ASN A 22 4.77 7.25 8.60
CA ASN A 22 5.98 7.42 9.41
C ASN A 22 5.92 6.57 10.67
N ASN A 23 4.70 6.28 11.12
CA ASN A 23 4.50 5.47 12.32
C ASN A 23 4.27 4.01 11.96
N ALA A 24 4.59 3.66 10.72
CA ALA A 24 4.41 2.28 10.26
C ALA A 24 5.73 1.70 9.77
N ASP A 25 6.35 0.87 10.62
CA ASP A 25 7.62 0.25 10.28
C ASP A 25 7.69 -0.09 8.79
N ILE A 26 6.68 -0.80 8.30
CA ILE A 26 6.62 -1.17 6.89
C ILE A 26 5.19 -1.13 6.38
N ILE A 27 4.90 -0.16 5.52
CA ILE A 27 3.57 -0.02 4.94
C ILE A 27 3.64 0.19 3.43
N LEU A 28 2.59 -0.21 2.74
CA LEU A 28 2.53 -0.08 1.29
C LEU A 28 1.38 0.84 0.87
N VAL A 29 1.66 1.75 -0.06
CA VAL A 29 0.66 2.69 -0.54
C VAL A 29 0.31 2.40 -2.00
N GLU A 30 -0.98 2.46 -2.31
CA GLU A 30 -1.45 2.22 -3.67
C GLU A 30 -2.31 3.38 -4.18
N PHE A 31 -1.75 4.17 -5.07
CA PHE A 31 -2.45 5.32 -5.64
C PHE A 31 -3.45 4.88 -6.70
N TYR A 32 -4.73 4.92 -6.34
CA TYR A 32 -5.80 4.52 -7.27
C TYR A 32 -6.73 5.70 -7.56
N ALA A 33 -7.52 5.56 -8.62
CA ALA A 33 -8.46 6.60 -9.01
C ALA A 33 -9.86 6.04 -9.22
N PRO A 34 -10.87 6.73 -8.68
CA PRO A 34 -12.27 6.31 -8.79
C PRO A 34 -12.80 6.44 -10.21
N TRP A 35 -11.93 6.84 -11.13
CA TRP A 35 -12.31 7.00 -12.53
C TRP A 35 -11.44 6.13 -13.43
N CYS A 36 -10.27 5.75 -12.94
CA CYS A 36 -9.34 4.93 -13.70
C CYS A 36 -9.77 3.46 -13.67
N GLY A 37 -10.59 3.07 -14.64
CA GLY A 37 -11.06 1.70 -14.70
C GLY A 37 -10.00 0.70 -14.28
N HIS A 38 -8.92 0.63 -15.05
CA HIS A 38 -7.83 -0.29 -14.74
C HIS A 38 -7.67 -0.47 -13.24
N CYS A 39 -7.74 0.64 -12.51
CA CYS A 39 -7.60 0.61 -11.05
C CYS A 39 -8.74 -0.19 -10.42
N LYS A 40 -9.96 0.11 -10.83
CA LYS A 40 -11.14 -0.57 -10.30
C LYS A 40 -10.87 -2.06 -10.12
N LYS A 41 -10.00 -2.61 -10.95
CA LYS A 41 -9.64 -4.02 -10.89
C LYS A 41 -8.68 -4.28 -9.74
N LEU A 42 -7.71 -3.40 -9.58
CA LEU A 42 -6.71 -3.52 -8.52
C LEU A 42 -7.32 -3.21 -7.16
N ALA A 43 -8.32 -2.33 -7.16
CA ALA A 43 -9.00 -1.95 -5.92
C ALA A 43 -9.20 -3.15 -5.01
N PRO A 44 -9.95 -4.15 -5.51
CA PRO A 44 -10.24 -5.37 -4.75
C PRO A 44 -9.00 -6.25 -4.58
N GLU A 45 -8.13 -6.24 -5.58
CA GLU A 45 -6.91 -7.04 -5.54
C GLU A 45 -5.97 -6.53 -4.46
N TYR A 46 -6.08 -5.25 -4.14
CA TYR A 46 -5.23 -4.63 -3.13
C TYR A 46 -5.83 -4.81 -1.73
N GLU A 47 -7.09 -4.43 -1.59
CA GLU A 47 -7.78 -4.56 -0.31
C GLU A 47 -7.72 -5.99 0.21
N LYS A 48 -7.79 -6.95 -0.71
CA LYS A 48 -7.74 -8.36 -0.34
C LYS A 48 -6.35 -8.75 0.13
N ALA A 49 -5.33 -8.29 -0.59
CA ALA A 49 -3.95 -8.58 -0.24
C ALA A 49 -3.66 -8.23 1.22
N ALA A 50 -4.25 -7.14 1.68
CA ALA A 50 -4.06 -6.69 3.06
C ALA A 50 -4.60 -7.72 4.04
N LYS A 51 -5.77 -8.26 3.75
CA LYS A 51 -6.41 -9.26 4.61
C LYS A 51 -5.43 -10.38 4.93
N GLU A 52 -4.68 -10.82 3.94
CA GLU A 52 -3.70 -11.89 4.13
C GLU A 52 -2.54 -11.42 4.99
N LEU A 53 -1.78 -10.45 4.49
CA LEU A 53 -0.64 -9.91 5.22
C LEU A 53 -1.02 -9.61 6.67
N SER A 54 -2.26 -9.21 6.89
CA SER A 54 -2.74 -8.89 8.23
C SER A 54 -2.60 -10.09 9.15
N LYS A 55 -2.79 -11.28 8.60
CA LYS A 55 -2.68 -12.52 9.37
C LYS A 55 -1.25 -13.02 9.40
N ARG A 56 -0.47 -12.64 8.39
CA ARG A 56 0.92 -13.05 8.29
C ARG A 56 1.73 -12.55 9.48
N SER A 57 3.02 -12.83 9.48
CA SER A 57 3.91 -12.40 10.56
C SER A 57 5.35 -12.30 10.09
N PRO A 58 5.93 -11.10 10.17
CA PRO A 58 5.22 -9.92 10.69
C PRO A 58 4.12 -9.44 9.75
N PRO A 59 3.01 -8.97 10.32
CA PRO A 59 1.87 -8.47 9.55
C PRO A 59 2.17 -7.16 8.84
N ILE A 60 2.06 -7.16 7.53
CA ILE A 60 2.32 -5.97 6.73
C ILE A 60 1.02 -5.29 6.30
N PRO A 61 0.62 -4.25 7.04
CA PRO A 61 -0.60 -3.50 6.75
C PRO A 61 -0.49 -2.67 5.47
N LEU A 62 -1.59 -2.59 4.73
CA LEU A 62 -1.61 -1.83 3.47
C LEU A 62 -2.43 -0.56 3.64
N ALA A 63 -2.30 0.34 2.67
CA ALA A 63 -3.02 1.60 2.69
C ALA A 63 -3.39 2.06 1.28
N LYS A 64 -4.59 2.62 1.14
CA LYS A 64 -5.07 3.09 -0.15
C LYS A 64 -5.13 4.62 -0.18
N VAL A 65 -4.50 5.21 -1.20
CA VAL A 65 -4.49 6.66 -1.35
C VAL A 65 -5.09 7.09 -2.68
N ASP A 66 -6.01 8.04 -2.63
CA ASP A 66 -6.66 8.53 -3.84
C ASP A 66 -5.78 9.57 -4.54
N ALA A 67 -5.14 9.15 -5.63
CA ALA A 67 -4.27 10.04 -6.39
C ALA A 67 -5.07 11.17 -7.03
N THR A 68 -6.39 11.10 -6.90
CA THR A 68 -7.27 12.12 -7.47
C THR A 68 -7.50 13.26 -6.48
N GLU A 69 -7.70 12.90 -5.21
CA GLU A 69 -7.93 13.90 -4.17
C GLU A 69 -6.64 14.21 -3.42
N GLN A 70 -5.68 13.30 -3.50
CA GLN A 70 -4.39 13.48 -2.83
C GLN A 70 -3.30 13.79 -3.84
N THR A 71 -3.63 14.61 -4.83
CA THR A 71 -2.67 14.99 -5.87
C THR A 71 -1.35 15.43 -5.25
N ASP A 72 -1.43 16.21 -4.17
CA ASP A 72 -0.24 16.70 -3.49
C ASP A 72 0.77 15.58 -3.30
N LEU A 73 0.31 14.47 -2.71
CA LEU A 73 1.18 13.32 -2.47
C LEU A 73 1.60 12.66 -3.78
N ALA A 74 0.66 12.53 -4.69
CA ALA A 74 0.94 11.92 -6.00
C ALA A 74 2.16 12.56 -6.64
N LYS A 75 2.07 13.86 -6.91
CA LYS A 75 3.16 14.59 -7.53
C LYS A 75 4.49 14.28 -6.84
N ARG A 76 4.45 14.21 -5.51
CA ARG A 76 5.65 13.91 -4.73
C ARG A 76 6.26 12.58 -5.15
N PHE A 77 5.40 11.64 -5.53
CA PHE A 77 5.85 10.31 -5.95
C PHE A 77 5.75 10.15 -7.46
N ASP A 78 5.80 11.28 -8.17
CA ASP A 78 5.71 11.27 -9.63
C ASP A 78 4.58 10.35 -10.09
N VAL A 79 3.54 10.25 -9.27
CA VAL A 79 2.39 9.40 -9.60
C VAL A 79 1.51 10.05 -10.66
N SER A 80 1.70 9.65 -11.91
CA SER A 80 0.93 10.20 -13.02
C SER A 80 0.27 9.09 -13.83
N GLY A 81 0.52 7.84 -13.43
CA GLY A 81 -0.06 6.71 -14.12
C GLY A 81 -0.48 5.60 -13.18
N TYR A 82 -1.76 5.56 -12.86
CA TYR A 82 -2.29 4.54 -11.95
C TYR A 82 -2.67 3.28 -12.72
N PRO A 83 -2.70 2.14 -12.00
CA PRO A 83 -2.38 2.09 -10.58
C PRO A 83 -0.90 2.35 -10.31
N THR A 84 -0.60 2.91 -9.14
CA THR A 84 0.78 3.21 -8.76
C THR A 84 1.03 2.86 -7.30
N LEU A 85 1.75 1.77 -7.07
CA LEU A 85 2.06 1.33 -5.71
C LEU A 85 3.50 1.69 -5.34
N LYS A 86 3.74 1.90 -4.05
CA LYS A 86 5.07 2.25 -3.56
C LYS A 86 5.24 1.84 -2.11
N ILE A 87 6.37 1.21 -1.80
CA ILE A 87 6.65 0.76 -0.44
C ILE A 87 7.25 1.89 0.40
N PHE A 88 6.75 2.05 1.61
CA PHE A 88 7.23 3.09 2.51
C PHE A 88 7.77 2.49 3.80
N ARG A 89 8.96 2.94 4.21
CA ARG A 89 9.58 2.44 5.43
C ARG A 89 9.85 3.59 6.40
N LYS A 90 8.97 3.76 7.38
CA LYS A 90 9.12 4.81 8.38
C LYS A 90 9.37 6.16 7.70
N GLY A 91 8.80 6.34 6.51
CA GLY A 91 8.96 7.59 5.78
C GLY A 91 9.97 7.47 4.66
N ARG A 92 10.09 6.29 4.09
CA ARG A 92 11.02 6.04 3.00
C ARG A 92 10.35 5.27 1.87
N PRO A 93 9.94 5.99 0.82
CA PRO A 93 9.28 5.39 -0.34
C PRO A 93 10.23 4.54 -1.18
N PHE A 94 9.72 3.47 -1.76
CA PHE A 94 10.52 2.58 -2.58
C PHE A 94 9.73 2.07 -3.78
N ASP A 95 10.25 2.31 -4.97
CA ASP A 95 9.59 1.88 -6.20
C ASP A 95 9.13 0.43 -6.08
N TYR A 96 7.82 0.24 -5.94
CA TYR A 96 7.25 -1.10 -5.81
C TYR A 96 7.28 -1.83 -7.15
N ASN A 97 8.01 -2.94 -7.19
CA ASN A 97 8.13 -3.74 -8.40
C ASN A 97 7.79 -5.19 -8.13
N GLY A 98 6.71 -5.67 -8.77
CA GLY A 98 6.30 -7.05 -8.59
C GLY A 98 4.93 -7.32 -9.18
N PRO A 99 4.28 -8.41 -8.73
CA PRO A 99 2.96 -8.81 -9.21
C PRO A 99 1.86 -7.84 -8.75
N ARG A 100 0.97 -7.49 -9.66
CA ARG A 100 -0.13 -6.58 -9.34
C ARG A 100 -1.40 -7.36 -9.00
N GLU A 101 -1.23 -8.54 -8.40
CA GLU A 101 -2.36 -9.37 -8.03
C GLU A 101 -2.44 -9.52 -6.51
N LYS A 102 -3.63 -9.85 -6.03
CA LYS A 102 -3.85 -10.02 -4.59
C LYS A 102 -2.79 -10.93 -3.98
N TYR A 103 -2.74 -12.18 -4.44
CA TYR A 103 -1.77 -13.14 -3.95
C TYR A 103 -0.35 -12.63 -4.14
N GLY A 104 -0.01 -12.28 -5.38
CA GLY A 104 1.31 -11.78 -5.68
C GLY A 104 1.74 -10.67 -4.74
N ILE A 105 1.05 -9.53 -4.82
CA ILE A 105 1.36 -8.40 -3.96
C ILE A 105 1.76 -8.84 -2.56
N VAL A 106 1.00 -9.79 -2.00
CA VAL A 106 1.28 -10.30 -0.67
C VAL A 106 2.64 -10.98 -0.62
N ASP A 107 2.82 -12.00 -1.45
CA ASP A 107 4.09 -12.73 -1.50
C ASP A 107 5.26 -11.77 -1.57
N TYR A 108 5.13 -10.71 -2.36
CA TYR A 108 6.18 -9.73 -2.52
C TYR A 108 6.43 -8.99 -1.21
N MET A 109 5.43 -8.26 -0.74
CA MET A 109 5.54 -7.50 0.50
C MET A 109 6.19 -8.36 1.60
N ILE A 110 5.89 -9.65 1.60
CA ILE A 110 6.45 -10.56 2.58
C ILE A 110 7.96 -10.67 2.43
N GLU A 111 8.41 -11.06 1.25
CA GLU A 111 9.83 -11.20 0.97
C GLU A 111 10.58 -9.90 1.25
N GLN A 112 9.87 -8.78 1.14
CA GLN A 112 10.46 -7.47 1.38
C GLN A 112 10.75 -7.27 2.86
N SER A 113 9.74 -7.48 3.70
CA SER A 113 9.89 -7.32 5.14
C SER A 113 11.19 -7.96 5.62
N GLY A 114 11.52 -9.12 5.05
CA GLY A 114 12.73 -9.81 5.44
C GLY A 114 12.50 -11.28 5.72
N SER A 115 12.00 -11.99 4.71
CA SER A 115 11.73 -13.42 4.85
C SER A 115 12.75 -14.25 4.08
N GLY A 116 14.01 -13.85 4.15
CA GLY A 116 15.06 -14.56 3.45
C GLY A 116 14.88 -14.53 1.95
N PRO A 117 15.18 -13.36 1.34
CA PRO A 117 15.06 -13.16 -0.11
C PRO A 117 16.11 -13.95 -0.89
N SER A 118 16.11 -13.77 -2.21
CA SER A 118 17.06 -14.46 -3.07
C SER A 118 16.73 -15.95 -3.15
N SER A 119 15.45 -16.27 -3.24
CA SER A 119 15.00 -17.65 -3.31
C SER A 119 14.46 -17.97 -4.70
N GLY A 120 14.36 -19.26 -5.01
CA GLY A 120 13.85 -19.68 -6.31
C GLY A 120 14.80 -19.35 -7.43
N GLY A 1 -7.08 11.12 12.28
CA GLY A 1 -8.49 11.46 12.12
C GLY A 1 -9.42 10.35 12.59
N SER A 2 -10.29 10.66 13.54
CA SER A 2 -11.22 9.68 14.07
C SER A 2 -11.71 8.75 12.97
N SER A 3 -11.52 7.45 13.17
CA SER A 3 -11.95 6.45 12.19
C SER A 3 -11.82 5.04 12.76
N GLY A 4 -12.78 4.19 12.43
CA GLY A 4 -12.76 2.82 12.92
C GLY A 4 -11.90 1.91 12.06
N SER A 5 -11.78 0.66 12.48
CA SER A 5 -10.97 -0.31 11.74
C SER A 5 -11.85 -1.34 11.05
N SER A 6 -12.85 -0.87 10.32
CA SER A 6 -13.78 -1.75 9.61
C SER A 6 -13.05 -2.54 8.53
N GLY A 7 -12.29 -1.83 7.70
CA GLY A 7 -11.55 -2.48 6.63
C GLY A 7 -10.07 -2.63 6.95
N VAL A 8 -9.43 -3.63 6.33
CA VAL A 8 -8.01 -3.87 6.55
C VAL A 8 -7.16 -2.74 5.99
N THR A 9 -7.52 -2.26 4.80
CA THR A 9 -6.79 -1.18 4.14
C THR A 9 -6.97 0.12 4.90
N LEU A 10 -5.89 0.90 4.99
CA LEU A 10 -5.93 2.19 5.69
C LEU A 10 -5.96 3.34 4.70
N SER A 11 -6.81 4.33 4.96
CA SER A 11 -6.93 5.49 4.10
C SER A 11 -6.02 6.62 4.56
N LEU A 12 -4.91 6.79 3.84
CA LEU A 12 -3.94 7.83 4.18
C LEU A 12 -4.19 9.09 3.35
N THR A 13 -4.20 10.24 4.02
CA THR A 13 -4.42 11.51 3.35
C THR A 13 -3.23 12.45 3.53
N LYS A 14 -3.16 13.48 2.70
CA LYS A 14 -2.08 14.45 2.78
C LYS A 14 -1.98 15.06 4.18
N ASP A 15 -2.99 14.80 5.00
CA ASP A 15 -3.02 15.31 6.36
C ASP A 15 -2.49 14.26 7.35
N ASN A 16 -2.66 13.00 6.99
CA ASN A 16 -2.20 11.90 7.85
C ASN A 16 -1.46 10.85 7.03
N PHE A 17 -0.73 11.30 6.02
CA PHE A 17 0.03 10.40 5.15
C PHE A 17 1.46 10.23 5.66
N ASP A 18 2.07 11.34 6.04
CA ASP A 18 3.44 11.32 6.54
C ASP A 18 3.46 11.09 8.04
N ASP A 19 2.29 11.10 8.66
CA ASP A 19 2.17 10.90 10.10
C ASP A 19 1.84 9.44 10.41
N VAL A 20 1.26 8.75 9.43
CA VAL A 20 0.89 7.35 9.60
C VAL A 20 1.96 6.42 9.02
N VAL A 21 2.46 6.77 7.84
CA VAL A 21 3.49 5.98 7.18
C VAL A 21 4.78 5.99 7.97
N ASN A 22 5.12 7.14 8.55
CA ASN A 22 6.33 7.27 9.34
C ASN A 22 6.25 6.42 10.60
N ASN A 23 5.04 6.10 11.02
CA ASN A 23 4.83 5.29 12.21
C ASN A 23 4.59 3.82 11.84
N ALA A 24 4.89 3.47 10.60
CA ALA A 24 4.70 2.11 10.12
C ALA A 24 6.01 1.53 9.60
N ASP A 25 6.67 0.74 10.45
CA ASP A 25 7.94 0.11 10.06
C ASP A 25 7.93 -0.28 8.60
N ILE A 26 6.85 -0.91 8.16
CA ILE A 26 6.72 -1.35 6.77
C ILE A 26 5.27 -1.25 6.30
N ILE A 27 5.00 -0.31 5.41
CA ILE A 27 3.66 -0.12 4.87
C ILE A 27 3.69 0.12 3.37
N LEU A 28 2.65 -0.33 2.68
CA LEU A 28 2.56 -0.17 1.23
C LEU A 28 1.42 0.78 0.87
N VAL A 29 1.70 1.70 -0.05
CA VAL A 29 0.70 2.66 -0.49
C VAL A 29 0.40 2.51 -1.98
N GLU A 30 -0.88 2.40 -2.31
CA GLU A 30 -1.30 2.25 -3.71
C GLU A 30 -2.20 3.40 -4.14
N PHE A 31 -1.74 4.18 -5.10
CA PHE A 31 -2.52 5.31 -5.60
C PHE A 31 -3.47 4.88 -6.71
N TYR A 32 -4.77 4.95 -6.42
CA TYR A 32 -5.79 4.56 -7.38
C TYR A 32 -6.72 5.73 -7.69
N ALA A 33 -7.52 5.59 -8.75
CA ALA A 33 -8.46 6.62 -9.15
C ALA A 33 -9.86 6.05 -9.33
N PRO A 34 -10.87 6.76 -8.81
CA PRO A 34 -12.27 6.35 -8.91
C PRO A 34 -12.81 6.45 -10.33
N TRP A 35 -11.93 6.82 -11.27
CA TRP A 35 -12.32 6.96 -12.67
C TRP A 35 -11.43 6.09 -13.56
N CYS A 36 -10.34 5.60 -13.01
CA CYS A 36 -9.41 4.76 -13.76
C CYS A 36 -9.84 3.31 -13.70
N GLY A 37 -10.33 2.79 -14.82
CA GLY A 37 -10.77 1.41 -14.87
C GLY A 37 -9.69 0.44 -14.44
N HIS A 38 -8.51 0.59 -15.00
CA HIS A 38 -7.38 -0.28 -14.66
C HIS A 38 -7.22 -0.39 -13.15
N CYS A 39 -7.67 0.63 -12.44
CA CYS A 39 -7.57 0.65 -10.98
C CYS A 39 -8.72 -0.12 -10.34
N LYS A 40 -9.86 -0.14 -11.02
CA LYS A 40 -11.04 -0.83 -10.53
C LYS A 40 -10.76 -2.33 -10.38
N LYS A 41 -9.83 -2.84 -11.18
CA LYS A 41 -9.46 -4.25 -11.14
C LYS A 41 -8.54 -4.53 -9.95
N LEU A 42 -7.57 -3.65 -9.73
CA LEU A 42 -6.63 -3.82 -8.63
C LEU A 42 -7.29 -3.51 -7.29
N ALA A 43 -8.24 -2.58 -7.31
CA ALA A 43 -8.97 -2.20 -6.10
C ALA A 43 -9.17 -3.40 -5.18
N PRO A 44 -9.87 -4.43 -5.68
CA PRO A 44 -10.15 -5.64 -4.92
C PRO A 44 -8.91 -6.49 -4.71
N GLU A 45 -7.97 -6.41 -5.64
CA GLU A 45 -6.72 -7.16 -5.55
C GLU A 45 -5.82 -6.58 -4.47
N TYR A 46 -6.05 -5.33 -4.10
CA TYR A 46 -5.26 -4.67 -3.08
C TYR A 46 -5.92 -4.79 -1.71
N GLU A 47 -7.18 -4.40 -1.62
CA GLU A 47 -7.93 -4.48 -0.37
C GLU A 47 -7.94 -5.89 0.18
N LYS A 48 -7.96 -6.87 -0.73
CA LYS A 48 -7.97 -8.27 -0.35
C LYS A 48 -6.61 -8.70 0.20
N ALA A 49 -5.55 -8.32 -0.51
CA ALA A 49 -4.20 -8.66 -0.10
C ALA A 49 -3.95 -8.29 1.35
N ALA A 50 -4.54 -7.17 1.78
CA ALA A 50 -4.39 -6.71 3.16
C ALA A 50 -4.97 -7.72 4.15
N LYS A 51 -6.14 -8.26 3.82
CA LYS A 51 -6.80 -9.24 4.67
C LYS A 51 -5.87 -10.42 4.96
N GLU A 52 -5.00 -10.74 4.00
CA GLU A 52 -4.07 -11.84 4.16
C GLU A 52 -2.89 -11.43 5.03
N LEU A 53 -2.08 -10.50 4.54
CA LEU A 53 -0.93 -10.02 5.29
C LEU A 53 -1.29 -9.74 6.74
N SER A 54 -2.41 -9.07 6.95
CA SER A 54 -2.86 -8.74 8.30
C SER A 54 -2.78 -9.96 9.21
N LYS A 55 -3.00 -11.14 8.64
CA LYS A 55 -2.96 -12.38 9.39
C LYS A 55 -1.53 -12.92 9.47
N ARG A 56 -0.78 -12.76 8.38
CA ARG A 56 0.59 -13.22 8.33
C ARG A 56 1.40 -12.69 9.50
N SER A 57 2.70 -12.98 9.51
CA SER A 57 3.59 -12.53 10.58
C SER A 57 5.04 -12.51 10.10
N PRO A 58 5.66 -11.33 10.16
CA PRO A 58 5.01 -10.11 10.64
C PRO A 58 3.94 -9.61 9.67
N PRO A 59 2.79 -9.17 10.22
CA PRO A 59 1.67 -8.66 9.43
C PRO A 59 1.99 -7.32 8.78
N ILE A 60 1.97 -7.29 7.45
CA ILE A 60 2.25 -6.06 6.72
C ILE A 60 0.96 -5.37 6.29
N PRO A 61 0.57 -4.31 7.03
CA PRO A 61 -0.63 -3.54 6.74
C PRO A 61 -0.52 -2.73 5.46
N LEU A 62 -1.63 -2.57 4.76
CA LEU A 62 -1.66 -1.81 3.51
C LEU A 62 -2.47 -0.54 3.67
N ALA A 63 -2.34 0.37 2.70
CA ALA A 63 -3.07 1.63 2.73
C ALA A 63 -3.42 2.09 1.32
N LYS A 64 -4.64 2.59 1.15
CA LYS A 64 -5.10 3.07 -0.15
C LYS A 64 -5.17 4.59 -0.18
N VAL A 65 -4.67 5.18 -1.27
CA VAL A 65 -4.67 6.63 -1.42
C VAL A 65 -5.25 7.03 -2.76
N ASP A 66 -6.15 8.02 -2.74
CA ASP A 66 -6.78 8.50 -3.96
C ASP A 66 -5.98 9.65 -4.56
N ALA A 67 -5.08 9.33 -5.48
CA ALA A 67 -4.25 10.34 -6.13
C ALA A 67 -5.11 11.47 -6.70
N THR A 68 -6.41 11.21 -6.82
CA THR A 68 -7.33 12.21 -7.35
C THR A 68 -7.56 13.33 -6.36
N GLU A 69 -7.69 12.98 -5.08
CA GLU A 69 -7.92 13.96 -4.04
C GLU A 69 -6.60 14.32 -3.33
N GLN A 70 -5.74 13.32 -3.18
CA GLN A 70 -4.45 13.52 -2.53
C GLN A 70 -3.35 13.79 -3.55
N THR A 71 -3.68 14.57 -4.58
CA THR A 71 -2.72 14.90 -5.63
C THR A 71 -1.38 15.29 -5.04
N ASP A 72 -1.39 16.28 -4.15
CA ASP A 72 -0.17 16.76 -3.51
C ASP A 72 0.80 15.61 -3.27
N LEU A 73 0.30 14.53 -2.66
CA LEU A 73 1.12 13.36 -2.37
C LEU A 73 1.66 12.74 -3.66
N ALA A 74 0.77 12.56 -4.63
CA ALA A 74 1.14 11.97 -5.91
C ALA A 74 2.31 12.72 -6.53
N LYS A 75 2.18 14.05 -6.61
CA LYS A 75 3.22 14.89 -7.19
C LYS A 75 4.55 14.66 -6.49
N ARG A 76 4.49 14.43 -5.18
CA ARG A 76 5.69 14.19 -4.39
C ARG A 76 6.40 12.92 -4.83
N PHE A 77 5.63 11.97 -5.36
CA PHE A 77 6.17 10.70 -5.82
C PHE A 77 6.09 10.58 -7.34
N ASP A 78 5.87 11.72 -7.99
CA ASP A 78 5.77 11.76 -9.45
C ASP A 78 4.81 10.69 -9.95
N VAL A 79 3.65 10.58 -9.30
CA VAL A 79 2.65 9.60 -9.67
C VAL A 79 1.85 10.07 -10.88
N SER A 80 2.30 9.70 -12.07
CA SER A 80 1.62 10.09 -13.30
C SER A 80 1.13 8.86 -14.06
N GLY A 81 0.50 7.94 -13.33
CA GLY A 81 -0.01 6.73 -13.95
C GLY A 81 -0.46 5.69 -12.93
N TYR A 82 -1.77 5.58 -12.72
CA TYR A 82 -2.31 4.64 -11.77
C TYR A 82 -2.74 3.35 -12.47
N PRO A 83 -2.79 2.24 -11.70
CA PRO A 83 -2.44 2.27 -10.28
C PRO A 83 -0.95 2.49 -10.04
N THR A 84 -0.62 3.12 -8.92
CA THR A 84 0.76 3.40 -8.58
C THR A 84 1.09 2.94 -7.16
N LEU A 85 1.75 1.79 -7.05
CA LEU A 85 2.11 1.26 -5.75
C LEU A 85 3.53 1.67 -5.36
N LYS A 86 3.73 1.93 -4.08
CA LYS A 86 5.03 2.33 -3.57
C LYS A 86 5.21 1.92 -2.11
N ILE A 87 6.37 1.35 -1.79
CA ILE A 87 6.66 0.93 -0.43
C ILE A 87 7.26 2.06 0.39
N PHE A 88 6.88 2.13 1.66
CA PHE A 88 7.38 3.17 2.55
C PHE A 88 7.92 2.57 3.85
N ARG A 89 9.18 2.87 4.15
CA ARG A 89 9.81 2.36 5.36
C ARG A 89 10.20 3.50 6.29
N LYS A 90 9.50 3.60 7.41
CA LYS A 90 9.77 4.63 8.40
C LYS A 90 9.98 5.98 7.72
N GLY A 91 9.28 6.20 6.61
CA GLY A 91 9.41 7.45 5.88
C GLY A 91 10.38 7.34 4.72
N ARG A 92 10.42 6.17 4.10
CA ARG A 92 11.32 5.95 2.97
C ARG A 92 10.58 5.26 1.82
N PRO A 93 10.17 6.06 0.82
CA PRO A 93 9.45 5.57 -0.35
C PRO A 93 10.33 4.72 -1.26
N PHE A 94 9.76 3.66 -1.82
CA PHE A 94 10.49 2.77 -2.71
C PHE A 94 9.62 2.33 -3.88
N ASP A 95 10.23 2.21 -5.06
CA ASP A 95 9.51 1.79 -6.25
C ASP A 95 9.03 0.35 -6.12
N TYR A 96 7.71 0.16 -6.10
CA TYR A 96 7.13 -1.16 -5.98
C TYR A 96 7.15 -1.90 -7.32
N ASN A 97 7.87 -3.01 -7.36
CA ASN A 97 7.97 -3.81 -8.58
C ASN A 97 7.65 -5.27 -8.30
N GLY A 98 6.56 -5.75 -8.90
CA GLY A 98 6.15 -7.13 -8.70
C GLY A 98 4.77 -7.41 -9.27
N PRO A 99 4.09 -8.40 -8.69
CA PRO A 99 2.74 -8.80 -9.13
C PRO A 99 1.70 -7.75 -8.79
N ARG A 100 0.59 -7.75 -9.53
CA ARG A 100 -0.48 -6.80 -9.31
C ARG A 100 -1.76 -7.50 -8.88
N GLU A 101 -1.59 -8.66 -8.23
CA GLU A 101 -2.74 -9.44 -7.77
C GLU A 101 -2.70 -9.61 -6.25
N LYS A 102 -3.84 -9.99 -5.67
CA LYS A 102 -3.93 -10.18 -4.23
C LYS A 102 -2.78 -11.05 -3.72
N TYR A 103 -2.79 -12.32 -4.12
CA TYR A 103 -1.74 -13.26 -3.71
C TYR A 103 -0.36 -12.66 -3.94
N GLY A 104 -0.04 -12.38 -5.20
CA GLY A 104 1.25 -11.80 -5.52
C GLY A 104 1.66 -10.71 -4.56
N ILE A 105 0.95 -9.59 -4.59
CA ILE A 105 1.25 -8.47 -3.70
C ILE A 105 1.65 -8.95 -2.32
N VAL A 106 0.89 -9.92 -1.79
CA VAL A 106 1.17 -10.47 -0.47
C VAL A 106 2.54 -11.14 -0.43
N ASP A 107 2.75 -12.10 -1.34
CA ASP A 107 4.01 -12.82 -1.40
C ASP A 107 5.19 -11.85 -1.57
N TYR A 108 4.94 -10.76 -2.27
CA TYR A 108 5.98 -9.75 -2.50
C TYR A 108 6.27 -8.97 -1.23
N MET A 109 5.28 -8.20 -0.77
CA MET A 109 5.43 -7.41 0.44
C MET A 109 6.14 -8.20 1.54
N ILE A 110 5.85 -9.50 1.59
CA ILE A 110 6.46 -10.38 2.59
C ILE A 110 7.96 -10.49 2.38
N GLU A 111 8.37 -10.89 1.17
CA GLU A 111 9.77 -11.03 0.84
C GLU A 111 10.50 -9.70 0.99
N GLN A 112 9.77 -8.60 0.83
CA GLN A 112 10.36 -7.27 0.95
C GLN A 112 10.79 -6.98 2.38
N SER A 113 9.87 -7.20 3.32
CA SER A 113 10.15 -6.96 4.73
C SER A 113 11.47 -7.62 5.14
N GLY A 114 11.68 -8.85 4.67
CA GLY A 114 12.90 -9.57 4.99
C GLY A 114 12.70 -11.07 5.03
N SER A 115 12.13 -11.62 3.96
CA SER A 115 11.87 -13.05 3.88
C SER A 115 12.31 -13.60 2.53
N GLY A 116 13.61 -13.88 2.40
CA GLY A 116 14.14 -14.40 1.16
C GLY A 116 15.59 -14.84 1.28
N PRO A 117 16.51 -13.91 1.05
CA PRO A 117 17.95 -14.18 1.14
C PRO A 117 18.41 -14.41 2.56
N SER A 118 17.92 -13.60 3.49
CA SER A 118 18.29 -13.72 4.89
C SER A 118 17.39 -14.72 5.61
N SER A 119 17.67 -16.01 5.42
CA SER A 119 16.88 -17.06 6.04
C SER A 119 17.73 -17.86 7.03
N GLY A 120 18.90 -18.29 6.59
CA GLY A 120 19.78 -19.06 7.45
C GLY A 120 19.47 -20.55 7.43
N GLY A 1 -0.32 1.59 16.58
CA GLY A 1 -1.44 1.11 15.80
C GLY A 1 -2.76 1.74 16.21
N SER A 2 -3.43 2.36 15.27
CA SER A 2 -4.71 3.02 15.54
C SER A 2 -5.87 2.06 15.30
N SER A 3 -6.17 1.24 16.31
CA SER A 3 -7.26 0.26 16.20
C SER A 3 -8.61 0.96 16.26
N GLY A 4 -9.20 1.19 15.08
CA GLY A 4 -10.49 1.84 15.02
C GLY A 4 -11.00 1.99 13.59
N SER A 5 -10.78 0.94 12.78
CA SER A 5 -11.21 0.96 11.40
C SER A 5 -12.07 -0.27 11.08
N SER A 6 -12.80 -0.20 9.97
CA SER A 6 -13.66 -1.30 9.56
C SER A 6 -12.99 -2.15 8.49
N GLY A 7 -12.46 -1.49 7.47
CA GLY A 7 -11.79 -2.20 6.38
C GLY A 7 -10.33 -2.46 6.69
N VAL A 8 -9.76 -3.45 6.00
CA VAL A 8 -8.36 -3.81 6.19
C VAL A 8 -7.43 -2.73 5.64
N THR A 9 -7.85 -2.12 4.54
CA THR A 9 -7.06 -1.08 3.90
C THR A 9 -7.21 0.26 4.62
N LEU A 10 -6.11 1.00 4.75
CA LEU A 10 -6.13 2.30 5.43
C LEU A 10 -6.11 3.43 4.41
N SER A 11 -6.88 4.47 4.69
CA SER A 11 -6.95 5.63 3.80
C SER A 11 -6.05 6.76 4.30
N LEU A 12 -4.88 6.90 3.68
CA LEU A 12 -3.92 7.93 4.05
C LEU A 12 -4.14 9.19 3.23
N THR A 13 -4.15 10.34 3.91
CA THR A 13 -4.33 11.62 3.24
C THR A 13 -3.14 12.53 3.45
N LYS A 14 -3.02 13.55 2.61
CA LYS A 14 -1.93 14.51 2.70
C LYS A 14 -1.83 15.10 4.10
N ASP A 15 -2.89 14.90 4.89
CA ASP A 15 -2.93 15.41 6.25
C ASP A 15 -2.43 14.36 7.24
N ASN A 16 -2.61 13.09 6.89
CA ASN A 16 -2.18 11.98 7.74
C ASN A 16 -1.45 10.91 6.94
N PHE A 17 -0.71 11.35 5.93
CA PHE A 17 0.04 10.43 5.07
C PHE A 17 1.47 10.27 5.57
N ASP A 18 2.09 11.38 5.95
CA ASP A 18 3.46 11.37 6.44
C ASP A 18 3.49 11.16 7.95
N ASP A 19 2.31 11.21 8.57
CA ASP A 19 2.20 11.02 10.01
C ASP A 19 1.85 9.57 10.35
N VAL A 20 1.27 8.88 9.39
CA VAL A 20 0.88 7.49 9.58
C VAL A 20 1.93 6.54 9.02
N VAL A 21 2.32 6.76 7.77
CA VAL A 21 3.33 5.93 7.12
C VAL A 21 4.62 5.91 7.91
N ASN A 22 5.02 7.08 8.40
CA ASN A 22 6.26 7.20 9.18
C ASN A 22 6.17 6.39 10.47
N ASN A 23 4.95 6.19 10.95
CA ASN A 23 4.73 5.44 12.18
C ASN A 23 4.58 3.94 11.88
N ALA A 24 4.35 3.63 10.61
CA ALA A 24 4.19 2.24 10.18
C ALA A 24 5.52 1.66 9.71
N ASP A 25 6.16 0.88 10.58
CA ASP A 25 7.44 0.26 10.25
C ASP A 25 7.49 -0.12 8.78
N ILE A 26 6.52 -0.90 8.33
CA ILE A 26 6.46 -1.34 6.94
C ILE A 26 5.04 -1.26 6.40
N ILE A 27 4.80 -0.31 5.50
CA ILE A 27 3.49 -0.13 4.90
C ILE A 27 3.58 0.10 3.39
N LEU A 28 2.55 -0.27 2.67
CA LEU A 28 2.51 -0.11 1.23
C LEU A 28 1.34 0.77 0.80
N VAL A 29 1.63 1.78 -0.01
CA VAL A 29 0.60 2.70 -0.49
C VAL A 29 0.22 2.40 -1.93
N GLU A 30 -1.06 2.55 -2.25
CA GLU A 30 -1.54 2.28 -3.60
C GLU A 30 -2.35 3.47 -4.13
N PHE A 31 -1.70 4.32 -4.92
CA PHE A 31 -2.35 5.49 -5.48
C PHE A 31 -3.34 5.09 -6.57
N TYR A 32 -4.62 5.32 -6.32
CA TYR A 32 -5.66 4.98 -7.29
C TYR A 32 -6.56 6.18 -7.56
N ALA A 33 -7.40 6.06 -8.58
CA ALA A 33 -8.32 7.14 -8.95
C ALA A 33 -9.75 6.62 -9.09
N PRO A 34 -10.71 7.37 -8.54
CA PRO A 34 -12.13 7.00 -8.59
C PRO A 34 -12.70 7.12 -10.00
N TRP A 35 -11.85 7.45 -10.95
CA TRP A 35 -12.28 7.59 -12.34
C TRP A 35 -11.51 6.63 -13.25
N CYS A 36 -10.44 6.04 -12.71
CA CYS A 36 -9.62 5.11 -13.47
C CYS A 36 -10.20 3.70 -13.41
N GLY A 37 -10.51 3.15 -14.58
CA GLY A 37 -11.08 1.81 -14.64
C GLY A 37 -10.09 0.75 -14.19
N HIS A 38 -8.93 0.70 -14.82
CA HIS A 38 -7.90 -0.28 -14.48
C HIS A 38 -7.85 -0.49 -12.97
N CYS A 39 -8.18 0.54 -12.21
CA CYS A 39 -8.16 0.47 -10.75
C CYS A 39 -9.30 -0.43 -10.25
N LYS A 40 -10.48 -0.25 -10.83
CA LYS A 40 -11.65 -1.03 -10.44
C LYS A 40 -11.29 -2.51 -10.30
N LYS A 41 -10.23 -2.92 -10.99
CA LYS A 41 -9.78 -4.30 -10.94
C LYS A 41 -8.79 -4.52 -9.80
N LEU A 42 -7.93 -3.53 -9.58
CA LEU A 42 -6.93 -3.61 -8.52
C LEU A 42 -7.58 -3.39 -7.15
N ALA A 43 -8.72 -2.73 -7.14
CA ALA A 43 -9.43 -2.45 -5.90
C ALA A 43 -9.51 -3.70 -5.03
N PRO A 44 -10.14 -4.76 -5.57
CA PRO A 44 -10.31 -6.03 -4.85
C PRO A 44 -8.99 -6.78 -4.70
N GLU A 45 -8.06 -6.55 -5.63
CA GLU A 45 -6.76 -7.20 -5.60
C GLU A 45 -5.87 -6.57 -4.53
N TYR A 46 -6.14 -5.31 -4.20
CA TYR A 46 -5.36 -4.61 -3.20
C TYR A 46 -5.98 -4.78 -1.81
N GLU A 47 -7.29 -4.58 -1.72
CA GLU A 47 -8.00 -4.71 -0.46
C GLU A 47 -7.90 -6.14 0.07
N LYS A 48 -7.97 -7.11 -0.82
CA LYS A 48 -7.88 -8.52 -0.43
C LYS A 48 -6.50 -8.84 0.12
N ALA A 49 -5.46 -8.40 -0.59
CA ALA A 49 -4.09 -8.64 -0.17
C ALA A 49 -3.86 -8.17 1.26
N ALA A 50 -4.54 -7.09 1.63
CA ALA A 50 -4.41 -6.55 2.98
C ALA A 50 -4.98 -7.50 4.02
N LYS A 51 -5.92 -8.33 3.60
CA LYS A 51 -6.55 -9.30 4.48
C LYS A 51 -5.62 -10.48 4.76
N GLU A 52 -4.87 -10.89 3.74
CA GLU A 52 -3.95 -12.00 3.87
C GLU A 52 -2.71 -11.59 4.65
N LEU A 53 -2.28 -10.35 4.45
CA LEU A 53 -1.10 -9.83 5.14
C LEU A 53 -1.42 -9.49 6.59
N SER A 54 -2.56 -8.84 6.80
CA SER A 54 -2.99 -8.45 8.13
C SER A 54 -3.01 -9.66 9.07
N LYS A 55 -3.36 -10.82 8.51
CA LYS A 55 -3.43 -12.05 9.29
C LYS A 55 -2.07 -12.75 9.33
N ARG A 56 -1.23 -12.43 8.34
CA ARG A 56 0.09 -13.03 8.26
C ARG A 56 1.00 -12.50 9.37
N SER A 57 2.24 -12.99 9.40
CA SER A 57 3.20 -12.57 10.41
C SER A 57 4.63 -12.60 9.86
N PRO A 58 5.30 -11.44 9.90
CA PRO A 58 4.73 -10.21 10.45
C PRO A 58 3.63 -9.64 9.56
N PRO A 59 2.59 -9.08 10.20
CA PRO A 59 1.45 -8.49 9.49
C PRO A 59 1.83 -7.20 8.77
N ILE A 60 1.61 -7.18 7.46
CA ILE A 60 1.92 -6.00 6.65
C ILE A 60 0.65 -5.31 6.17
N PRO A 61 0.24 -4.27 6.89
CA PRO A 61 -0.96 -3.49 6.56
C PRO A 61 -0.79 -2.67 5.29
N LEU A 62 -1.86 -2.56 4.50
CA LEU A 62 -1.82 -1.80 3.26
C LEU A 62 -2.71 -0.56 3.36
N ALA A 63 -2.38 0.46 2.57
CA ALA A 63 -3.15 1.69 2.56
C ALA A 63 -3.46 2.14 1.13
N LYS A 64 -4.64 2.72 0.94
CA LYS A 64 -5.05 3.18 -0.38
C LYS A 64 -5.26 4.70 -0.38
N VAL A 65 -4.56 5.38 -1.28
CA VAL A 65 -4.67 6.83 -1.38
C VAL A 65 -5.30 7.25 -2.71
N ASP A 66 -5.96 8.39 -2.71
CA ASP A 66 -6.63 8.90 -3.91
C ASP A 66 -5.79 10.00 -4.56
N ALA A 67 -4.82 9.60 -5.38
CA ALA A 67 -3.96 10.55 -6.06
C ALA A 67 -4.77 11.69 -6.67
N THR A 68 -6.06 11.44 -6.87
CA THR A 68 -6.94 12.45 -7.46
C THR A 68 -7.19 13.59 -6.48
N GLU A 69 -7.34 13.24 -5.20
CA GLU A 69 -7.59 14.24 -4.17
C GLU A 69 -6.30 14.62 -3.45
N GLN A 70 -5.42 13.64 -3.28
CA GLN A 70 -4.14 13.87 -2.61
C GLN A 70 -3.03 14.12 -3.63
N THR A 71 -3.37 14.81 -4.71
CA THR A 71 -2.40 15.11 -5.76
C THR A 71 -1.05 15.49 -5.16
N ASP A 72 -1.07 16.28 -4.10
CA ASP A 72 0.15 16.72 -3.44
C ASP A 72 1.10 15.54 -3.21
N LEU A 73 0.56 14.45 -2.69
CA LEU A 73 1.36 13.25 -2.43
C LEU A 73 1.82 12.61 -3.74
N ALA A 74 0.90 12.49 -4.69
CA ALA A 74 1.22 11.89 -5.99
C ALA A 74 2.44 12.57 -6.61
N LYS A 75 2.35 13.88 -6.80
CA LYS A 75 3.44 14.65 -7.38
C LYS A 75 4.76 14.36 -6.67
N ARG A 76 4.69 14.24 -5.35
CA ARG A 76 5.88 13.96 -4.55
C ARG A 76 6.52 12.64 -4.97
N PHE A 77 5.69 11.69 -5.39
CA PHE A 77 6.17 10.38 -5.82
C PHE A 77 6.11 10.25 -7.34
N ASP A 78 6.21 11.38 -8.03
CA ASP A 78 6.16 11.38 -9.49
C ASP A 78 5.12 10.40 -10.00
N VAL A 79 3.93 10.46 -9.43
CA VAL A 79 2.84 9.57 -9.82
C VAL A 79 2.07 10.13 -11.00
N SER A 80 2.32 9.59 -12.19
CA SER A 80 1.65 10.05 -13.40
C SER A 80 1.06 8.87 -14.17
N GLY A 81 0.52 7.91 -13.44
CA GLY A 81 -0.07 6.74 -14.07
C GLY A 81 -0.54 5.71 -13.06
N TYR A 82 -1.83 5.74 -12.73
CA TYR A 82 -2.40 4.80 -11.78
C TYR A 82 -2.92 3.55 -12.48
N PRO A 83 -3.02 2.45 -11.72
CA PRO A 83 -2.65 2.42 -10.30
C PRO A 83 -1.15 2.54 -10.09
N THR A 84 -0.76 3.09 -8.94
CA THR A 84 0.66 3.26 -8.62
C THR A 84 0.94 2.90 -7.17
N LEU A 85 1.59 1.76 -6.96
CA LEU A 85 1.93 1.31 -5.62
C LEU A 85 3.36 1.67 -5.25
N LYS A 86 3.62 1.81 -3.96
CA LYS A 86 4.96 2.16 -3.48
C LYS A 86 5.13 1.75 -2.01
N ILE A 87 6.26 1.14 -1.71
CA ILE A 87 6.55 0.70 -0.34
C ILE A 87 7.13 1.85 0.48
N PHE A 88 6.79 1.87 1.77
CA PHE A 88 7.28 2.92 2.66
C PHE A 88 7.83 2.30 3.95
N ARG A 89 9.00 2.78 4.37
CA ARG A 89 9.64 2.28 5.58
C ARG A 89 9.94 3.43 6.54
N LYS A 90 9.17 3.50 7.62
CA LYS A 90 9.34 4.55 8.62
C LYS A 90 9.48 5.91 7.96
N GLY A 91 8.84 6.08 6.82
CA GLY A 91 8.90 7.35 6.10
C GLY A 91 9.92 7.33 4.98
N ARG A 92 10.04 6.18 4.32
CA ARG A 92 10.99 6.03 3.22
C ARG A 92 10.35 5.27 2.06
N PRO A 93 10.00 6.01 0.99
CA PRO A 93 9.38 5.42 -0.20
C PRO A 93 10.35 4.56 -0.99
N PHE A 94 9.84 3.52 -1.63
CA PHE A 94 10.65 2.61 -2.43
C PHE A 94 9.85 2.03 -3.60
N ASP A 95 10.25 2.41 -4.81
CA ASP A 95 9.58 1.93 -6.01
C ASP A 95 9.09 0.50 -5.83
N TYR A 96 7.78 0.32 -5.79
CA TYR A 96 7.18 -0.99 -5.60
C TYR A 96 7.29 -1.81 -6.89
N ASN A 97 8.13 -2.84 -6.87
CA ASN A 97 8.32 -3.70 -8.03
C ASN A 97 7.89 -5.13 -7.72
N GLY A 98 6.84 -5.59 -8.40
CA GLY A 98 6.34 -6.93 -8.19
C GLY A 98 4.96 -7.14 -8.78
N PRO A 99 4.34 -8.29 -8.44
CA PRO A 99 3.00 -8.63 -8.93
C PRO A 99 1.92 -7.74 -8.31
N ARG A 100 1.05 -7.21 -9.16
CA ARG A 100 -0.04 -6.35 -8.70
C ARG A 100 -1.30 -7.17 -8.43
N GLU A 101 -1.11 -8.45 -8.11
CA GLU A 101 -2.24 -9.33 -7.83
C GLU A 101 -2.38 -9.56 -6.32
N LYS A 102 -3.60 -9.89 -5.89
CA LYS A 102 -3.87 -10.14 -4.48
C LYS A 102 -2.77 -11.00 -3.87
N TYR A 103 -2.60 -12.20 -4.39
CA TYR A 103 -1.59 -13.12 -3.89
C TYR A 103 -0.19 -12.53 -4.06
N GLY A 104 0.22 -12.33 -5.30
CA GLY A 104 1.54 -11.77 -5.57
C GLY A 104 1.90 -10.67 -4.60
N ILE A 105 1.19 -9.55 -4.68
CA ILE A 105 1.45 -8.41 -3.80
C ILE A 105 1.85 -8.88 -2.42
N VAL A 106 1.16 -9.88 -1.90
CA VAL A 106 1.46 -10.43 -0.58
C VAL A 106 2.82 -11.12 -0.56
N ASP A 107 3.03 -12.02 -1.52
CA ASP A 107 4.28 -12.76 -1.60
C ASP A 107 5.47 -11.81 -1.63
N TYR A 108 5.34 -10.71 -2.38
CA TYR A 108 6.41 -9.73 -2.48
C TYR A 108 6.63 -9.02 -1.15
N MET A 109 5.63 -8.28 -0.71
CA MET A 109 5.71 -7.56 0.56
C MET A 109 6.44 -8.39 1.61
N ILE A 110 6.14 -9.69 1.65
CA ILE A 110 6.76 -10.58 2.62
C ILE A 110 8.28 -10.59 2.46
N GLU A 111 8.74 -10.92 1.26
CA GLU A 111 10.17 -10.96 0.99
C GLU A 111 10.82 -9.61 1.26
N GLN A 112 10.04 -8.55 1.11
CA GLN A 112 10.53 -7.20 1.34
C GLN A 112 10.82 -6.96 2.82
N SER A 113 9.91 -7.41 3.67
CA SER A 113 10.06 -7.25 5.11
C SER A 113 11.44 -7.70 5.56
N GLY A 114 11.91 -8.82 5.02
CA GLY A 114 13.21 -9.35 5.37
C GLY A 114 13.31 -10.85 5.16
N SER A 115 13.42 -11.25 3.89
CA SER A 115 13.52 -12.65 3.54
C SER A 115 14.76 -13.28 4.17
N GLY A 116 14.56 -14.16 5.15
CA GLY A 116 15.67 -14.81 5.81
C GLY A 116 16.69 -15.35 4.83
N PRO A 117 16.24 -16.24 3.93
CA PRO A 117 17.10 -16.85 2.92
C PRO A 117 17.57 -15.86 1.86
N SER A 118 17.23 -14.59 2.08
CA SER A 118 17.61 -13.54 1.13
C SER A 118 18.94 -13.85 0.47
N SER A 119 18.90 -14.48 -0.69
CA SER A 119 20.10 -14.84 -1.42
C SER A 119 21.06 -13.65 -1.52
N GLY A 120 20.58 -12.59 -2.16
CA GLY A 120 21.41 -11.40 -2.31
C GLY A 120 21.93 -11.23 -3.73
N GLY A 1 -12.51 9.16 13.68
CA GLY A 1 -13.70 8.57 14.25
C GLY A 1 -14.01 7.20 13.68
N SER A 2 -15.19 6.68 14.00
CA SER A 2 -15.60 5.36 13.52
C SER A 2 -16.84 5.48 12.63
N SER A 3 -16.71 5.03 11.38
CA SER A 3 -17.82 5.09 10.44
C SER A 3 -18.83 3.97 10.71
N GLY A 4 -18.32 2.75 10.89
CA GLY A 4 -19.19 1.62 11.16
C GLY A 4 -18.44 0.30 11.13
N SER A 5 -18.00 -0.09 9.94
CA SER A 5 -17.27 -1.35 9.78
C SER A 5 -15.77 -1.10 9.77
N SER A 6 -15.01 -2.15 10.11
CA SER A 6 -13.55 -2.05 10.15
C SER A 6 -12.93 -2.77 8.95
N GLY A 7 -12.09 -2.05 8.22
CA GLY A 7 -11.43 -2.65 7.06
C GLY A 7 -9.97 -2.93 7.30
N VAL A 8 -9.29 -3.45 6.28
CA VAL A 8 -7.88 -3.78 6.39
C VAL A 8 -7.01 -2.66 5.82
N THR A 9 -7.46 -2.08 4.71
CA THR A 9 -6.73 -1.00 4.06
C THR A 9 -6.87 0.30 4.83
N LEU A 10 -5.78 1.05 4.94
CA LEU A 10 -5.79 2.32 5.65
C LEU A 10 -5.82 3.49 4.69
N SER A 11 -6.72 4.44 4.92
CA SER A 11 -6.87 5.61 4.07
C SER A 11 -5.93 6.73 4.53
N LEU A 12 -4.96 7.07 3.69
CA LEU A 12 -4.00 8.13 4.01
C LEU A 12 -4.24 9.35 3.12
N THR A 13 -4.15 10.53 3.73
CA THR A 13 -4.35 11.78 3.00
C THR A 13 -3.10 12.65 3.06
N LYS A 14 -3.13 13.78 2.36
CA LYS A 14 -2.01 14.70 2.33
C LYS A 14 -1.93 15.50 3.62
N ASP A 15 -2.43 14.91 4.70
CA ASP A 15 -2.40 15.57 6.01
C ASP A 15 -1.89 14.62 7.09
N ASN A 16 -2.03 13.32 6.84
CA ASN A 16 -1.58 12.31 7.79
C ASN A 16 -0.82 11.20 7.09
N PHE A 17 -0.32 11.50 5.89
CA PHE A 17 0.43 10.54 5.10
C PHE A 17 1.82 10.31 5.70
N ASP A 18 2.55 11.40 5.88
CA ASP A 18 3.90 11.33 6.44
C ASP A 18 3.85 11.19 7.96
N ASP A 19 2.64 11.31 8.52
CA ASP A 19 2.46 11.19 9.96
C ASP A 19 2.03 9.77 10.35
N VAL A 20 1.43 9.06 9.38
CA VAL A 20 0.97 7.71 9.62
C VAL A 20 1.99 6.69 9.11
N VAL A 21 2.49 6.90 7.90
CA VAL A 21 3.48 6.01 7.31
C VAL A 21 4.74 5.96 8.14
N ASN A 22 5.19 7.13 8.59
CA ASN A 22 6.40 7.23 9.40
C ASN A 22 6.25 6.45 10.71
N ASN A 23 5.00 6.16 11.07
CA ASN A 23 4.72 5.41 12.31
C ASN A 23 4.57 3.94 12.01
N ALA A 24 4.36 3.60 10.75
CA ALA A 24 4.20 2.20 10.33
C ALA A 24 5.52 1.63 9.83
N ASP A 25 6.19 0.86 10.67
CA ASP A 25 7.46 0.25 10.31
C ASP A 25 7.48 -0.13 8.83
N ILE A 26 6.53 -0.96 8.41
CA ILE A 26 6.44 -1.39 7.03
C ILE A 26 5.01 -1.26 6.50
N ILE A 27 4.80 -0.36 5.56
CA ILE A 27 3.48 -0.16 4.98
C ILE A 27 3.57 0.05 3.47
N LEU A 28 2.55 -0.41 2.76
CA LEU A 28 2.51 -0.27 1.30
C LEU A 28 1.37 0.65 0.88
N VAL A 29 1.70 1.64 0.06
CA VAL A 29 0.71 2.59 -0.43
C VAL A 29 0.35 2.31 -1.89
N GLU A 30 -0.93 2.49 -2.22
CA GLU A 30 -1.40 2.25 -3.58
C GLU A 30 -2.28 3.41 -4.06
N PHE A 31 -1.75 4.19 -5.00
CA PHE A 31 -2.49 5.33 -5.54
C PHE A 31 -3.45 4.88 -6.63
N TYR A 32 -4.75 5.05 -6.38
CA TYR A 32 -5.77 4.66 -7.34
C TYR A 32 -6.70 5.82 -7.64
N ALA A 33 -7.55 5.64 -8.66
CA ALA A 33 -8.50 6.68 -9.04
C ALA A 33 -9.92 6.13 -9.14
N PRO A 34 -10.88 6.86 -8.58
CA PRO A 34 -12.28 6.46 -8.59
C PRO A 34 -12.91 6.55 -9.98
N TRP A 35 -12.09 6.90 -10.96
CA TRP A 35 -12.55 7.03 -12.33
C TRP A 35 -11.73 6.15 -13.27
N CYS A 36 -10.56 5.72 -12.80
CA CYS A 36 -9.67 4.88 -13.59
C CYS A 36 -10.14 3.43 -13.56
N GLY A 37 -10.52 2.90 -14.72
CA GLY A 37 -10.98 1.54 -14.79
C GLY A 37 -9.93 0.54 -14.34
N HIS A 38 -8.78 0.54 -15.01
CA HIS A 38 -7.69 -0.37 -14.67
C HIS A 38 -7.60 -0.54 -13.15
N CYS A 39 -7.87 0.53 -12.42
CA CYS A 39 -7.81 0.50 -10.97
C CYS A 39 -8.95 -0.33 -10.38
N LYS A 40 -10.16 -0.08 -10.88
CA LYS A 40 -11.34 -0.81 -10.42
C LYS A 40 -11.04 -2.29 -10.27
N LYS A 41 -10.06 -2.78 -11.04
CA LYS A 41 -9.68 -4.19 -10.99
C LYS A 41 -8.73 -4.45 -9.82
N LEU A 42 -7.85 -3.49 -9.55
CA LEU A 42 -6.89 -3.61 -8.46
C LEU A 42 -7.55 -3.35 -7.12
N ALA A 43 -8.57 -2.50 -7.12
CA ALA A 43 -9.30 -2.16 -5.90
C ALA A 43 -9.44 -3.39 -4.99
N PRO A 44 -10.10 -4.43 -5.50
CA PRO A 44 -10.32 -5.67 -4.75
C PRO A 44 -9.03 -6.46 -4.56
N GLU A 45 -8.15 -6.39 -5.54
CA GLU A 45 -6.87 -7.10 -5.47
C GLU A 45 -5.96 -6.49 -4.41
N TYR A 46 -6.23 -5.23 -4.05
CA TYR A 46 -5.44 -4.53 -3.07
C TYR A 46 -6.03 -4.71 -1.67
N GLU A 47 -7.34 -4.48 -1.56
CA GLU A 47 -8.02 -4.62 -0.27
C GLU A 47 -8.02 -6.08 0.19
N LYS A 48 -7.98 -7.00 -0.76
CA LYS A 48 -7.96 -8.42 -0.45
C LYS A 48 -6.59 -8.86 0.06
N ALA A 49 -5.54 -8.40 -0.61
CA ALA A 49 -4.18 -8.75 -0.22
C ALA A 49 -3.88 -8.28 1.21
N ALA A 50 -4.46 -7.15 1.59
CA ALA A 50 -4.26 -6.60 2.92
C ALA A 50 -4.79 -7.54 3.99
N LYS A 51 -5.90 -8.21 3.68
CA LYS A 51 -6.52 -9.15 4.61
C LYS A 51 -5.57 -10.29 4.94
N GLU A 52 -4.94 -10.85 3.91
CA GLU A 52 -4.01 -11.95 4.09
C GLU A 52 -2.79 -11.51 4.90
N LEU A 53 -2.17 -10.41 4.49
CA LEU A 53 -1.00 -9.87 5.18
C LEU A 53 -1.33 -9.57 6.64
N SER A 54 -2.53 -9.04 6.87
CA SER A 54 -2.96 -8.70 8.23
C SER A 54 -3.01 -9.94 9.12
N LYS A 55 -3.30 -11.08 8.50
CA LYS A 55 -3.39 -12.34 9.23
C LYS A 55 -2.07 -13.11 9.14
N ARG A 56 -1.04 -12.45 8.61
CA ARG A 56 0.27 -13.07 8.47
C ARG A 56 1.23 -12.55 9.54
N SER A 57 2.48 -12.97 9.45
CA SER A 57 3.49 -12.56 10.42
C SER A 57 4.89 -12.60 9.79
N PRO A 58 5.57 -11.45 9.79
CA PRO A 58 5.03 -10.21 10.35
C PRO A 58 3.89 -9.64 9.52
N PRO A 59 2.89 -9.06 10.20
CA PRO A 59 1.72 -8.47 9.53
C PRO A 59 2.07 -7.20 8.78
N ILE A 60 1.83 -7.22 7.47
CA ILE A 60 2.11 -6.07 6.62
C ILE A 60 0.83 -5.38 6.16
N PRO A 61 0.41 -4.34 6.90
CA PRO A 61 -0.80 -3.57 6.59
C PRO A 61 -0.65 -2.75 5.32
N LEU A 62 -1.73 -2.66 4.55
CA LEU A 62 -1.72 -1.89 3.31
C LEU A 62 -2.52 -0.60 3.47
N ALA A 63 -2.19 0.39 2.64
CA ALA A 63 -2.88 1.68 2.68
C ALA A 63 -3.27 2.14 1.27
N LYS A 64 -4.49 2.65 1.15
CA LYS A 64 -4.98 3.12 -0.13
C LYS A 64 -5.10 4.65 -0.15
N VAL A 65 -4.66 5.27 -1.23
CA VAL A 65 -4.72 6.72 -1.38
C VAL A 65 -5.29 7.12 -2.73
N ASP A 66 -6.10 8.17 -2.73
CA ASP A 66 -6.72 8.66 -3.97
C ASP A 66 -5.92 9.83 -4.54
N ALA A 67 -5.02 9.53 -5.47
CA ALA A 67 -4.19 10.56 -6.10
C ALA A 67 -5.05 11.72 -6.59
N THR A 68 -6.27 11.41 -7.00
CA THR A 68 -7.19 12.43 -7.50
C THR A 68 -7.55 13.43 -6.41
N GLU A 69 -7.54 12.97 -5.16
CA GLU A 69 -7.87 13.82 -4.02
C GLU A 69 -6.61 14.18 -3.24
N GLN A 70 -5.55 13.40 -3.44
CA GLN A 70 -4.28 13.64 -2.75
C GLN A 70 -3.17 13.93 -3.75
N THR A 71 -3.54 14.42 -4.92
CA THR A 71 -2.57 14.75 -5.96
C THR A 71 -1.25 15.21 -5.35
N ASP A 72 -1.33 16.22 -4.49
CA ASP A 72 -0.14 16.77 -3.84
C ASP A 72 0.85 15.65 -3.51
N LEU A 73 0.37 14.62 -2.82
CA LEU A 73 1.22 13.50 -2.44
C LEU A 73 1.71 12.75 -3.68
N ALA A 74 0.82 12.56 -4.64
CA ALA A 74 1.16 11.86 -5.88
C ALA A 74 2.33 12.54 -6.58
N LYS A 75 2.27 13.87 -6.69
CA LYS A 75 3.33 14.63 -7.34
C LYS A 75 4.68 14.36 -6.69
N ARG A 76 4.68 14.20 -5.37
CA ARG A 76 5.91 13.92 -4.64
C ARG A 76 6.52 12.60 -5.07
N PHE A 77 5.67 11.66 -5.44
CA PHE A 77 6.13 10.34 -5.88
C PHE A 77 5.94 10.17 -7.39
N ASP A 78 5.86 11.29 -8.09
CA ASP A 78 5.68 11.28 -9.55
C ASP A 78 4.62 10.27 -9.95
N VAL A 79 3.44 10.36 -9.31
CA VAL A 79 2.34 9.46 -9.61
C VAL A 79 1.37 10.09 -10.61
N SER A 80 1.60 9.82 -11.89
CA SER A 80 0.75 10.35 -12.94
C SER A 80 0.12 9.23 -13.76
N GLY A 81 0.39 8.00 -13.36
CA GLY A 81 -0.16 6.85 -14.06
C GLY A 81 -0.58 5.73 -13.12
N TYR A 82 -1.87 5.70 -12.79
CA TYR A 82 -2.39 4.68 -11.89
C TYR A 82 -2.82 3.45 -12.66
N PRO A 83 -2.85 2.30 -11.96
CA PRO A 83 -2.51 2.23 -10.54
C PRO A 83 -1.03 2.44 -10.29
N THR A 84 -0.69 2.94 -9.10
CA THR A 84 0.70 3.19 -8.74
C THR A 84 0.96 2.84 -7.28
N LEU A 85 1.64 1.72 -7.07
CA LEU A 85 1.96 1.26 -5.72
C LEU A 85 3.38 1.66 -5.33
N LYS A 86 3.61 1.81 -4.03
CA LYS A 86 4.93 2.18 -3.53
C LYS A 86 5.09 1.76 -2.07
N ILE A 87 6.23 1.15 -1.76
CA ILE A 87 6.50 0.69 -0.40
C ILE A 87 7.10 1.83 0.44
N PHE A 88 6.80 1.82 1.74
CA PHE A 88 7.30 2.84 2.64
C PHE A 88 7.86 2.21 3.92
N ARG A 89 8.95 2.77 4.42
CA ARG A 89 9.58 2.27 5.63
C ARG A 89 9.91 3.40 6.59
N LYS A 90 9.06 3.58 7.59
CA LYS A 90 9.25 4.64 8.59
C LYS A 90 9.49 5.99 7.90
N GLY A 91 8.84 6.19 6.76
CA GLY A 91 9.00 7.44 6.03
C GLY A 91 10.01 7.34 4.91
N ARG A 92 10.13 6.14 4.34
CA ARG A 92 11.07 5.90 3.25
C ARG A 92 10.39 5.17 2.09
N PRO A 93 10.00 5.92 1.06
CA PRO A 93 9.33 5.36 -0.13
C PRO A 93 10.27 4.52 -0.97
N PHE A 94 9.72 3.49 -1.61
CA PHE A 94 10.51 2.62 -2.46
C PHE A 94 9.70 2.11 -3.64
N ASP A 95 10.14 2.44 -4.85
CA ASP A 95 9.45 2.02 -6.07
C ASP A 95 8.99 0.57 -5.95
N TYR A 96 7.67 0.37 -5.87
CA TYR A 96 7.11 -0.97 -5.76
C TYR A 96 7.13 -1.68 -7.10
N ASN A 97 7.98 -2.70 -7.20
CA ASN A 97 8.09 -3.48 -8.44
C ASN A 97 7.74 -4.94 -8.20
N GLY A 98 6.65 -5.39 -8.83
CA GLY A 98 6.22 -6.77 -8.68
C GLY A 98 4.84 -7.01 -9.25
N PRO A 99 4.22 -8.13 -8.85
CA PRO A 99 2.88 -8.50 -9.32
C PRO A 99 1.79 -7.58 -8.78
N ARG A 100 0.81 -7.28 -9.63
CA ARG A 100 -0.28 -6.40 -9.23
C ARG A 100 -1.53 -7.22 -8.89
N GLU A 101 -1.32 -8.43 -8.39
CA GLU A 101 -2.44 -9.31 -8.03
C GLU A 101 -2.46 -9.56 -6.53
N LYS A 102 -3.62 -9.98 -6.03
CA LYS A 102 -3.78 -10.26 -4.61
C LYS A 102 -2.59 -11.04 -4.07
N TYR A 103 -2.45 -12.29 -4.50
CA TYR A 103 -1.36 -13.14 -4.06
C TYR A 103 -0.02 -12.43 -4.24
N GLY A 104 0.35 -12.16 -5.49
CA GLY A 104 1.60 -11.48 -5.77
C GLY A 104 1.93 -10.41 -4.74
N ILE A 105 1.14 -9.34 -4.75
CA ILE A 105 1.35 -8.24 -3.81
C ILE A 105 1.77 -8.75 -2.44
N VAL A 106 1.06 -9.78 -1.96
CA VAL A 106 1.36 -10.36 -0.66
C VAL A 106 2.74 -11.01 -0.65
N ASP A 107 2.93 -12.00 -1.52
CA ASP A 107 4.20 -12.70 -1.62
C ASP A 107 5.37 -11.72 -1.67
N TYR A 108 5.18 -10.64 -2.43
CA TYR A 108 6.22 -9.62 -2.57
C TYR A 108 6.46 -8.90 -1.25
N MET A 109 5.45 -8.18 -0.78
CA MET A 109 5.56 -7.44 0.47
C MET A 109 6.24 -8.30 1.54
N ILE A 110 6.06 -9.61 1.45
CA ILE A 110 6.66 -10.53 2.41
C ILE A 110 8.18 -10.54 2.30
N GLU A 111 8.67 -10.82 1.08
CA GLU A 111 10.11 -10.85 0.85
C GLU A 111 10.76 -9.52 1.20
N GLN A 112 9.98 -8.44 1.09
CA GLN A 112 10.48 -7.10 1.39
C GLN A 112 10.72 -6.95 2.89
N SER A 113 9.76 -7.39 3.69
CA SER A 113 9.85 -7.29 5.14
C SER A 113 11.18 -7.86 5.63
N GLY A 114 11.66 -8.90 4.95
CA GLY A 114 12.92 -9.51 5.33
C GLY A 114 12.79 -11.00 5.56
N SER A 115 12.34 -11.72 4.52
CA SER A 115 12.18 -13.16 4.62
C SER A 115 13.42 -13.90 4.12
N GLY A 116 14.10 -13.31 3.15
CA GLY A 116 15.30 -13.91 2.60
C GLY A 116 16.38 -12.89 2.29
N PRO A 117 17.59 -13.38 2.00
CA PRO A 117 18.73 -12.51 1.67
C PRO A 117 18.57 -11.83 0.31
N SER A 118 17.75 -12.43 -0.55
CA SER A 118 17.52 -11.89 -1.89
C SER A 118 16.81 -10.54 -1.80
N SER A 119 17.58 -9.48 -1.73
CA SER A 119 17.04 -8.12 -1.64
C SER A 119 18.14 -7.08 -1.72
N GLY A 120 17.76 -5.84 -2.02
CA GLY A 120 18.73 -4.76 -2.13
C GLY A 120 18.16 -3.54 -2.80
N GLY A 1 -5.52 3.60 20.57
CA GLY A 1 -5.42 3.63 19.11
C GLY A 1 -6.10 4.83 18.51
N SER A 2 -6.44 4.73 17.22
CA SER A 2 -7.10 5.83 16.52
C SER A 2 -8.52 5.44 16.11
N SER A 3 -9.48 6.30 16.43
CA SER A 3 -10.88 6.04 16.10
C SER A 3 -11.05 5.87 14.60
N GLY A 4 -12.23 5.40 14.20
CA GLY A 4 -12.51 5.20 12.79
C GLY A 4 -12.28 3.77 12.35
N SER A 5 -13.31 2.94 12.46
CA SER A 5 -13.23 1.54 12.08
C SER A 5 -13.16 1.40 10.56
N SER A 6 -11.94 1.31 10.04
CA SER A 6 -11.73 1.17 8.60
C SER A 6 -11.36 -0.26 8.25
N GLY A 7 -11.54 -0.62 6.97
CA GLY A 7 -11.23 -1.96 6.52
C GLY A 7 -9.74 -2.25 6.56
N VAL A 8 -9.39 -3.52 6.38
CA VAL A 8 -7.98 -3.92 6.40
C VAL A 8 -7.09 -2.85 5.79
N THR A 9 -7.62 -2.13 4.80
CA THR A 9 -6.87 -1.07 4.14
C THR A 9 -7.06 0.26 4.85
N LEU A 10 -5.99 1.04 4.94
CA LEU A 10 -6.03 2.34 5.60
C LEU A 10 -6.07 3.47 4.58
N SER A 11 -6.77 4.55 4.92
CA SER A 11 -6.89 5.69 4.03
C SER A 11 -5.96 6.82 4.47
N LEU A 12 -4.84 6.96 3.76
CA LEU A 12 -3.87 8.00 4.09
C LEU A 12 -4.09 9.24 3.22
N THR A 13 -4.11 10.40 3.86
CA THR A 13 -4.32 11.66 3.17
C THR A 13 -3.13 12.60 3.35
N LYS A 14 -3.08 13.65 2.53
CA LYS A 14 -2.00 14.62 2.60
C LYS A 14 -1.93 15.25 3.99
N ASP A 15 -2.91 14.95 4.82
CA ASP A 15 -2.96 15.48 6.18
C ASP A 15 -2.48 14.45 7.19
N ASN A 16 -2.63 13.18 6.85
CA ASN A 16 -2.20 12.10 7.73
C ASN A 16 -1.46 11.01 6.95
N PHE A 17 -0.70 11.44 5.94
CA PHE A 17 0.06 10.52 5.12
C PHE A 17 1.49 10.39 5.62
N ASP A 18 2.12 11.52 5.90
CA ASP A 18 3.49 11.53 6.41
C ASP A 18 3.52 11.34 7.92
N ASP A 19 2.35 11.40 8.54
CA ASP A 19 2.24 11.24 9.98
C ASP A 19 1.89 9.80 10.34
N VAL A 20 1.30 9.09 9.39
CA VAL A 20 0.91 7.69 9.61
C VAL A 20 1.96 6.74 9.06
N VAL A 21 2.33 6.94 7.80
CA VAL A 21 3.33 6.10 7.16
C VAL A 21 4.64 6.08 7.96
N ASN A 22 5.02 7.25 8.46
CA ASN A 22 6.25 7.37 9.24
C ASN A 22 6.14 6.61 10.56
N ASN A 23 4.91 6.24 10.92
CA ASN A 23 4.68 5.50 12.16
C ASN A 23 4.49 4.01 11.87
N ALA A 24 4.51 3.65 10.59
CA ALA A 24 4.35 2.26 10.19
C ALA A 24 5.67 1.67 9.72
N ASP A 25 6.30 0.88 10.57
CA ASP A 25 7.58 0.24 10.24
C ASP A 25 7.62 -0.13 8.76
N ILE A 26 6.61 -0.85 8.31
CA ILE A 26 6.53 -1.28 6.91
C ILE A 26 5.11 -1.20 6.39
N ILE A 27 4.84 -0.21 5.55
CA ILE A 27 3.52 -0.02 4.97
C ILE A 27 3.59 0.17 3.46
N LEU A 28 2.55 -0.27 2.76
CA LEU A 28 2.50 -0.13 1.31
C LEU A 28 1.36 0.79 0.88
N VAL A 29 1.68 1.77 0.04
CA VAL A 29 0.69 2.72 -0.45
C VAL A 29 0.37 2.48 -1.92
N GLU A 30 -0.92 2.46 -2.24
CA GLU A 30 -1.36 2.24 -3.62
C GLU A 30 -2.20 3.41 -4.12
N PHE A 31 -1.61 4.22 -5.00
CA PHE A 31 -2.30 5.38 -5.55
C PHE A 31 -3.27 4.96 -6.66
N TYR A 32 -4.55 5.26 -6.46
CA TYR A 32 -5.57 4.92 -7.43
C TYR A 32 -6.51 6.09 -7.68
N ALA A 33 -7.38 5.95 -8.68
CA ALA A 33 -8.33 7.00 -9.02
C ALA A 33 -9.75 6.45 -9.11
N PRO A 34 -10.71 7.17 -8.52
CA PRO A 34 -12.12 6.77 -8.52
C PRO A 34 -12.76 6.88 -9.91
N TRP A 35 -11.94 7.24 -10.90
CA TRP A 35 -12.42 7.37 -12.27
C TRP A 35 -11.66 6.44 -13.21
N CYS A 36 -10.51 5.95 -12.74
CA CYS A 36 -9.69 5.05 -13.54
C CYS A 36 -10.24 3.63 -13.52
N GLY A 37 -10.49 3.08 -14.69
CA GLY A 37 -11.02 1.72 -14.78
C GLY A 37 -10.03 0.68 -14.32
N HIS A 38 -8.89 0.61 -15.00
CA HIS A 38 -7.86 -0.36 -14.64
C HIS A 38 -7.81 -0.59 -13.14
N CYS A 39 -8.02 0.47 -12.37
CA CYS A 39 -8.01 0.39 -10.92
C CYS A 39 -9.11 -0.53 -10.42
N LYS A 40 -10.32 -0.33 -10.94
CA LYS A 40 -11.46 -1.15 -10.54
C LYS A 40 -11.05 -2.62 -10.36
N LYS A 41 -10.00 -3.01 -11.05
CA LYS A 41 -9.50 -4.39 -10.98
C LYS A 41 -8.56 -4.55 -9.79
N LEU A 42 -7.70 -3.55 -9.58
CA LEU A 42 -6.74 -3.59 -8.47
C LEU A 42 -7.45 -3.40 -7.14
N ALA A 43 -8.42 -2.50 -7.10
CA ALA A 43 -9.17 -2.24 -5.88
C ALA A 43 -9.32 -3.50 -5.05
N PRO A 44 -9.96 -4.53 -5.62
CA PRO A 44 -10.18 -5.81 -4.94
C PRO A 44 -8.89 -6.60 -4.75
N GLU A 45 -7.92 -6.37 -5.65
CA GLU A 45 -6.64 -7.05 -5.57
C GLU A 45 -5.75 -6.44 -4.49
N TYR A 46 -6.11 -5.23 -4.05
CA TYR A 46 -5.34 -4.54 -3.03
C TYR A 46 -5.95 -4.78 -1.65
N GLU A 47 -7.23 -4.48 -1.51
CA GLU A 47 -7.93 -4.67 -0.23
C GLU A 47 -7.89 -6.12 0.20
N LYS A 48 -7.92 -7.03 -0.77
CA LYS A 48 -7.88 -8.46 -0.49
C LYS A 48 -6.52 -8.86 0.08
N ALA A 49 -5.45 -8.44 -0.60
CA ALA A 49 -4.10 -8.76 -0.16
C ALA A 49 -3.88 -8.35 1.29
N ALA A 50 -4.54 -7.28 1.70
CA ALA A 50 -4.41 -6.78 3.07
C ALA A 50 -5.04 -7.76 4.06
N LYS A 51 -6.02 -8.53 3.59
CA LYS A 51 -6.69 -9.50 4.44
C LYS A 51 -5.81 -10.71 4.71
N GLU A 52 -4.84 -10.93 3.82
CA GLU A 52 -3.92 -12.05 3.96
C GLU A 52 -2.69 -11.65 4.77
N LEU A 53 -2.23 -10.42 4.57
CA LEU A 53 -1.07 -9.91 5.28
C LEU A 53 -1.40 -9.62 6.75
N SER A 54 -2.48 -8.88 6.96
CA SER A 54 -2.91 -8.52 8.31
C SER A 54 -2.98 -9.77 9.20
N LYS A 55 -3.30 -10.90 8.59
CA LYS A 55 -3.40 -12.16 9.33
C LYS A 55 -2.04 -12.86 9.37
N ARG A 56 -1.19 -12.58 8.40
CA ARG A 56 0.13 -13.18 8.34
C ARG A 56 1.03 -12.65 9.44
N SER A 57 2.27 -13.12 9.47
CA SER A 57 3.23 -12.69 10.49
C SER A 57 4.66 -12.73 9.94
N PRO A 58 5.34 -11.58 10.00
CA PRO A 58 4.77 -10.35 10.56
C PRO A 58 3.67 -9.76 9.67
N PRO A 59 2.62 -9.23 10.30
CA PRO A 59 1.48 -8.63 9.60
C PRO A 59 1.86 -7.31 8.92
N ILE A 60 1.70 -7.27 7.60
CA ILE A 60 2.02 -6.07 6.83
C ILE A 60 0.74 -5.35 6.39
N PRO A 61 0.39 -4.27 7.11
CA PRO A 61 -0.80 -3.47 6.80
C PRO A 61 -0.65 -2.68 5.51
N LEU A 62 -1.74 -2.57 4.77
CA LEU A 62 -1.73 -1.84 3.51
C LEU A 62 -2.57 -0.57 3.60
N ALA A 63 -2.24 0.42 2.78
CA ALA A 63 -2.97 1.68 2.77
C ALA A 63 -3.27 2.13 1.35
N LYS A 64 -4.49 2.63 1.14
CA LYS A 64 -4.89 3.10 -0.18
C LYS A 64 -4.99 4.62 -0.21
N VAL A 65 -4.46 5.23 -1.27
CA VAL A 65 -4.49 6.68 -1.41
C VAL A 65 -5.05 7.08 -2.77
N ASP A 66 -5.86 8.12 -2.78
CA ASP A 66 -6.47 8.61 -4.01
C ASP A 66 -5.67 9.77 -4.60
N ALA A 67 -4.89 9.48 -5.64
CA ALA A 67 -4.07 10.50 -6.29
C ALA A 67 -4.93 11.63 -6.84
N THR A 68 -6.24 11.42 -6.84
CA THR A 68 -7.18 12.42 -7.34
C THR A 68 -7.52 13.45 -6.27
N GLU A 69 -7.39 13.04 -5.01
CA GLU A 69 -7.69 13.94 -3.90
C GLU A 69 -6.41 14.29 -3.13
N GLN A 70 -5.40 13.43 -3.24
CA GLN A 70 -4.13 13.65 -2.56
C GLN A 70 -3.03 14.00 -3.56
N THR A 71 -3.42 14.67 -4.64
CA THR A 71 -2.47 15.07 -5.67
C THR A 71 -1.15 15.50 -5.06
N ASP A 72 -1.23 16.31 -4.01
CA ASP A 72 -0.03 16.80 -3.33
C ASP A 72 0.97 15.67 -3.11
N LEU A 73 0.47 14.54 -2.64
CA LEU A 73 1.33 13.38 -2.39
C LEU A 73 1.73 12.70 -3.69
N ALA A 74 0.77 12.53 -4.59
CA ALA A 74 1.03 11.91 -5.88
C ALA A 74 2.23 12.54 -6.56
N LYS A 75 2.17 13.85 -6.76
CA LYS A 75 3.24 14.59 -7.41
C LYS A 75 4.58 14.32 -6.71
N ARG A 76 4.55 14.28 -5.39
CA ARG A 76 5.75 14.03 -4.61
C ARG A 76 6.39 12.70 -4.99
N PHE A 77 5.57 11.76 -5.46
CA PHE A 77 6.06 10.46 -5.87
C PHE A 77 5.98 10.29 -7.39
N ASP A 78 5.97 11.43 -8.09
CA ASP A 78 5.90 11.41 -9.55
C ASP A 78 4.83 10.43 -10.04
N VAL A 79 3.69 10.42 -9.36
CA VAL A 79 2.60 9.54 -9.71
C VAL A 79 1.74 10.15 -10.81
N SER A 80 1.94 9.67 -12.05
CA SER A 80 1.18 10.17 -13.19
C SER A 80 0.47 9.03 -13.91
N GLY A 81 0.79 7.80 -13.52
CA GLY A 81 0.17 6.64 -14.14
C GLY A 81 -0.30 5.61 -13.12
N TYR A 82 -1.58 5.64 -12.81
CA TYR A 82 -2.16 4.72 -11.85
C TYR A 82 -2.67 3.45 -12.54
N PRO A 83 -2.78 2.35 -11.77
CA PRO A 83 -2.41 2.35 -10.35
C PRO A 83 -0.91 2.48 -10.13
N THR A 84 -0.54 3.02 -8.97
CA THR A 84 0.87 3.20 -8.64
C THR A 84 1.14 2.83 -7.18
N LEU A 85 1.79 1.69 -6.97
CA LEU A 85 2.11 1.22 -5.62
C LEU A 85 3.53 1.61 -5.25
N LYS A 86 3.75 1.84 -3.96
CA LYS A 86 5.07 2.22 -3.46
C LYS A 86 5.24 1.79 -2.01
N ILE A 87 6.38 1.16 -1.72
CA ILE A 87 6.66 0.70 -0.36
C ILE A 87 7.28 1.81 0.48
N PHE A 88 6.81 1.95 1.71
CA PHE A 88 7.31 2.97 2.62
C PHE A 88 7.85 2.35 3.90
N ARG A 89 9.07 2.73 4.28
CA ARG A 89 9.70 2.21 5.48
C ARG A 89 10.04 3.34 6.45
N LYS A 90 9.17 3.55 7.43
CA LYS A 90 9.38 4.60 8.42
C LYS A 90 9.54 5.97 7.75
N GLY A 91 8.85 6.15 6.63
CA GLY A 91 8.92 7.41 5.91
C GLY A 91 9.90 7.35 4.75
N ARG A 92 10.14 6.15 4.24
CA ARG A 92 11.07 5.97 3.13
C ARG A 92 10.39 5.21 1.99
N PRO A 93 9.92 5.96 0.97
CA PRO A 93 9.25 5.39 -0.20
C PRO A 93 10.20 4.59 -1.09
N PHE A 94 9.68 3.55 -1.73
CA PHE A 94 10.49 2.71 -2.61
C PHE A 94 9.64 2.15 -3.75
N ASP A 95 10.08 2.41 -4.99
CA ASP A 95 9.37 1.93 -6.16
C ASP A 95 8.96 0.48 -6.00
N TYR A 96 7.66 0.22 -5.97
CA TYR A 96 7.14 -1.13 -5.82
C TYR A 96 7.13 -1.86 -7.15
N ASN A 97 8.01 -2.86 -7.29
CA ASN A 97 8.09 -3.64 -8.52
C ASN A 97 7.75 -5.11 -8.26
N GLY A 98 6.66 -5.57 -8.85
CA GLY A 98 6.24 -6.94 -8.67
C GLY A 98 4.86 -7.21 -9.23
N PRO A 99 4.24 -8.32 -8.80
CA PRO A 99 2.90 -8.72 -9.25
C PRO A 99 1.82 -7.80 -8.71
N ARG A 100 0.86 -7.44 -9.55
CA ARG A 100 -0.23 -6.57 -9.16
C ARG A 100 -1.48 -7.38 -8.83
N GLU A 101 -1.29 -8.62 -8.41
CA GLU A 101 -2.40 -9.50 -8.07
C GLU A 101 -2.50 -9.68 -6.55
N LYS A 102 -3.70 -9.98 -6.08
CA LYS A 102 -3.94 -10.18 -4.65
C LYS A 102 -2.82 -11.01 -4.04
N TYR A 103 -2.71 -12.26 -4.48
CA TYR A 103 -1.67 -13.15 -3.96
C TYR A 103 -0.28 -12.55 -4.13
N GLY A 104 0.11 -12.35 -5.39
CA GLY A 104 1.41 -11.77 -5.66
C GLY A 104 1.78 -10.67 -4.70
N ILE A 105 1.07 -9.55 -4.77
CA ILE A 105 1.32 -8.42 -3.89
C ILE A 105 1.75 -8.88 -2.50
N VAL A 106 0.94 -9.76 -1.91
CA VAL A 106 1.24 -10.28 -0.57
C VAL A 106 2.61 -10.95 -0.54
N ASP A 107 2.77 -12.01 -1.32
CA ASP A 107 4.04 -12.73 -1.38
C ASP A 107 5.21 -11.76 -1.51
N TYR A 108 5.02 -10.70 -2.30
CA TYR A 108 6.06 -9.70 -2.51
C TYR A 108 6.36 -8.94 -1.22
N MET A 109 5.33 -8.27 -0.69
CA MET A 109 5.48 -7.50 0.54
C MET A 109 6.22 -8.31 1.60
N ILE A 110 6.01 -9.62 1.59
CA ILE A 110 6.66 -10.51 2.56
C ILE A 110 8.16 -10.54 2.35
N GLU A 111 8.58 -10.86 1.13
CA GLU A 111 10.00 -10.92 0.80
C GLU A 111 10.68 -9.59 1.07
N GLN A 112 9.91 -8.50 0.95
CA GLN A 112 10.45 -7.16 1.18
C GLN A 112 10.80 -6.97 2.65
N SER A 113 9.83 -7.21 3.52
CA SER A 113 10.03 -7.06 4.96
C SER A 113 11.35 -7.70 5.40
N GLY A 114 11.75 -8.76 4.69
CA GLY A 114 12.98 -9.44 5.01
C GLY A 114 12.77 -10.91 5.33
N SER A 115 12.50 -11.70 4.30
CA SER A 115 12.27 -13.13 4.47
C SER A 115 13.49 -13.81 5.08
N GLY A 116 13.26 -14.59 6.12
CA GLY A 116 14.36 -15.29 6.78
C GLY A 116 14.51 -16.71 6.29
N PRO A 117 15.56 -17.40 6.76
CA PRO A 117 15.85 -18.78 6.37
C PRO A 117 14.83 -19.76 6.97
N SER A 118 14.25 -19.39 8.11
CA SER A 118 13.26 -20.23 8.77
C SER A 118 12.34 -20.90 7.76
N SER A 119 12.23 -22.22 7.83
CA SER A 119 11.38 -22.97 6.92
C SER A 119 10.04 -22.28 6.72
N GLY A 120 9.77 -21.85 5.50
CA GLY A 120 8.52 -21.17 5.20
C GLY A 120 7.81 -21.76 3.99
N GLY A 1 -8.36 2.68 23.06
CA GLY A 1 -8.47 1.47 22.24
C GLY A 1 -7.94 1.70 20.84
N SER A 2 -7.22 0.71 20.32
CA SER A 2 -6.65 0.80 18.98
C SER A 2 -7.33 -0.20 18.04
N SER A 3 -7.97 -1.21 18.62
CA SER A 3 -8.65 -2.24 17.83
C SER A 3 -10.11 -1.86 17.60
N GLY A 4 -10.45 -1.59 16.34
CA GLY A 4 -11.80 -1.22 16.01
C GLY A 4 -12.39 -2.08 14.90
N SER A 5 -13.46 -1.60 14.29
CA SER A 5 -14.11 -2.33 13.20
C SER A 5 -14.44 -1.40 12.04
N SER A 6 -13.50 -1.25 11.12
CA SER A 6 -13.69 -0.39 9.96
C SER A 6 -13.28 -1.10 8.68
N GLY A 7 -12.11 -1.73 8.70
CA GLY A 7 -11.61 -2.43 7.53
C GLY A 7 -10.18 -2.88 7.69
N VAL A 8 -9.58 -3.35 6.59
CA VAL A 8 -8.20 -3.81 6.60
C VAL A 8 -7.26 -2.77 5.99
N THR A 9 -7.73 -2.10 4.95
CA THR A 9 -6.93 -1.08 4.27
C THR A 9 -7.05 0.26 4.98
N LEU A 10 -5.95 0.99 5.03
CA LEU A 10 -5.92 2.30 5.68
C LEU A 10 -5.94 3.42 4.64
N SER A 11 -6.74 4.45 4.90
CA SER A 11 -6.85 5.57 4.00
C SER A 11 -5.94 6.72 4.44
N LEU A 12 -4.77 6.80 3.83
CA LEU A 12 -3.81 7.84 4.17
C LEU A 12 -4.09 9.11 3.37
N THR A 13 -4.11 10.25 4.05
CA THR A 13 -4.36 11.53 3.41
C THR A 13 -3.19 12.49 3.62
N LYS A 14 -3.14 13.54 2.79
CA LYS A 14 -2.07 14.53 2.88
C LYS A 14 -1.99 15.11 4.29
N ASP A 15 -3.00 14.81 5.11
CA ASP A 15 -3.02 15.31 6.48
C ASP A 15 -2.47 14.27 7.46
N ASN A 16 -2.60 12.99 7.08
CA ASN A 16 -2.12 11.90 7.92
C ASN A 16 -1.36 10.88 7.08
N PHE A 17 -0.66 11.35 6.06
CA PHE A 17 0.11 10.47 5.19
C PHE A 17 1.55 10.34 5.69
N ASP A 18 2.13 11.45 6.12
CA ASP A 18 3.50 11.45 6.63
C ASP A 18 3.52 11.21 8.14
N ASP A 19 2.34 11.21 8.74
CA ASP A 19 2.23 11.00 10.19
C ASP A 19 1.91 9.54 10.50
N VAL A 20 1.34 8.85 9.52
CA VAL A 20 0.99 7.44 9.69
C VAL A 20 2.07 6.53 9.10
N VAL A 21 2.40 6.74 7.83
CA VAL A 21 3.42 5.95 7.17
C VAL A 21 4.73 5.97 7.94
N ASN A 22 5.08 7.13 8.48
CA ASN A 22 6.30 7.28 9.25
C ASN A 22 6.27 6.43 10.51
N ASN A 23 5.05 6.10 10.97
CA ASN A 23 4.88 5.28 12.16
C ASN A 23 4.63 3.82 11.80
N ALA A 24 4.91 3.48 10.55
CA ALA A 24 4.71 2.11 10.07
C ALA A 24 6.01 1.53 9.54
N ASP A 25 6.72 0.78 10.38
CA ASP A 25 7.98 0.17 10.00
C ASP A 25 7.95 -0.26 8.53
N ILE A 26 6.86 -0.90 8.13
CA ILE A 26 6.71 -1.35 6.76
C ILE A 26 5.25 -1.27 6.30
N ILE A 27 4.96 -0.31 5.43
CA ILE A 27 3.61 -0.13 4.91
C ILE A 27 3.61 0.08 3.40
N LEU A 28 2.52 -0.31 2.75
CA LEU A 28 2.40 -0.16 1.31
C LEU A 28 1.30 0.83 0.95
N VAL A 29 1.58 1.69 -0.03
CA VAL A 29 0.61 2.68 -0.46
C VAL A 29 0.31 2.54 -1.95
N GLU A 30 -0.94 2.24 -2.27
CA GLU A 30 -1.36 2.07 -3.66
C GLU A 30 -2.23 3.24 -4.11
N PHE A 31 -1.70 4.05 -5.02
CA PHE A 31 -2.42 5.20 -5.54
C PHE A 31 -3.42 4.78 -6.61
N TYR A 32 -4.71 4.89 -6.28
CA TYR A 32 -5.77 4.51 -7.21
C TYR A 32 -6.70 5.70 -7.47
N ALA A 33 -7.48 5.60 -8.54
CA ALA A 33 -8.42 6.65 -8.90
C ALA A 33 -9.82 6.08 -9.14
N PRO A 34 -10.84 6.75 -8.57
CA PRO A 34 -12.24 6.34 -8.71
C PRO A 34 -12.76 6.53 -10.13
N TRP A 35 -11.89 6.98 -11.02
CA TRP A 35 -12.27 7.20 -12.42
C TRP A 35 -11.46 6.30 -13.35
N CYS A 36 -10.30 5.87 -12.89
CA CYS A 36 -9.43 5.00 -13.68
C CYS A 36 -9.91 3.55 -13.62
N GLY A 37 -10.33 3.03 -14.77
CA GLY A 37 -10.80 1.66 -14.82
C GLY A 37 -9.77 0.66 -14.35
N HIS A 38 -8.61 0.66 -15.01
CA HIS A 38 -7.53 -0.25 -14.65
C HIS A 38 -7.47 -0.46 -13.14
N CYS A 39 -7.75 0.60 -12.40
CA CYS A 39 -7.73 0.55 -10.94
C CYS A 39 -8.89 -0.29 -10.41
N LYS A 40 -10.08 -0.05 -10.94
CA LYS A 40 -11.27 -0.78 -10.53
C LYS A 40 -10.99 -2.27 -10.41
N LYS A 41 -9.95 -2.72 -11.11
CA LYS A 41 -9.56 -4.13 -11.07
C LYS A 41 -8.63 -4.42 -9.90
N LEU A 42 -7.77 -3.46 -9.59
CA LEU A 42 -6.82 -3.61 -8.49
C LEU A 42 -7.51 -3.40 -7.15
N ALA A 43 -8.47 -2.47 -7.13
CA ALA A 43 -9.21 -2.17 -5.91
C ALA A 43 -9.36 -3.41 -5.04
N PRO A 44 -10.00 -4.45 -5.60
CA PRO A 44 -10.22 -5.72 -4.89
C PRO A 44 -8.92 -6.49 -4.67
N GLU A 45 -8.00 -6.38 -5.61
CA GLU A 45 -6.72 -7.06 -5.53
C GLU A 45 -5.87 -6.51 -4.38
N TYR A 46 -6.08 -5.23 -4.07
CA TYR A 46 -5.33 -4.59 -3.00
C TYR A 46 -6.00 -4.82 -1.65
N GLU A 47 -7.30 -4.52 -1.57
CA GLU A 47 -8.05 -4.70 -0.33
C GLU A 47 -7.99 -6.15 0.13
N LYS A 48 -7.98 -7.07 -0.83
CA LYS A 48 -7.93 -8.50 -0.51
C LYS A 48 -6.57 -8.86 0.11
N ALA A 49 -5.49 -8.53 -0.60
CA ALA A 49 -4.15 -8.82 -0.12
C ALA A 49 -3.96 -8.32 1.31
N ALA A 50 -4.68 -7.26 1.67
CA ALA A 50 -4.58 -6.70 3.01
C ALA A 50 -5.12 -7.67 4.05
N LYS A 51 -6.11 -8.47 3.66
CA LYS A 51 -6.71 -9.45 4.56
C LYS A 51 -5.74 -10.61 4.82
N GLU A 52 -5.06 -11.06 3.77
CA GLU A 52 -4.11 -12.15 3.89
C GLU A 52 -2.89 -11.73 4.68
N LEU A 53 -2.50 -10.47 4.53
CA LEU A 53 -1.33 -9.93 5.24
C LEU A 53 -1.67 -9.65 6.70
N SER A 54 -2.81 -9.01 6.93
CA SER A 54 -3.25 -8.68 8.28
C SER A 54 -3.33 -9.93 9.15
N LYS A 55 -3.50 -11.08 8.51
CA LYS A 55 -3.59 -12.35 9.22
C LYS A 55 -2.25 -13.06 9.25
N ARG A 56 -1.39 -12.74 8.27
CA ARG A 56 -0.07 -13.34 8.20
C ARG A 56 0.81 -12.87 9.35
N SER A 57 2.08 -13.28 9.32
CA SER A 57 3.02 -12.90 10.37
C SER A 57 4.46 -12.93 9.85
N PRO A 58 5.15 -11.80 9.96
CA PRO A 58 4.58 -10.58 10.55
C PRO A 58 3.50 -9.95 9.67
N PRO A 59 2.43 -9.45 10.30
CA PRO A 59 1.31 -8.82 9.59
C PRO A 59 1.70 -7.48 8.98
N ILE A 60 1.62 -7.38 7.66
CA ILE A 60 1.95 -6.16 6.96
C ILE A 60 0.70 -5.40 6.54
N PRO A 61 0.41 -4.30 7.24
CA PRO A 61 -0.75 -3.46 6.96
C PRO A 61 -0.63 -2.70 5.64
N LEU A 62 -1.75 -2.50 4.96
CA LEU A 62 -1.75 -1.80 3.69
C LEU A 62 -2.57 -0.50 3.79
N ALA A 63 -2.37 0.39 2.81
CA ALA A 63 -3.09 1.65 2.79
C ALA A 63 -3.39 2.09 1.36
N LYS A 64 -4.57 2.64 1.15
CA LYS A 64 -4.99 3.11 -0.17
C LYS A 64 -5.10 4.62 -0.21
N VAL A 65 -4.49 5.24 -1.22
CA VAL A 65 -4.54 6.69 -1.36
C VAL A 65 -5.12 7.09 -2.72
N ASP A 66 -6.07 8.02 -2.70
CA ASP A 66 -6.71 8.48 -3.92
C ASP A 66 -5.90 9.61 -4.55
N ALA A 67 -4.98 9.24 -5.45
CA ALA A 67 -4.14 10.21 -6.12
C ALA A 67 -4.97 11.32 -6.75
N THR A 68 -6.27 11.07 -6.89
CA THR A 68 -7.18 12.04 -7.48
C THR A 68 -7.44 13.20 -6.51
N GLU A 69 -7.56 12.88 -5.22
CA GLU A 69 -7.80 13.90 -4.20
C GLU A 69 -6.50 14.29 -3.51
N GLN A 70 -5.63 13.32 -3.31
CA GLN A 70 -4.34 13.57 -2.67
C GLN A 70 -3.25 13.79 -3.69
N THR A 71 -3.57 14.52 -4.75
CA THR A 71 -2.61 14.80 -5.81
C THR A 71 -1.27 15.24 -5.24
N ASP A 72 -1.32 16.13 -4.25
CA ASP A 72 -0.12 16.64 -3.61
C ASP A 72 0.86 15.50 -3.32
N LEU A 73 0.37 14.46 -2.67
CA LEU A 73 1.20 13.31 -2.32
C LEU A 73 1.69 12.61 -3.58
N ALA A 74 0.80 12.42 -4.54
CA ALA A 74 1.15 11.77 -5.80
C ALA A 74 2.34 12.47 -6.46
N LYS A 75 2.20 13.76 -6.70
CA LYS A 75 3.26 14.54 -7.34
C LYS A 75 4.59 14.30 -6.65
N ARG A 76 4.58 14.29 -5.31
CA ARG A 76 5.79 14.07 -4.54
C ARG A 76 6.46 12.76 -4.93
N PHE A 77 5.65 11.78 -5.31
CA PHE A 77 6.16 10.47 -5.71
C PHE A 77 6.07 10.29 -7.22
N ASP A 78 6.12 11.40 -7.95
CA ASP A 78 6.04 11.37 -9.40
C ASP A 78 5.02 10.35 -9.87
N VAL A 79 3.84 10.37 -9.25
CA VAL A 79 2.77 9.45 -9.60
C VAL A 79 1.95 9.97 -10.78
N SER A 80 2.35 9.60 -12.00
CA SER A 80 1.66 10.04 -13.20
C SER A 80 1.15 8.84 -14.00
N GLY A 81 0.52 7.90 -13.30
CA GLY A 81 0.00 6.72 -13.96
C GLY A 81 -0.42 5.64 -12.99
N TYR A 82 -1.72 5.55 -12.73
CA TYR A 82 -2.24 4.55 -11.80
C TYR A 82 -2.67 3.29 -12.54
N PRO A 83 -2.71 2.16 -11.81
CA PRO A 83 -2.37 2.13 -10.38
C PRO A 83 -0.88 2.34 -10.14
N THR A 84 -0.56 2.93 -9.00
CA THR A 84 0.83 3.20 -8.64
C THR A 84 1.12 2.78 -7.20
N LEU A 85 1.85 1.67 -7.06
CA LEU A 85 2.20 1.16 -5.74
C LEU A 85 3.59 1.63 -5.33
N LYS A 86 3.77 1.85 -4.02
CA LYS A 86 5.05 2.30 -3.50
C LYS A 86 5.22 1.89 -2.03
N ILE A 87 6.37 1.32 -1.71
CA ILE A 87 6.65 0.89 -0.34
C ILE A 87 7.30 2.01 0.46
N PHE A 88 6.97 2.07 1.75
CA PHE A 88 7.52 3.09 2.64
C PHE A 88 8.12 2.46 3.88
N ARG A 89 9.33 2.89 4.23
CA ARG A 89 10.02 2.37 5.41
C ARG A 89 10.40 3.48 6.37
N LYS A 90 9.66 3.59 7.46
CA LYS A 90 9.90 4.62 8.46
C LYS A 90 10.04 5.99 7.81
N GLY A 91 9.28 6.20 6.73
CA GLY A 91 9.35 7.47 6.03
C GLY A 91 10.30 7.46 4.85
N ARG A 92 10.38 6.32 4.19
CA ARG A 92 11.28 6.16 3.04
C ARG A 92 10.58 5.41 1.92
N PRO A 93 10.18 6.14 0.87
CA PRO A 93 9.50 5.55 -0.29
C PRO A 93 10.43 4.69 -1.14
N PHE A 94 9.88 3.65 -1.75
CA PHE A 94 10.66 2.75 -2.59
C PHE A 94 9.84 2.24 -3.77
N ASP A 95 10.44 2.22 -4.94
CA ASP A 95 9.77 1.75 -6.15
C ASP A 95 9.26 0.32 -5.97
N TYR A 96 7.95 0.15 -6.07
CA TYR A 96 7.33 -1.16 -5.92
C TYR A 96 7.33 -1.91 -7.24
N ASN A 97 8.15 -2.95 -7.33
CA ASN A 97 8.23 -3.76 -8.54
C ASN A 97 7.87 -5.21 -8.26
N GLY A 98 6.78 -5.67 -8.85
CA GLY A 98 6.34 -7.04 -8.65
C GLY A 98 4.94 -7.29 -9.18
N PRO A 99 4.30 -8.37 -8.69
CA PRO A 99 2.95 -8.73 -9.10
C PRO A 99 1.90 -7.75 -8.60
N ARG A 100 0.91 -7.47 -9.45
CA ARG A 100 -0.16 -6.55 -9.08
C ARG A 100 -1.45 -7.29 -8.79
N GLU A 101 -1.32 -8.48 -8.21
CA GLU A 101 -2.49 -9.30 -7.88
C GLU A 101 -2.59 -9.53 -6.37
N LYS A 102 -3.77 -9.95 -5.93
CA LYS A 102 -4.00 -10.20 -4.51
C LYS A 102 -2.87 -11.04 -3.92
N TYR A 103 -2.76 -12.28 -4.36
CA TYR A 103 -1.72 -13.19 -3.87
C TYR A 103 -0.33 -12.57 -4.05
N GLY A 104 0.06 -12.38 -5.31
CA GLY A 104 1.36 -11.80 -5.59
C GLY A 104 1.71 -10.67 -4.64
N ILE A 105 0.99 -9.55 -4.76
CA ILE A 105 1.23 -8.40 -3.91
C ILE A 105 1.64 -8.83 -2.50
N VAL A 106 0.89 -9.77 -1.94
CA VAL A 106 1.17 -10.27 -0.59
C VAL A 106 2.57 -10.86 -0.52
N ASP A 107 2.78 -11.97 -1.22
CA ASP A 107 4.07 -12.65 -1.23
C ASP A 107 5.21 -11.63 -1.37
N TYR A 108 4.99 -10.60 -2.17
CA TYR A 108 5.99 -9.57 -2.38
C TYR A 108 6.30 -8.82 -1.09
N MET A 109 5.28 -8.19 -0.52
CA MET A 109 5.43 -7.44 0.72
C MET A 109 6.31 -8.21 1.70
N ILE A 110 6.05 -9.50 1.86
CA ILE A 110 6.81 -10.34 2.77
C ILE A 110 8.30 -10.33 2.41
N GLU A 111 8.63 -10.90 1.26
CA GLU A 111 10.01 -10.94 0.80
C GLU A 111 10.69 -9.58 0.95
N GLN A 112 9.90 -8.52 0.84
CA GLN A 112 10.42 -7.16 0.96
C GLN A 112 10.76 -6.85 2.41
N SER A 113 9.82 -7.11 3.30
CA SER A 113 10.01 -6.85 4.73
C SER A 113 11.37 -7.36 5.19
N GLY A 114 11.92 -8.31 4.44
CA GLY A 114 13.21 -8.87 4.79
C GLY A 114 13.27 -10.37 4.61
N SER A 115 13.32 -10.82 3.36
CA SER A 115 13.37 -12.25 3.06
C SER A 115 14.59 -12.91 3.70
N GLY A 116 14.34 -13.96 4.47
CA GLY A 116 15.42 -14.65 5.14
C GLY A 116 16.20 -15.56 4.20
N PRO A 117 16.12 -16.88 4.46
CA PRO A 117 16.81 -17.89 3.64
C PRO A 117 16.18 -18.03 2.26
N SER A 118 15.00 -17.47 2.09
CA SER A 118 14.29 -17.54 0.81
C SER A 118 14.57 -16.29 -0.03
N SER A 119 14.79 -16.50 -1.32
CA SER A 119 15.07 -15.40 -2.23
C SER A 119 13.83 -15.04 -3.05
N GLY A 120 13.21 -16.06 -3.64
CA GLY A 120 12.02 -15.83 -4.44
C GLY A 120 11.92 -16.79 -5.62
N GLY A 1 -8.89 0.75 26.23
CA GLY A 1 -9.39 1.51 25.10
C GLY A 1 -9.24 0.77 23.79
N SER A 2 -10.32 0.70 23.02
CA SER A 2 -10.29 0.01 21.73
C SER A 2 -10.60 0.98 20.59
N SER A 3 -10.06 0.68 19.42
CA SER A 3 -10.28 1.53 18.25
C SER A 3 -10.94 0.74 17.12
N GLY A 4 -11.56 1.46 16.19
CA GLY A 4 -12.23 0.83 15.08
C GLY A 4 -11.27 0.44 13.97
N SER A 5 -11.40 -0.79 13.49
CA SER A 5 -10.52 -1.29 12.42
C SER A 5 -11.29 -1.40 11.10
N SER A 6 -12.05 -0.35 10.78
CA SER A 6 -12.83 -0.33 9.54
C SER A 6 -11.98 -0.76 8.35
N GLY A 7 -12.30 -1.92 7.79
CA GLY A 7 -11.56 -2.41 6.65
C GLY A 7 -10.10 -2.69 6.99
N VAL A 8 -9.46 -3.53 6.17
CA VAL A 8 -8.06 -3.88 6.38
C VAL A 8 -7.14 -2.79 5.85
N THR A 9 -7.49 -2.22 4.71
CA THR A 9 -6.69 -1.18 4.09
C THR A 9 -6.90 0.16 4.80
N LEU A 10 -5.82 0.93 4.92
CA LEU A 10 -5.89 2.23 5.58
C LEU A 10 -5.96 3.37 4.55
N SER A 11 -6.77 4.38 4.86
CA SER A 11 -6.93 5.52 3.96
C SER A 11 -6.04 6.67 4.38
N LEU A 12 -4.94 6.84 3.66
CA LEU A 12 -3.99 7.92 3.97
C LEU A 12 -4.26 9.14 3.09
N THR A 13 -4.20 10.32 3.70
CA THR A 13 -4.44 11.56 2.98
C THR A 13 -3.21 12.48 3.04
N LYS A 14 -3.29 13.61 2.35
CA LYS A 14 -2.19 14.56 2.33
C LYS A 14 -2.13 15.37 3.63
N ASP A 15 -2.61 14.76 4.72
CA ASP A 15 -2.61 15.41 6.01
C ASP A 15 -2.10 14.47 7.10
N ASN A 16 -2.20 13.17 6.84
CA ASN A 16 -1.75 12.17 7.80
C ASN A 16 -0.93 11.08 7.09
N PHE A 17 -0.43 11.40 5.91
CA PHE A 17 0.37 10.45 5.13
C PHE A 17 1.76 10.28 5.76
N ASP A 18 2.42 11.40 6.04
CA ASP A 18 3.76 11.36 6.62
C ASP A 18 3.68 11.19 8.14
N ASP A 19 2.46 11.24 8.67
CA ASP A 19 2.24 11.10 10.11
C ASP A 19 1.88 9.65 10.46
N VAL A 20 1.33 8.94 9.49
CA VAL A 20 0.93 7.55 9.68
C VAL A 20 2.01 6.59 9.17
N VAL A 21 2.40 6.77 7.91
CA VAL A 21 3.43 5.93 7.30
C VAL A 21 4.71 5.95 8.12
N ASN A 22 5.10 7.14 8.58
CA ASN A 22 6.31 7.30 9.37
C ASN A 22 6.23 6.48 10.66
N ASN A 23 5.00 6.15 11.07
CA ASN A 23 4.79 5.38 12.28
C ASN A 23 4.62 3.89 11.97
N ALA A 24 4.48 3.59 10.68
CA ALA A 24 4.31 2.21 10.24
C ALA A 24 5.64 1.62 9.75
N ASP A 25 6.27 0.82 10.60
CA ASP A 25 7.54 0.19 10.26
C ASP A 25 7.61 -0.15 8.78
N ILE A 26 6.64 -0.95 8.33
CA ILE A 26 6.58 -1.34 6.93
C ILE A 26 5.15 -1.29 6.40
N ILE A 27 4.88 -0.30 5.56
CA ILE A 27 3.55 -0.13 4.98
C ILE A 27 3.64 0.11 3.48
N LEU A 28 2.58 -0.27 2.76
CA LEU A 28 2.53 -0.09 1.31
C LEU A 28 1.37 0.82 0.91
N VAL A 29 1.63 1.71 -0.03
CA VAL A 29 0.61 2.64 -0.51
C VAL A 29 0.25 2.36 -1.97
N GLU A 30 -1.03 2.46 -2.28
CA GLU A 30 -1.51 2.21 -3.64
C GLU A 30 -2.36 3.38 -4.14
N PHE A 31 -1.73 4.28 -4.90
CA PHE A 31 -2.42 5.43 -5.44
C PHE A 31 -3.39 5.02 -6.55
N TYR A 32 -4.68 5.06 -6.24
CA TYR A 32 -5.69 4.69 -7.22
C TYR A 32 -6.62 5.86 -7.52
N ALA A 33 -7.42 5.74 -8.57
CA ALA A 33 -8.35 6.79 -8.96
C ALA A 33 -9.76 6.24 -9.16
N PRO A 34 -10.75 6.94 -8.61
CA PRO A 34 -12.16 6.53 -8.71
C PRO A 34 -12.71 6.68 -10.13
N TRP A 35 -11.84 7.09 -11.05
CA TRP A 35 -12.24 7.26 -12.45
C TRP A 35 -11.45 6.33 -13.36
N CYS A 36 -10.34 5.80 -12.84
CA CYS A 36 -9.50 4.89 -13.62
C CYS A 36 -10.07 3.48 -13.61
N GLY A 37 -10.70 3.10 -14.72
CA GLY A 37 -11.28 1.78 -14.82
C GLY A 37 -10.29 0.67 -14.50
N HIS A 38 -9.03 0.91 -14.81
CA HIS A 38 -7.97 -0.07 -14.56
C HIS A 38 -7.74 -0.23 -13.07
N CYS A 39 -7.79 0.87 -12.33
CA CYS A 39 -7.59 0.84 -10.89
C CYS A 39 -8.73 0.12 -10.18
N LYS A 40 -9.81 -0.11 -10.92
CA LYS A 40 -10.97 -0.79 -10.37
C LYS A 40 -10.70 -2.28 -10.19
N LYS A 41 -9.85 -2.83 -11.05
CA LYS A 41 -9.49 -4.25 -10.99
C LYS A 41 -8.54 -4.52 -9.84
N LEU A 42 -7.64 -3.58 -9.58
CA LEU A 42 -6.67 -3.71 -8.50
C LEU A 42 -7.30 -3.38 -7.15
N ALA A 43 -8.32 -2.52 -7.18
CA ALA A 43 -9.01 -2.13 -5.96
C ALA A 43 -9.23 -3.32 -5.04
N PRO A 44 -9.97 -4.32 -5.54
CA PRO A 44 -10.27 -5.54 -4.78
C PRO A 44 -9.04 -6.41 -4.57
N GLU A 45 -8.12 -6.37 -5.53
CA GLU A 45 -6.90 -7.15 -5.45
C GLU A 45 -5.95 -6.59 -4.39
N TYR A 46 -6.11 -5.30 -4.09
CA TYR A 46 -5.26 -4.65 -3.09
C TYR A 46 -5.85 -4.81 -1.70
N GLU A 47 -7.15 -4.52 -1.56
CA GLU A 47 -7.84 -4.64 -0.28
C GLU A 47 -7.87 -6.09 0.19
N LYS A 48 -7.93 -7.01 -0.76
CA LYS A 48 -7.98 -8.44 -0.44
C LYS A 48 -6.62 -8.92 0.06
N ALA A 49 -5.55 -8.44 -0.58
CA ALA A 49 -4.20 -8.82 -0.20
C ALA A 49 -3.89 -8.37 1.24
N ALA A 50 -4.53 -7.29 1.66
CA ALA A 50 -4.33 -6.77 3.00
C ALA A 50 -4.90 -7.72 4.06
N LYS A 51 -5.85 -8.54 3.65
CA LYS A 51 -6.47 -9.50 4.57
C LYS A 51 -5.52 -10.65 4.87
N GLU A 52 -4.86 -11.16 3.84
CA GLU A 52 -3.93 -12.27 4.00
C GLU A 52 -2.71 -11.83 4.82
N LEU A 53 -2.19 -10.64 4.51
CA LEU A 53 -1.03 -10.11 5.22
C LEU A 53 -1.37 -9.78 6.67
N SER A 54 -2.51 -9.13 6.86
CA SER A 54 -2.95 -8.75 8.21
C SER A 54 -2.94 -9.97 9.14
N LYS A 55 -3.28 -11.13 8.58
CA LYS A 55 -3.30 -12.36 9.36
C LYS A 55 -1.93 -13.00 9.41
N ARG A 56 -1.09 -12.67 8.45
CA ARG A 56 0.26 -13.22 8.38
C ARG A 56 1.13 -12.70 9.52
N SER A 57 2.40 -13.06 9.53
CA SER A 57 3.32 -12.64 10.56
C SER A 57 4.77 -12.66 10.05
N PRO A 58 5.43 -11.49 10.12
CA PRO A 58 4.82 -10.27 10.65
C PRO A 58 3.75 -9.71 9.72
N PRO A 59 2.67 -9.19 10.33
CA PRO A 59 1.54 -8.62 9.58
C PRO A 59 1.92 -7.30 8.90
N ILE A 60 1.75 -7.26 7.58
CA ILE A 60 2.06 -6.06 6.81
C ILE A 60 0.79 -5.35 6.36
N PRO A 61 0.43 -4.28 7.07
CA PRO A 61 -0.76 -3.49 6.76
C PRO A 61 -0.61 -2.69 5.48
N LEU A 62 -1.71 -2.56 4.73
CA LEU A 62 -1.69 -1.83 3.47
C LEU A 62 -2.53 -0.56 3.58
N ALA A 63 -2.32 0.37 2.64
CA ALA A 63 -3.06 1.62 2.62
C ALA A 63 -3.39 2.04 1.20
N LYS A 64 -4.57 2.61 1.02
CA LYS A 64 -5.02 3.06 -0.30
C LYS A 64 -5.19 4.58 -0.33
N VAL A 65 -4.52 5.23 -1.27
CA VAL A 65 -4.60 6.68 -1.41
C VAL A 65 -5.21 7.08 -2.75
N ASP A 66 -6.03 8.11 -2.74
CA ASP A 66 -6.67 8.60 -3.96
C ASP A 66 -5.86 9.73 -4.59
N ALA A 67 -4.90 9.36 -5.42
CA ALA A 67 -4.06 10.35 -6.09
C ALA A 67 -4.90 11.48 -6.69
N THR A 68 -6.20 11.20 -6.89
CA THR A 68 -7.10 12.19 -7.46
C THR A 68 -7.35 13.34 -6.48
N GLU A 69 -7.50 13.00 -5.21
CA GLU A 69 -7.74 14.00 -4.18
C GLU A 69 -6.44 14.37 -3.45
N GLN A 70 -5.52 13.42 -3.39
CA GLN A 70 -4.24 13.64 -2.72
C GLN A 70 -3.13 13.88 -3.75
N THR A 71 -3.46 14.60 -4.81
CA THR A 71 -2.50 14.91 -5.86
C THR A 71 -1.17 15.36 -5.28
N ASP A 72 -1.24 16.16 -4.22
CA ASP A 72 -0.03 16.66 -3.55
C ASP A 72 0.95 15.52 -3.27
N LEU A 73 0.43 14.39 -2.80
CA LEU A 73 1.26 13.24 -2.49
C LEU A 73 1.77 12.59 -3.77
N ALA A 74 0.89 12.45 -4.75
CA ALA A 74 1.25 11.85 -6.03
C ALA A 74 2.45 12.56 -6.66
N LYS A 75 2.31 13.87 -6.85
CA LYS A 75 3.37 14.67 -7.45
C LYS A 75 4.71 14.39 -6.76
N ARG A 76 4.68 14.29 -5.44
CA ARG A 76 5.88 14.03 -4.66
C ARG A 76 6.52 12.71 -5.09
N PHE A 77 5.70 11.74 -5.45
CA PHE A 77 6.19 10.44 -5.88
C PHE A 77 6.14 10.31 -7.40
N ASP A 78 6.16 11.45 -8.09
CA ASP A 78 6.12 11.47 -9.55
C ASP A 78 5.08 10.49 -10.07
N VAL A 79 3.93 10.44 -9.41
CA VAL A 79 2.85 9.54 -9.81
C VAL A 79 2.04 10.14 -10.95
N SER A 80 2.25 9.62 -12.16
CA SER A 80 1.53 10.11 -13.33
C SER A 80 0.95 8.95 -14.14
N GLY A 81 0.49 7.92 -13.43
CA GLY A 81 -0.08 6.76 -14.09
C GLY A 81 -0.53 5.70 -13.12
N TYR A 82 -1.84 5.63 -12.88
CA TYR A 82 -2.39 4.65 -11.95
C TYR A 82 -2.79 3.37 -12.69
N PRO A 83 -2.82 2.24 -11.95
CA PRO A 83 -2.50 2.23 -10.51
C PRO A 83 -1.01 2.47 -10.25
N THR A 84 -0.71 3.08 -9.11
CA THR A 84 0.67 3.37 -8.74
C THR A 84 0.95 2.95 -7.31
N LEU A 85 1.56 1.77 -7.14
CA LEU A 85 1.89 1.27 -5.82
C LEU A 85 3.32 1.62 -5.44
N LYS A 86 3.55 1.86 -4.15
CA LYS A 86 4.88 2.20 -3.65
C LYS A 86 5.03 1.81 -2.19
N ILE A 87 6.15 1.18 -1.86
CA ILE A 87 6.41 0.76 -0.49
C ILE A 87 7.01 1.90 0.33
N PHE A 88 6.75 1.89 1.64
CA PHE A 88 7.26 2.92 2.53
C PHE A 88 7.78 2.31 3.82
N ARG A 89 8.96 2.77 4.25
CA ARG A 89 9.58 2.26 5.47
C ARG A 89 9.95 3.41 6.41
N LYS A 90 9.18 3.55 7.48
CA LYS A 90 9.43 4.61 8.46
C LYS A 90 9.64 5.96 7.77
N GLY A 91 8.97 6.14 6.63
CA GLY A 91 9.10 7.39 5.89
C GLY A 91 10.09 7.28 4.75
N ARG A 92 10.19 6.09 4.15
CA ARG A 92 11.10 5.86 3.05
C ARG A 92 10.40 5.17 1.89
N PRO A 93 10.00 5.95 0.87
CA PRO A 93 9.31 5.42 -0.31
C PRO A 93 10.23 4.58 -1.19
N PHE A 94 9.67 3.54 -1.80
CA PHE A 94 10.44 2.66 -2.67
C PHE A 94 9.59 2.18 -3.84
N ASP A 95 10.07 2.42 -5.05
CA ASP A 95 9.36 2.02 -6.26
C ASP A 95 8.93 0.55 -6.17
N TYR A 96 7.63 0.32 -6.04
CA TYR A 96 7.09 -1.03 -5.94
C TYR A 96 7.17 -1.74 -7.29
N ASN A 97 7.92 -2.84 -7.31
CA ASN A 97 8.07 -3.62 -8.54
C ASN A 97 7.76 -5.10 -8.29
N GLY A 98 6.70 -5.58 -8.93
CA GLY A 98 6.31 -6.97 -8.76
C GLY A 98 4.93 -7.26 -9.31
N PRO A 99 4.32 -8.36 -8.83
CA PRO A 99 2.98 -8.77 -9.27
C PRO A 99 1.89 -7.82 -8.76
N ARG A 100 0.87 -7.62 -9.58
CA ARG A 100 -0.24 -6.73 -9.21
C ARG A 100 -1.49 -7.54 -8.87
N GLU A 101 -1.29 -8.73 -8.32
CA GLU A 101 -2.39 -9.60 -7.94
C GLU A 101 -2.46 -9.79 -6.43
N LYS A 102 -3.66 -9.98 -5.91
CA LYS A 102 -3.86 -10.18 -4.48
C LYS A 102 -2.73 -11.01 -3.88
N TYR A 103 -2.60 -12.25 -4.36
CA TYR A 103 -1.56 -13.16 -3.88
C TYR A 103 -0.18 -12.56 -4.09
N GLY A 104 0.16 -12.26 -5.35
CA GLY A 104 1.45 -11.69 -5.66
C GLY A 104 1.85 -10.60 -4.69
N ILE A 105 1.10 -9.51 -4.69
CA ILE A 105 1.39 -8.39 -3.80
C ILE A 105 1.79 -8.88 -2.40
N VAL A 106 1.05 -9.85 -1.89
CA VAL A 106 1.33 -10.40 -0.57
C VAL A 106 2.71 -11.04 -0.54
N ASP A 107 2.94 -12.01 -1.40
CA ASP A 107 4.22 -12.70 -1.47
C ASP A 107 5.37 -11.71 -1.55
N TYR A 108 5.15 -10.61 -2.27
CA TYR A 108 6.17 -9.58 -2.43
C TYR A 108 6.41 -8.84 -1.12
N MET A 109 5.38 -8.14 -0.64
CA MET A 109 5.48 -7.40 0.60
C MET A 109 6.22 -8.21 1.66
N ILE A 110 5.99 -9.52 1.67
CA ILE A 110 6.63 -10.40 2.63
C ILE A 110 8.15 -10.42 2.45
N GLU A 111 8.58 -10.84 1.27
CA GLU A 111 10.00 -10.89 0.96
C GLU A 111 10.68 -9.55 1.23
N GLN A 112 9.92 -8.48 1.10
CA GLN A 112 10.44 -7.13 1.33
C GLN A 112 10.78 -6.93 2.81
N SER A 113 9.77 -7.09 3.66
CA SER A 113 9.96 -6.92 5.11
C SER A 113 11.25 -7.59 5.56
N GLY A 114 11.53 -8.76 5.02
CA GLY A 114 12.74 -9.49 5.38
C GLY A 114 12.52 -10.99 5.42
N SER A 115 12.64 -11.63 4.27
CA SER A 115 12.46 -13.07 4.17
C SER A 115 13.80 -13.79 4.11
N GLY A 116 14.36 -14.06 5.29
CA GLY A 116 15.65 -14.74 5.36
C GLY A 116 16.82 -13.77 5.32
N PRO A 117 17.96 -14.21 5.87
CA PRO A 117 19.18 -13.40 5.90
C PRO A 117 19.80 -13.20 4.52
N SER A 118 19.84 -14.27 3.74
CA SER A 118 20.41 -14.22 2.39
C SER A 118 21.90 -13.94 2.45
N SER A 119 22.59 -14.59 3.38
CA SER A 119 24.03 -14.42 3.54
C SER A 119 24.79 -15.48 2.77
N GLY A 120 25.92 -15.08 2.17
CA GLY A 120 26.73 -16.01 1.41
C GLY A 120 25.88 -16.98 0.59
N GLY A 1 -7.77 10.54 14.79
CA GLY A 1 -9.05 9.88 14.77
C GLY A 1 -10.08 10.64 13.95
N SER A 2 -10.41 10.10 12.78
CA SER A 2 -11.38 10.73 11.89
C SER A 2 -12.50 9.76 11.53
N SER A 3 -13.60 10.31 11.03
CA SER A 3 -14.75 9.50 10.64
C SER A 3 -14.37 8.51 9.54
N GLY A 4 -14.71 7.24 9.73
CA GLY A 4 -14.40 6.22 8.76
C GLY A 4 -13.18 5.41 9.12
N SER A 5 -12.28 5.21 8.16
CA SER A 5 -11.07 4.45 8.40
C SER A 5 -11.40 3.01 8.78
N SER A 6 -12.31 2.40 8.05
CA SER A 6 -12.73 1.03 8.32
C SER A 6 -12.20 0.08 7.24
N GLY A 7 -12.03 -1.19 7.61
CA GLY A 7 -11.53 -2.18 6.67
C GLY A 7 -10.06 -2.46 6.87
N VAL A 8 -9.57 -3.50 6.20
CA VAL A 8 -8.16 -3.89 6.30
C VAL A 8 -7.26 -2.80 5.74
N THR A 9 -7.68 -2.17 4.64
CA THR A 9 -6.92 -1.12 4.02
C THR A 9 -7.06 0.20 4.77
N LEU A 10 -5.97 0.94 4.88
CA LEU A 10 -5.98 2.23 5.58
C LEU A 10 -6.03 3.39 4.59
N SER A 11 -6.75 4.43 4.96
CA SER A 11 -6.89 5.61 4.11
C SER A 11 -5.95 6.72 4.56
N LEU A 12 -4.92 6.98 3.76
CA LEU A 12 -3.94 8.02 4.08
C LEU A 12 -4.14 9.25 3.19
N THR A 13 -4.15 10.42 3.81
CA THR A 13 -4.33 11.67 3.08
C THR A 13 -3.13 12.59 3.25
N LYS A 14 -3.05 13.60 2.41
CA LYS A 14 -1.95 14.56 2.47
C LYS A 14 -1.87 15.22 3.84
N ASP A 15 -2.87 14.96 4.67
CA ASP A 15 -2.91 15.52 6.02
C ASP A 15 -2.42 14.51 7.05
N ASN A 16 -2.60 13.23 6.74
CA ASN A 16 -2.17 12.16 7.64
C ASN A 16 -1.44 11.06 6.87
N PHE A 17 -0.69 11.46 5.85
CA PHE A 17 0.06 10.51 5.03
C PHE A 17 1.47 10.30 5.58
N ASP A 18 2.11 11.41 5.96
CA ASP A 18 3.46 11.36 6.50
C ASP A 18 3.43 11.19 8.02
N ASP A 19 2.24 11.26 8.59
CA ASP A 19 2.08 11.13 10.03
C ASP A 19 1.70 9.69 10.40
N VAL A 20 1.12 8.98 9.46
CA VAL A 20 0.71 7.60 9.68
C VAL A 20 1.76 6.62 9.13
N VAL A 21 2.14 6.82 7.88
CA VAL A 21 3.14 5.96 7.25
C VAL A 21 4.44 5.96 8.03
N ASN A 22 4.84 7.14 8.51
CA ASN A 22 6.08 7.28 9.28
C ASN A 22 6.03 6.42 10.54
N ASN A 23 4.82 6.18 11.05
CA ASN A 23 4.63 5.37 12.25
C ASN A 23 4.35 3.92 11.90
N ALA A 24 4.64 3.55 10.65
CA ALA A 24 4.42 2.19 10.18
C ALA A 24 5.72 1.55 9.71
N ASP A 25 6.34 0.77 10.59
CA ASP A 25 7.60 0.09 10.27
C ASP A 25 7.63 -0.30 8.80
N ILE A 26 6.58 -0.95 8.33
CA ILE A 26 6.49 -1.40 6.95
C ILE A 26 5.06 -1.32 6.44
N ILE A 27 4.79 -0.33 5.58
CA ILE A 27 3.47 -0.16 5.01
C ILE A 27 3.54 0.07 3.50
N LEU A 28 2.46 -0.27 2.81
CA LEU A 28 2.40 -0.10 1.35
C LEU A 28 1.29 0.87 0.97
N VAL A 29 1.64 1.86 0.16
CA VAL A 29 0.67 2.85 -0.29
C VAL A 29 0.33 2.67 -1.76
N GLU A 30 -0.93 2.35 -2.04
CA GLU A 30 -1.38 2.15 -3.41
C GLU A 30 -2.21 3.33 -3.89
N PHE A 31 -1.66 4.08 -4.84
CA PHE A 31 -2.34 5.24 -5.40
C PHE A 31 -3.29 4.84 -6.52
N TYR A 32 -4.58 5.12 -6.34
CA TYR A 32 -5.57 4.78 -7.34
C TYR A 32 -6.47 5.98 -7.63
N ALA A 33 -7.31 5.85 -8.67
CA ALA A 33 -8.22 6.91 -9.05
C ALA A 33 -9.64 6.40 -9.20
N PRO A 34 -10.61 7.13 -8.65
CA PRO A 34 -12.02 6.76 -8.71
C PRO A 34 -12.60 6.89 -10.12
N TRP A 35 -11.74 7.24 -11.07
CA TRP A 35 -12.16 7.39 -12.46
C TRP A 35 -11.40 6.44 -13.37
N CYS A 36 -10.33 5.86 -12.84
CA CYS A 36 -9.51 4.92 -13.61
C CYS A 36 -10.12 3.53 -13.61
N GLY A 37 -10.28 2.96 -14.80
CA GLY A 37 -10.85 1.63 -14.91
C GLY A 37 -9.93 0.55 -14.39
N HIS A 38 -8.78 0.41 -15.02
CA HIS A 38 -7.79 -0.60 -14.60
C HIS A 38 -7.81 -0.78 -13.10
N CYS A 39 -7.95 0.32 -12.37
CA CYS A 39 -7.98 0.28 -10.91
C CYS A 39 -9.10 -0.62 -10.41
N LYS A 40 -10.29 -0.44 -10.98
CA LYS A 40 -11.45 -1.23 -10.59
C LYS A 40 -11.07 -2.70 -10.39
N LYS A 41 -9.99 -3.11 -11.05
CA LYS A 41 -9.52 -4.49 -10.94
C LYS A 41 -8.57 -4.64 -9.75
N LEU A 42 -7.76 -3.62 -9.50
CA LEU A 42 -6.81 -3.64 -8.40
C LEU A 42 -7.53 -3.44 -7.06
N ALA A 43 -8.49 -2.51 -7.04
CA ALA A 43 -9.24 -2.23 -5.83
C ALA A 43 -9.40 -3.49 -4.97
N PRO A 44 -10.04 -4.51 -5.54
CA PRO A 44 -10.26 -5.79 -4.85
C PRO A 44 -8.98 -6.58 -4.64
N GLU A 45 -8.05 -6.43 -5.57
CA GLU A 45 -6.77 -7.14 -5.49
C GLU A 45 -5.92 -6.57 -4.35
N TYR A 46 -6.16 -5.33 -4.00
CA TYR A 46 -5.42 -4.68 -2.92
C TYR A 46 -6.09 -4.91 -1.57
N GLU A 47 -7.38 -4.58 -1.50
CA GLU A 47 -8.13 -4.75 -0.26
C GLU A 47 -8.07 -6.20 0.21
N LYS A 48 -8.12 -7.14 -0.73
CA LYS A 48 -8.06 -8.56 -0.40
C LYS A 48 -6.68 -8.93 0.14
N ALA A 49 -5.64 -8.59 -0.61
CA ALA A 49 -4.27 -8.88 -0.20
C ALA A 49 -4.00 -8.39 1.21
N ALA A 50 -4.64 -7.29 1.59
CA ALA A 50 -4.47 -6.72 2.92
C ALA A 50 -4.93 -7.70 4.00
N LYS A 51 -5.96 -8.47 3.69
CA LYS A 51 -6.49 -9.45 4.63
C LYS A 51 -5.48 -10.56 4.90
N GLU A 52 -4.84 -11.03 3.83
CA GLU A 52 -3.85 -12.09 3.94
C GLU A 52 -2.67 -11.65 4.82
N LEU A 53 -2.18 -10.45 4.56
CA LEU A 53 -1.05 -9.91 5.33
C LEU A 53 -1.47 -9.61 6.75
N SER A 54 -2.60 -8.94 6.90
CA SER A 54 -3.11 -8.58 8.24
C SER A 54 -3.13 -9.80 9.15
N LYS A 55 -3.36 -10.97 8.56
CA LYS A 55 -3.42 -12.21 9.32
C LYS A 55 -2.03 -12.84 9.42
N ARG A 56 -1.20 -12.59 8.42
CA ARG A 56 0.15 -13.13 8.39
C ARG A 56 1.00 -12.55 9.52
N SER A 57 2.25 -13.00 9.62
CA SER A 57 3.15 -12.52 10.65
C SER A 57 4.60 -12.56 10.16
N PRO A 58 5.26 -11.40 10.20
CA PRO A 58 4.66 -10.16 10.69
C PRO A 58 3.60 -9.62 9.74
N PRO A 59 2.49 -9.14 10.31
CA PRO A 59 1.36 -8.59 9.54
C PRO A 59 1.72 -7.26 8.88
N ILE A 60 1.63 -7.22 7.56
CA ILE A 60 1.95 -6.00 6.81
C ILE A 60 0.68 -5.31 6.34
N PRO A 61 0.30 -4.23 7.04
CA PRO A 61 -0.90 -3.45 6.71
C PRO A 61 -0.75 -2.67 5.41
N LEU A 62 -1.83 -2.58 4.65
CA LEU A 62 -1.82 -1.86 3.38
C LEU A 62 -2.70 -0.61 3.45
N ALA A 63 -2.32 0.41 2.69
CA ALA A 63 -3.07 1.66 2.66
C ALA A 63 -3.38 2.09 1.24
N LYS A 64 -4.54 2.71 1.04
CA LYS A 64 -4.95 3.17 -0.28
C LYS A 64 -5.10 4.69 -0.30
N VAL A 65 -4.48 5.32 -1.28
CA VAL A 65 -4.55 6.77 -1.42
C VAL A 65 -5.11 7.16 -2.79
N ASP A 66 -5.95 8.20 -2.79
CA ASP A 66 -6.56 8.68 -4.03
C ASP A 66 -5.74 9.80 -4.64
N ALA A 67 -4.76 9.43 -5.46
CA ALA A 67 -3.90 10.41 -6.12
C ALA A 67 -4.72 11.54 -6.74
N THR A 68 -6.01 11.28 -6.95
CA THR A 68 -6.90 12.27 -7.54
C THR A 68 -7.19 13.39 -6.56
N GLU A 69 -7.32 13.05 -5.29
CA GLU A 69 -7.60 14.03 -4.25
C GLU A 69 -6.32 14.44 -3.51
N GLN A 70 -5.39 13.49 -3.40
CA GLN A 70 -4.13 13.74 -2.72
C GLN A 70 -3.02 14.02 -3.72
N THR A 71 -3.36 14.72 -4.80
CA THR A 71 -2.38 15.05 -5.83
C THR A 71 -1.04 15.43 -5.23
N ASP A 72 -1.06 16.34 -4.25
CA ASP A 72 0.16 16.78 -3.59
C ASP A 72 1.10 15.61 -3.35
N LEU A 73 0.60 14.56 -2.71
CA LEU A 73 1.39 13.38 -2.41
C LEU A 73 1.90 12.73 -3.70
N ALA A 74 1.00 12.58 -4.67
CA ALA A 74 1.36 11.99 -5.95
C ALA A 74 2.55 12.70 -6.58
N LYS A 75 2.49 14.02 -6.62
CA LYS A 75 3.58 14.82 -7.20
C LYS A 75 4.90 14.51 -6.51
N ARG A 76 4.85 14.34 -5.19
CA ARG A 76 6.05 14.03 -4.41
C ARG A 76 6.69 12.74 -4.90
N PHE A 77 5.88 11.83 -5.41
CA PHE A 77 6.36 10.55 -5.90
C PHE A 77 6.29 10.48 -7.42
N ASP A 78 6.28 11.65 -8.06
CA ASP A 78 6.23 11.72 -9.51
C ASP A 78 5.17 10.76 -10.06
N VAL A 79 4.14 10.50 -9.26
CA VAL A 79 3.07 9.61 -9.67
C VAL A 79 2.28 10.18 -10.84
N SER A 80 2.53 9.64 -12.03
CA SER A 80 1.85 10.11 -13.24
C SER A 80 1.29 8.92 -14.03
N GLY A 81 0.68 7.97 -13.32
CA GLY A 81 0.12 6.81 -13.97
C GLY A 81 -0.33 5.75 -12.99
N TYR A 82 -1.63 5.69 -12.74
CA TYR A 82 -2.18 4.72 -11.80
C TYR A 82 -2.63 3.45 -12.53
N PRO A 83 -2.70 2.34 -11.79
CA PRO A 83 -2.38 2.31 -10.37
C PRO A 83 -0.89 2.50 -10.10
N THR A 84 -0.55 3.07 -8.95
CA THR A 84 0.83 3.31 -8.59
C THR A 84 1.11 2.89 -7.15
N LEU A 85 1.78 1.76 -6.98
CA LEU A 85 2.11 1.25 -5.66
C LEU A 85 3.52 1.63 -5.26
N LYS A 86 3.73 1.88 -3.97
CA LYS A 86 5.04 2.24 -3.46
C LYS A 86 5.20 1.84 -2.00
N ILE A 87 6.31 1.19 -1.68
CA ILE A 87 6.58 0.75 -0.32
C ILE A 87 7.23 1.85 0.50
N PHE A 88 6.76 2.04 1.73
CA PHE A 88 7.30 3.06 2.62
C PHE A 88 7.86 2.44 3.90
N ARG A 89 9.15 2.67 4.15
CA ARG A 89 9.80 2.13 5.34
C ARG A 89 10.15 3.25 6.32
N LYS A 90 9.47 3.26 7.46
CA LYS A 90 9.71 4.28 8.48
C LYS A 90 9.85 5.65 7.85
N GLY A 91 9.20 5.86 6.71
CA GLY A 91 9.27 7.14 6.04
C GLY A 91 10.22 7.12 4.86
N ARG A 92 10.30 5.98 4.18
CA ARG A 92 11.18 5.83 3.03
C ARG A 92 10.47 5.09 1.89
N PRO A 93 10.06 5.85 0.86
CA PRO A 93 9.37 5.29 -0.31
C PRO A 93 10.29 4.42 -1.16
N PHE A 94 9.71 3.40 -1.79
CA PHE A 94 10.48 2.50 -2.64
C PHE A 94 9.64 2.02 -3.82
N ASP A 95 10.14 2.25 -5.03
CA ASP A 95 9.44 1.84 -6.24
C ASP A 95 8.97 0.39 -6.14
N TYR A 96 7.68 0.20 -5.94
CA TYR A 96 7.11 -1.14 -5.83
C TYR A 96 7.14 -1.87 -7.17
N ASN A 97 7.95 -2.92 -7.25
CA ASN A 97 8.07 -3.69 -8.48
C ASN A 97 7.70 -5.15 -8.24
N GLY A 98 6.62 -5.60 -8.88
CA GLY A 98 6.19 -6.97 -8.72
C GLY A 98 4.79 -7.19 -9.29
N PRO A 99 4.13 -8.27 -8.82
CA PRO A 99 2.79 -8.63 -9.28
C PRO A 99 1.73 -7.64 -8.79
N ARG A 100 0.74 -7.36 -9.63
CA ARG A 100 -0.33 -6.43 -9.29
C ARG A 100 -1.60 -7.18 -8.93
N GLU A 101 -1.45 -8.34 -8.31
CA GLU A 101 -2.59 -9.16 -7.92
C GLU A 101 -2.56 -9.45 -6.42
N LYS A 102 -3.73 -9.71 -5.85
CA LYS A 102 -3.85 -10.01 -4.42
C LYS A 102 -2.69 -10.89 -3.96
N TYR A 103 -2.68 -12.15 -4.41
CA TYR A 103 -1.64 -13.09 -4.05
C TYR A 103 -0.26 -12.45 -4.18
N GLY A 104 0.12 -12.12 -5.40
CA GLY A 104 1.40 -11.52 -5.65
C GLY A 104 1.77 -10.49 -4.60
N ILE A 105 1.05 -9.37 -4.59
CA ILE A 105 1.31 -8.30 -3.63
C ILE A 105 1.69 -8.88 -2.26
N VAL A 106 0.92 -9.87 -1.81
CA VAL A 106 1.19 -10.50 -0.52
C VAL A 106 2.56 -11.16 -0.50
N ASP A 107 2.86 -11.92 -1.55
CA ASP A 107 4.15 -12.61 -1.65
C ASP A 107 5.29 -11.61 -1.68
N TYR A 108 5.10 -10.51 -2.41
CA TYR A 108 6.12 -9.48 -2.52
C TYR A 108 6.35 -8.79 -1.18
N MET A 109 5.35 -8.04 -0.73
CA MET A 109 5.43 -7.33 0.53
C MET A 109 6.19 -8.15 1.57
N ILE A 110 6.04 -9.47 1.51
CA ILE A 110 6.71 -10.36 2.44
C ILE A 110 8.23 -10.32 2.25
N GLU A 111 8.68 -10.77 1.08
CA GLU A 111 10.10 -10.78 0.77
C GLU A 111 10.72 -9.41 1.00
N GLN A 112 9.91 -8.37 0.82
CA GLN A 112 10.38 -7.00 1.01
C GLN A 112 10.77 -6.75 2.47
N SER A 113 9.86 -7.09 3.38
CA SER A 113 10.11 -6.91 4.80
C SER A 113 11.44 -7.54 5.22
N GLY A 114 11.78 -8.64 4.57
CA GLY A 114 13.03 -9.33 4.88
C GLY A 114 12.97 -10.81 4.58
N SER A 115 13.31 -11.18 3.35
CA SER A 115 13.29 -12.57 2.94
C SER A 115 14.50 -13.33 3.47
N GLY A 116 15.67 -12.99 2.94
CA GLY A 116 16.89 -13.63 3.38
C GLY A 116 18.09 -12.70 3.35
N PRO A 117 19.29 -13.29 3.27
CA PRO A 117 20.55 -12.51 3.23
C PRO A 117 20.72 -11.76 1.91
N SER A 118 19.72 -11.87 1.04
CA SER A 118 19.77 -11.20 -0.26
C SER A 118 19.12 -9.82 -0.18
N SER A 119 19.49 -8.95 -1.11
CA SER A 119 18.95 -7.59 -1.15
C SER A 119 17.74 -7.51 -2.07
N GLY A 120 17.87 -8.08 -3.26
CA GLY A 120 16.78 -8.05 -4.21
C GLY A 120 15.89 -9.28 -4.11
N GLY A 1 -11.92 -7.25 24.98
CA GLY A 1 -12.68 -7.11 23.75
C GLY A 1 -11.80 -7.12 22.52
N SER A 2 -11.14 -6.00 22.26
CA SER A 2 -10.27 -5.88 21.10
C SER A 2 -11.05 -6.03 19.80
N SER A 3 -12.23 -5.41 19.75
CA SER A 3 -13.09 -5.49 18.57
C SER A 3 -12.63 -4.48 17.51
N GLY A 4 -11.96 -4.99 16.48
CA GLY A 4 -11.49 -4.13 15.40
C GLY A 4 -11.66 -4.76 14.04
N SER A 5 -12.83 -4.58 13.45
CA SER A 5 -13.11 -5.14 12.13
C SER A 5 -13.23 -4.04 11.08
N SER A 6 -12.30 -3.08 11.13
CA SER A 6 -12.30 -1.98 10.19
C SER A 6 -11.61 -2.36 8.89
N GLY A 7 -11.98 -1.70 7.80
CA GLY A 7 -11.38 -1.99 6.51
C GLY A 7 -9.89 -2.24 6.60
N VAL A 8 -9.48 -3.47 6.34
CA VAL A 8 -8.07 -3.84 6.39
C VAL A 8 -7.19 -2.72 5.81
N THR A 9 -7.63 -2.16 4.69
CA THR A 9 -6.89 -1.09 4.03
C THR A 9 -7.10 0.24 4.75
N LEU A 10 -6.03 1.03 4.84
CA LEU A 10 -6.09 2.33 5.49
C LEU A 10 -6.09 3.46 4.47
N SER A 11 -6.85 4.51 4.75
CA SER A 11 -6.95 5.65 3.86
C SER A 11 -6.03 6.78 4.32
N LEU A 12 -4.97 7.03 3.57
CA LEU A 12 -4.02 8.07 3.90
C LEU A 12 -4.23 9.30 3.03
N THR A 13 -4.18 10.48 3.65
CA THR A 13 -4.38 11.74 2.93
C THR A 13 -3.14 12.63 3.03
N LYS A 14 -3.19 13.77 2.36
CA LYS A 14 -2.07 14.71 2.37
C LYS A 14 -2.02 15.47 3.68
N ASP A 15 -2.57 14.88 4.74
CA ASP A 15 -2.59 15.50 6.05
C ASP A 15 -2.14 14.51 7.13
N ASN A 16 -2.26 13.22 6.82
CA ASN A 16 -1.87 12.18 7.76
C ASN A 16 -1.05 11.09 7.07
N PHE A 17 -0.46 11.44 5.93
CA PHE A 17 0.34 10.50 5.17
C PHE A 17 1.73 10.33 5.80
N ASP A 18 2.39 11.45 6.07
CA ASP A 18 3.71 11.43 6.67
C ASP A 18 3.63 11.23 8.18
N ASP A 19 2.42 11.29 8.71
CA ASP A 19 2.20 11.12 10.15
C ASP A 19 1.81 9.68 10.46
N VAL A 20 1.27 8.98 9.46
CA VAL A 20 0.86 7.59 9.64
C VAL A 20 1.94 6.63 9.15
N VAL A 21 2.34 6.78 7.90
CA VAL A 21 3.37 5.92 7.31
C VAL A 21 4.63 5.92 8.16
N ASN A 22 5.02 7.10 8.63
CA ASN A 22 6.22 7.23 9.47
C ASN A 22 6.10 6.37 10.72
N ASN A 23 4.87 6.07 11.12
CA ASN A 23 4.62 5.26 12.30
C ASN A 23 4.34 3.80 11.91
N ALA A 24 4.66 3.46 10.67
CA ALA A 24 4.45 2.10 10.17
C ALA A 24 5.75 1.49 9.69
N ASP A 25 6.38 0.69 10.54
CA ASP A 25 7.64 0.03 10.20
C ASP A 25 7.67 -0.35 8.73
N ILE A 26 6.60 -1.00 8.27
CA ILE A 26 6.50 -1.42 6.88
C ILE A 26 5.06 -1.31 6.37
N ILE A 27 4.81 -0.32 5.52
CA ILE A 27 3.48 -0.12 4.96
C ILE A 27 3.55 0.10 3.46
N LEU A 28 2.50 -0.31 2.76
CA LEU A 28 2.44 -0.16 1.30
C LEU A 28 1.31 0.79 0.91
N VAL A 29 1.64 1.76 0.06
CA VAL A 29 0.66 2.73 -0.41
C VAL A 29 0.35 2.54 -1.89
N GLU A 30 -0.93 2.45 -2.21
CA GLU A 30 -1.36 2.27 -3.60
C GLU A 30 -2.22 3.44 -4.07
N PHE A 31 -1.69 4.23 -4.98
CA PHE A 31 -2.41 5.39 -5.50
C PHE A 31 -3.40 4.97 -6.57
N TYR A 32 -4.69 5.21 -6.32
CA TYR A 32 -5.73 4.86 -7.26
C TYR A 32 -6.64 6.05 -7.55
N ALA A 33 -7.52 5.90 -8.53
CA ALA A 33 -8.45 6.95 -8.90
C ALA A 33 -9.88 6.43 -8.96
N PRO A 34 -10.81 7.20 -8.36
CA PRO A 34 -12.23 6.84 -8.34
C PRO A 34 -12.88 6.94 -9.70
N TRP A 35 -12.09 7.26 -10.71
CA TRP A 35 -12.59 7.38 -12.08
C TRP A 35 -11.82 6.48 -13.03
N CYS A 36 -10.68 5.97 -12.57
CA CYS A 36 -9.85 5.08 -13.37
C CYS A 36 -10.43 3.66 -13.38
N GLY A 37 -10.65 3.13 -14.58
CA GLY A 37 -11.20 1.80 -14.70
C GLY A 37 -10.23 0.72 -14.26
N HIS A 38 -9.10 0.63 -14.94
CA HIS A 38 -8.08 -0.35 -14.61
C HIS A 38 -8.03 -0.60 -13.10
N CYS A 39 -8.18 0.47 -12.33
CA CYS A 39 -8.15 0.38 -10.87
C CYS A 39 -9.25 -0.55 -10.37
N LYS A 40 -10.46 -0.36 -10.87
CA LYS A 40 -11.60 -1.17 -10.48
C LYS A 40 -11.19 -2.64 -10.33
N LYS A 41 -10.13 -3.03 -11.03
CA LYS A 41 -9.64 -4.40 -10.98
C LYS A 41 -8.68 -4.58 -9.80
N LEU A 42 -7.84 -3.57 -9.57
CA LEU A 42 -6.87 -3.63 -8.48
C LEU A 42 -7.56 -3.46 -7.13
N ALA A 43 -8.53 -2.54 -7.08
CA ALA A 43 -9.27 -2.29 -5.85
C ALA A 43 -9.39 -3.55 -5.01
N PRO A 44 -10.02 -4.59 -5.59
CA PRO A 44 -10.23 -5.87 -4.91
C PRO A 44 -8.92 -6.64 -4.73
N GLU A 45 -8.01 -6.49 -5.69
CA GLU A 45 -6.72 -7.17 -5.62
C GLU A 45 -5.85 -6.58 -4.52
N TYR A 46 -6.14 -5.34 -4.14
CA TYR A 46 -5.38 -4.66 -3.10
C TYR A 46 -5.99 -4.90 -1.73
N GLU A 47 -7.27 -4.58 -1.59
CA GLU A 47 -7.98 -4.77 -0.33
C GLU A 47 -7.90 -6.22 0.13
N LYS A 48 -7.91 -7.14 -0.82
CA LYS A 48 -7.83 -8.57 -0.51
C LYS A 48 -6.47 -8.92 0.07
N ALA A 49 -5.41 -8.50 -0.62
CA ALA A 49 -4.05 -8.77 -0.17
C ALA A 49 -3.84 -8.33 1.28
N ALA A 50 -4.56 -7.28 1.67
CA ALA A 50 -4.45 -6.76 3.03
C ALA A 50 -5.06 -7.72 4.03
N LYS A 51 -6.05 -8.49 3.59
CA LYS A 51 -6.72 -9.47 4.44
C LYS A 51 -5.81 -10.66 4.72
N GLU A 52 -4.86 -10.90 3.82
CA GLU A 52 -3.93 -12.01 3.97
C GLU A 52 -2.71 -11.61 4.80
N LEU A 53 -2.22 -10.40 4.55
CA LEU A 53 -1.06 -9.88 5.26
C LEU A 53 -1.42 -9.52 6.70
N SER A 54 -2.49 -8.75 6.86
CA SER A 54 -2.94 -8.32 8.17
C SER A 54 -3.07 -9.53 9.11
N LYS A 55 -3.37 -10.68 8.53
CA LYS A 55 -3.53 -11.91 9.31
C LYS A 55 -2.18 -12.62 9.47
N ARG A 56 -1.29 -12.42 8.50
CA ARG A 56 0.02 -13.05 8.53
C ARG A 56 0.86 -12.49 9.68
N SER A 57 2.11 -12.92 9.74
CA SER A 57 3.03 -12.46 10.79
C SER A 57 4.47 -12.50 10.31
N PRO A 58 5.13 -11.34 10.36
CA PRO A 58 4.52 -10.09 10.84
C PRO A 58 3.46 -9.57 9.88
N PRO A 59 2.38 -9.01 10.45
CA PRO A 59 1.27 -8.45 9.66
C PRO A 59 1.66 -7.18 8.93
N ILE A 60 1.49 -7.17 7.61
CA ILE A 60 1.83 -6.02 6.79
C ILE A 60 0.57 -5.28 6.34
N PRO A 61 0.23 -4.20 7.06
CA PRO A 61 -0.95 -3.39 6.76
C PRO A 61 -0.79 -2.59 5.46
N LEU A 62 -1.88 -2.43 4.73
CA LEU A 62 -1.86 -1.70 3.47
C LEU A 62 -2.67 -0.41 3.58
N ALA A 63 -2.46 0.50 2.63
CA ALA A 63 -3.17 1.78 2.62
C ALA A 63 -3.45 2.23 1.20
N LYS A 64 -4.64 2.77 0.97
CA LYS A 64 -5.04 3.26 -0.35
C LYS A 64 -5.19 4.77 -0.36
N VAL A 65 -4.55 5.43 -1.31
CA VAL A 65 -4.61 6.88 -1.42
C VAL A 65 -5.20 7.30 -2.76
N ASP A 66 -5.96 8.39 -2.76
CA ASP A 66 -6.57 8.90 -3.98
C ASP A 66 -5.75 10.02 -4.57
N ALA A 67 -4.81 9.67 -5.46
CA ALA A 67 -3.95 10.64 -6.10
C ALA A 67 -4.76 11.83 -6.62
N THR A 68 -6.02 11.57 -6.97
CA THR A 68 -6.89 12.62 -7.48
C THR A 68 -7.23 13.64 -6.40
N GLU A 69 -7.36 13.16 -5.16
CA GLU A 69 -7.67 14.02 -4.04
C GLU A 69 -6.42 14.36 -3.23
N GLN A 70 -5.35 13.60 -3.47
CA GLN A 70 -4.10 13.82 -2.77
C GLN A 70 -2.97 14.07 -3.76
N THR A 71 -3.31 14.55 -4.95
CA THR A 71 -2.32 14.83 -5.98
C THR A 71 -1.03 15.36 -5.37
N ASP A 72 -1.15 16.18 -4.34
CA ASP A 72 0.01 16.76 -3.68
C ASP A 72 1.02 15.67 -3.31
N LEU A 73 0.52 14.60 -2.70
CA LEU A 73 1.39 13.48 -2.30
C LEU A 73 1.89 12.72 -3.53
N ALA A 74 1.00 12.51 -4.50
CA ALA A 74 1.35 11.80 -5.72
C ALA A 74 2.52 12.46 -6.42
N LYS A 75 2.40 13.75 -6.69
CA LYS A 75 3.46 14.50 -7.36
C LYS A 75 4.80 14.29 -6.66
N ARG A 76 4.76 14.22 -5.33
CA ARG A 76 5.97 14.02 -4.55
C ARG A 76 6.63 12.68 -4.87
N PHE A 77 5.80 11.71 -5.26
CA PHE A 77 6.29 10.38 -5.61
C PHE A 77 6.22 10.15 -7.11
N ASP A 78 6.13 11.24 -7.87
CA ASP A 78 6.06 11.15 -9.32
C ASP A 78 4.96 10.19 -9.76
N VAL A 79 3.76 10.40 -9.24
CA VAL A 79 2.62 9.54 -9.57
C VAL A 79 1.72 10.22 -10.60
N SER A 80 1.82 9.75 -11.85
CA SER A 80 1.01 10.31 -12.92
C SER A 80 0.25 9.21 -13.66
N GLY A 81 0.58 7.96 -13.35
CA GLY A 81 -0.07 6.84 -14.00
C GLY A 81 -0.51 5.77 -13.00
N TYR A 82 -1.81 5.75 -12.69
CA TYR A 82 -2.35 4.78 -11.75
C TYR A 82 -2.84 3.53 -12.47
N PRO A 83 -2.91 2.41 -11.73
CA PRO A 83 -2.54 2.37 -10.32
C PRO A 83 -1.04 2.53 -10.10
N THR A 84 -0.66 3.06 -8.94
CA THR A 84 0.74 3.27 -8.61
C THR A 84 1.03 2.88 -7.17
N LEU A 85 1.68 1.73 -6.99
CA LEU A 85 2.01 1.24 -5.66
C LEU A 85 3.44 1.65 -5.28
N LYS A 86 3.66 1.88 -3.99
CA LYS A 86 4.97 2.28 -3.49
C LYS A 86 5.15 1.84 -2.04
N ILE A 87 6.30 1.23 -1.75
CA ILE A 87 6.60 0.78 -0.41
C ILE A 87 7.25 1.88 0.42
N PHE A 88 6.81 2.02 1.67
CA PHE A 88 7.35 3.03 2.56
C PHE A 88 7.89 2.40 3.84
N ARG A 89 9.11 2.77 4.22
CA ARG A 89 9.74 2.24 5.42
C ARG A 89 10.08 3.36 6.40
N LYS A 90 9.42 3.36 7.55
CA LYS A 90 9.66 4.37 8.57
C LYS A 90 9.85 5.75 7.93
N GLY A 91 9.24 5.96 6.77
CA GLY A 91 9.34 7.23 6.08
C GLY A 91 10.31 7.17 4.91
N ARG A 92 10.39 6.01 4.25
CA ARG A 92 11.28 5.82 3.12
C ARG A 92 10.55 5.12 1.98
N PRO A 93 10.11 5.90 0.98
CA PRO A 93 9.39 5.37 -0.18
C PRO A 93 10.31 4.57 -1.10
N PHE A 94 9.76 3.53 -1.72
CA PHE A 94 10.53 2.68 -2.63
C PHE A 94 9.67 2.22 -3.80
N ASP A 95 10.26 2.21 -4.99
CA ASP A 95 9.55 1.80 -6.20
C ASP A 95 9.07 0.36 -6.07
N TYR A 96 7.75 0.18 -5.98
CA TYR A 96 7.16 -1.14 -5.85
C TYR A 96 7.18 -1.88 -7.19
N ASN A 97 8.07 -2.86 -7.30
CA ASN A 97 8.19 -3.64 -8.52
C ASN A 97 7.84 -5.11 -8.27
N GLY A 98 6.77 -5.57 -8.90
CA GLY A 98 6.34 -6.95 -8.72
C GLY A 98 4.93 -7.18 -9.22
N PRO A 99 4.32 -8.29 -8.77
CA PRO A 99 2.95 -8.66 -9.16
C PRO A 99 1.92 -7.74 -8.54
N ARG A 100 0.98 -7.28 -9.36
CA ARG A 100 -0.08 -6.39 -8.90
C ARG A 100 -1.35 -7.17 -8.58
N GLU A 101 -1.19 -8.44 -8.22
CA GLU A 101 -2.32 -9.29 -7.89
C GLU A 101 -2.42 -9.50 -6.38
N LYS A 102 -3.61 -9.90 -5.92
CA LYS A 102 -3.84 -10.14 -4.50
C LYS A 102 -2.71 -10.95 -3.89
N TYR A 103 -2.59 -12.20 -4.34
CA TYR A 103 -1.54 -13.10 -3.84
C TYR A 103 -0.16 -12.49 -4.06
N GLY A 104 0.21 -12.31 -5.33
CA GLY A 104 1.51 -11.74 -5.64
C GLY A 104 1.90 -10.64 -4.70
N ILE A 105 1.13 -9.55 -4.69
CA ILE A 105 1.41 -8.42 -3.82
C ILE A 105 1.78 -8.88 -2.42
N VAL A 106 1.08 -9.89 -1.92
CA VAL A 106 1.33 -10.43 -0.59
C VAL A 106 2.71 -11.08 -0.52
N ASP A 107 2.97 -11.99 -1.45
CA ASP A 107 4.26 -12.69 -1.49
C ASP A 107 5.41 -11.70 -1.56
N TYR A 108 5.21 -10.63 -2.33
CA TYR A 108 6.23 -9.60 -2.49
C TYR A 108 6.47 -8.85 -1.19
N MET A 109 5.46 -8.10 -0.77
CA MET A 109 5.55 -7.32 0.47
C MET A 109 6.26 -8.11 1.55
N ILE A 110 6.21 -9.44 1.45
CA ILE A 110 6.85 -10.31 2.42
C ILE A 110 8.37 -10.33 2.22
N GLU A 111 8.80 -10.64 1.01
CA GLU A 111 10.23 -10.69 0.69
C GLU A 111 10.92 -9.39 1.08
N GLN A 112 10.15 -8.31 1.10
CA GLN A 112 10.68 -7.00 1.44
C GLN A 112 10.91 -6.88 2.95
N SER A 113 9.94 -7.37 3.72
CA SER A 113 10.02 -7.32 5.18
C SER A 113 11.22 -8.10 5.68
N GLY A 114 11.77 -8.95 4.81
CA GLY A 114 12.92 -9.76 5.19
C GLY A 114 12.74 -11.23 4.84
N SER A 115 11.95 -11.49 3.80
CA SER A 115 11.69 -12.86 3.36
C SER A 115 11.62 -13.81 4.57
N GLY A 116 10.82 -13.43 5.56
CA GLY A 116 10.67 -14.26 6.75
C GLY A 116 10.51 -13.44 8.00
N PRO A 117 9.67 -13.92 8.93
CA PRO A 117 9.41 -13.24 10.20
C PRO A 117 10.62 -13.27 11.13
N SER A 118 10.42 -12.78 12.35
CA SER A 118 11.50 -12.74 13.34
C SER A 118 11.26 -13.78 14.43
N SER A 119 10.07 -13.75 15.02
CA SER A 119 9.72 -14.69 16.09
C SER A 119 8.45 -15.44 15.75
N GLY A 120 8.51 -16.77 15.81
CA GLY A 120 7.36 -17.58 15.51
C GLY A 120 7.56 -19.04 15.89
N GLY A 1 -15.04 -11.70 23.99
CA GLY A 1 -15.31 -12.00 22.59
C GLY A 1 -14.84 -10.88 21.67
N SER A 2 -14.38 -11.26 20.48
CA SER A 2 -13.89 -10.30 19.51
C SER A 2 -14.57 -10.49 18.16
N SER A 3 -15.88 -10.72 18.19
CA SER A 3 -16.65 -10.92 16.97
C SER A 3 -16.81 -9.63 16.20
N GLY A 4 -16.66 -9.70 14.88
CA GLY A 4 -16.79 -8.51 14.05
C GLY A 4 -15.63 -8.36 13.09
N SER A 5 -15.92 -7.88 11.88
CA SER A 5 -14.88 -7.68 10.87
C SER A 5 -14.95 -6.26 10.31
N SER A 6 -13.78 -5.62 10.23
CA SER A 6 -13.70 -4.26 9.72
C SER A 6 -12.67 -4.17 8.59
N GLY A 7 -12.72 -3.08 7.83
CA GLY A 7 -11.80 -2.88 6.73
C GLY A 7 -10.35 -3.12 7.15
N VAL A 8 -9.52 -3.51 6.19
CA VAL A 8 -8.11 -3.76 6.46
C VAL A 8 -7.24 -2.64 5.90
N THR A 9 -7.60 -2.15 4.72
CA THR A 9 -6.85 -1.07 4.08
C THR A 9 -7.03 0.24 4.82
N LEU A 10 -5.95 1.02 4.91
CA LEU A 10 -5.99 2.31 5.59
C LEU A 10 -5.96 3.45 4.58
N SER A 11 -6.84 4.44 4.78
CA SER A 11 -6.92 5.58 3.89
C SER A 11 -6.01 6.71 4.39
N LEU A 12 -4.89 6.91 3.71
CA LEU A 12 -3.95 7.96 4.07
C LEU A 12 -4.19 9.22 3.25
N THR A 13 -4.19 10.37 3.92
CA THR A 13 -4.40 11.65 3.26
C THR A 13 -3.20 12.57 3.44
N LYS A 14 -3.14 13.61 2.61
CA LYS A 14 -2.03 14.56 2.68
C LYS A 14 -1.96 15.22 4.06
N ASP A 15 -2.94 14.93 4.90
CA ASP A 15 -3.00 15.48 6.24
C ASP A 15 -2.47 14.47 7.27
N ASN A 16 -2.61 13.20 6.94
CA ASN A 16 -2.16 12.13 7.83
C ASN A 16 -1.39 11.06 7.06
N PHE A 17 -0.73 11.48 5.99
CA PHE A 17 0.04 10.56 5.16
C PHE A 17 1.47 10.40 5.69
N ASP A 18 2.10 11.52 6.00
CA ASP A 18 3.46 11.51 6.53
C ASP A 18 3.46 11.32 8.04
N ASP A 19 2.28 11.36 8.63
CA ASP A 19 2.14 11.18 10.07
C ASP A 19 1.81 9.73 10.43
N VAL A 20 1.22 9.02 9.46
CA VAL A 20 0.86 7.62 9.67
C VAL A 20 1.93 6.68 9.12
N VAL A 21 2.31 6.91 7.86
CA VAL A 21 3.32 6.08 7.22
C VAL A 21 4.63 6.10 8.00
N ASN A 22 5.01 7.28 8.50
CA ASN A 22 6.23 7.41 9.27
C ASN A 22 6.18 6.58 10.55
N ASN A 23 4.96 6.22 10.95
CA ASN A 23 4.77 5.42 12.16
C ASN A 23 4.51 3.96 11.81
N ALA A 24 4.78 3.60 10.56
CA ALA A 24 4.59 2.24 10.09
C ALA A 24 5.90 1.63 9.61
N ASP A 25 6.57 0.90 10.49
CA ASP A 25 7.84 0.26 10.16
C ASP A 25 7.85 -0.19 8.70
N ILE A 26 6.76 -0.81 8.27
CA ILE A 26 6.64 -1.29 6.90
C ILE A 26 5.20 -1.22 6.41
N ILE A 27 4.92 -0.27 5.52
CA ILE A 27 3.59 -0.11 4.98
C ILE A 27 3.62 0.13 3.47
N LEU A 28 2.59 -0.33 2.78
CA LEU A 28 2.50 -0.17 1.33
C LEU A 28 1.37 0.77 0.95
N VAL A 29 1.66 1.71 0.05
CA VAL A 29 0.66 2.67 -0.40
C VAL A 29 0.37 2.49 -1.88
N GLU A 30 -0.92 2.54 -2.23
CA GLU A 30 -1.34 2.38 -3.62
C GLU A 30 -2.20 3.56 -4.06
N PHE A 31 -1.67 4.36 -5.00
CA PHE A 31 -2.40 5.51 -5.51
C PHE A 31 -3.35 5.11 -6.62
N TYR A 32 -4.65 5.17 -6.33
CA TYR A 32 -5.67 4.81 -7.30
C TYR A 32 -6.60 5.98 -7.58
N ALA A 33 -7.43 5.85 -8.61
CA ALA A 33 -8.37 6.90 -8.99
C ALA A 33 -9.78 6.34 -9.15
N PRO A 34 -10.76 7.04 -8.59
CA PRO A 34 -12.17 6.64 -8.65
C PRO A 34 -12.75 6.78 -10.06
N TRP A 35 -11.89 7.18 -11.00
CA TRP A 35 -12.32 7.34 -12.39
C TRP A 35 -11.57 6.39 -13.31
N CYS A 36 -10.42 5.91 -12.85
CA CYS A 36 -9.61 4.99 -13.64
C CYS A 36 -10.19 3.58 -13.60
N GLY A 37 -10.48 3.02 -14.77
CA GLY A 37 -11.05 1.69 -14.83
C GLY A 37 -10.07 0.63 -14.35
N HIS A 38 -8.93 0.52 -15.01
CA HIS A 38 -7.91 -0.45 -14.64
C HIS A 38 -7.89 -0.66 -13.13
N CYS A 39 -8.06 0.42 -12.38
CA CYS A 39 -8.06 0.36 -10.93
C CYS A 39 -9.15 -0.58 -10.42
N LYS A 40 -10.36 -0.42 -10.95
CA LYS A 40 -11.49 -1.24 -10.56
C LYS A 40 -11.07 -2.70 -10.40
N LYS A 41 -10.01 -3.09 -11.11
CA LYS A 41 -9.50 -4.44 -11.04
C LYS A 41 -8.56 -4.63 -9.86
N LEU A 42 -7.78 -3.59 -9.58
CA LEU A 42 -6.82 -3.62 -8.48
C LEU A 42 -7.52 -3.45 -7.14
N ALA A 43 -8.45 -2.50 -7.09
CA ALA A 43 -9.21 -2.24 -5.87
C ALA A 43 -9.34 -3.50 -5.02
N PRO A 44 -9.94 -4.54 -5.61
CA PRO A 44 -10.15 -5.83 -4.93
C PRO A 44 -8.84 -6.57 -4.70
N GLU A 45 -7.93 -6.45 -5.66
CA GLU A 45 -6.63 -7.13 -5.57
C GLU A 45 -5.82 -6.58 -4.40
N TYR A 46 -5.99 -5.30 -4.11
CA TYR A 46 -5.27 -4.65 -3.02
C TYR A 46 -5.96 -4.91 -1.68
N GLU A 47 -7.23 -4.55 -1.60
CA GLU A 47 -8.00 -4.74 -0.38
C GLU A 47 -7.92 -6.19 0.10
N LYS A 48 -7.99 -7.11 -0.85
CA LYS A 48 -7.92 -8.53 -0.53
C LYS A 48 -6.55 -8.90 0.03
N ALA A 49 -5.49 -8.51 -0.68
CA ALA A 49 -4.13 -8.80 -0.23
C ALA A 49 -3.92 -8.38 1.21
N ALA A 50 -4.51 -7.24 1.59
CA ALA A 50 -4.39 -6.73 2.95
C ALA A 50 -4.99 -7.70 3.96
N LYS A 51 -6.15 -8.26 3.61
CA LYS A 51 -6.83 -9.20 4.49
C LYS A 51 -5.92 -10.38 4.83
N GLU A 52 -5.05 -10.74 3.89
CA GLU A 52 -4.13 -11.85 4.10
C GLU A 52 -2.99 -11.44 5.03
N LEU A 53 -2.17 -10.51 4.59
CA LEU A 53 -1.04 -10.03 5.39
C LEU A 53 -1.49 -9.71 6.81
N SER A 54 -2.68 -9.14 6.94
CA SER A 54 -3.22 -8.79 8.25
C SER A 54 -3.20 -9.98 9.19
N LYS A 55 -3.37 -11.18 8.64
CA LYS A 55 -3.36 -12.40 9.43
C LYS A 55 -1.95 -12.95 9.58
N ARG A 56 -1.13 -12.73 8.56
CA ARG A 56 0.25 -13.20 8.58
C ARG A 56 1.02 -12.59 9.74
N SER A 57 2.31 -12.92 9.84
CA SER A 57 3.15 -12.41 10.91
C SER A 57 4.62 -12.41 10.49
N PRO A 58 5.25 -11.23 10.54
CA PRO A 58 4.60 -10.00 10.96
C PRO A 58 3.56 -9.51 9.95
N PRO A 59 2.40 -9.06 10.45
CA PRO A 59 1.32 -8.56 9.60
C PRO A 59 1.66 -7.23 8.93
N ILE A 60 1.69 -7.24 7.61
CA ILE A 60 2.01 -6.03 6.84
C ILE A 60 0.74 -5.33 6.38
N PRO A 61 0.39 -4.23 7.06
CA PRO A 61 -0.81 -3.44 6.74
C PRO A 61 -0.66 -2.69 5.41
N LEU A 62 -1.79 -2.41 4.77
CA LEU A 62 -1.79 -1.70 3.50
C LEU A 62 -2.66 -0.45 3.57
N ALA A 63 -2.35 0.54 2.73
CA ALA A 63 -3.12 1.78 2.70
C ALA A 63 -3.42 2.20 1.27
N LYS A 64 -4.60 2.77 1.06
CA LYS A 64 -5.01 3.22 -0.27
C LYS A 64 -5.17 4.75 -0.30
N VAL A 65 -4.48 5.38 -1.24
CA VAL A 65 -4.55 6.83 -1.38
C VAL A 65 -5.16 7.22 -2.73
N ASP A 66 -6.05 8.21 -2.71
CA ASP A 66 -6.69 8.68 -3.93
C ASP A 66 -5.89 9.80 -4.57
N ALA A 67 -4.93 9.42 -5.41
CA ALA A 67 -4.08 10.39 -6.09
C ALA A 67 -4.92 11.51 -6.71
N THR A 68 -6.21 11.25 -6.89
CA THR A 68 -7.11 12.23 -7.47
C THR A 68 -7.39 13.36 -6.49
N GLU A 69 -7.51 13.02 -5.21
CA GLU A 69 -7.77 14.01 -4.18
C GLU A 69 -6.48 14.43 -3.48
N GLN A 70 -5.57 13.47 -3.30
CA GLN A 70 -4.31 13.74 -2.64
C GLN A 70 -3.20 13.96 -3.67
N THR A 71 -3.53 14.65 -4.75
CA THR A 71 -2.56 14.92 -5.81
C THR A 71 -1.21 15.34 -5.22
N ASP A 72 -1.25 16.29 -4.29
CA ASP A 72 -0.03 16.78 -3.66
C ASP A 72 0.94 15.63 -3.39
N LEU A 73 0.47 14.63 -2.65
CA LEU A 73 1.30 13.47 -2.32
C LEU A 73 1.76 12.76 -3.59
N ALA A 74 0.88 12.67 -4.57
CA ALA A 74 1.19 12.01 -5.83
C ALA A 74 2.44 12.63 -6.47
N LYS A 75 2.36 13.91 -6.79
CA LYS A 75 3.47 14.61 -7.41
C LYS A 75 4.78 14.26 -6.72
N ARG A 76 4.74 14.15 -5.39
CA ARG A 76 5.93 13.83 -4.61
C ARG A 76 6.50 12.46 -5.03
N PHE A 77 5.61 11.54 -5.36
CA PHE A 77 6.02 10.20 -5.78
C PHE A 77 5.85 10.03 -7.28
N ASP A 78 5.99 11.12 -8.02
CA ASP A 78 5.84 11.10 -9.46
C ASP A 78 4.76 10.12 -9.89
N VAL A 79 3.57 10.29 -9.31
CA VAL A 79 2.43 9.42 -9.63
C VAL A 79 1.59 10.01 -10.76
N SER A 80 1.90 9.60 -11.99
CA SER A 80 1.18 10.09 -13.16
C SER A 80 0.44 8.95 -13.86
N GLY A 81 0.75 7.72 -13.44
CA GLY A 81 0.12 6.56 -14.05
C GLY A 81 -0.36 5.56 -13.01
N TYR A 82 -1.66 5.56 -12.75
CA TYR A 82 -2.24 4.64 -11.77
C TYR A 82 -2.72 3.36 -12.45
N PRO A 83 -2.81 2.28 -11.66
CA PRO A 83 -2.47 2.30 -10.24
C PRO A 83 -0.97 2.46 -10.01
N THR A 84 -0.61 3.07 -8.88
CA THR A 84 0.79 3.29 -8.54
C THR A 84 1.08 2.90 -7.09
N LEU A 85 1.72 1.75 -6.91
CA LEU A 85 2.04 1.27 -5.58
C LEU A 85 3.46 1.66 -5.19
N LYS A 86 3.70 1.81 -3.89
CA LYS A 86 5.01 2.18 -3.39
C LYS A 86 5.16 1.81 -1.92
N ILE A 87 6.27 1.19 -1.57
CA ILE A 87 6.54 0.78 -0.19
C ILE A 87 7.18 1.92 0.60
N PHE A 88 6.91 1.93 1.90
CA PHE A 88 7.46 2.96 2.78
C PHE A 88 8.03 2.35 4.05
N ARG A 89 9.25 2.75 4.41
CA ARG A 89 9.91 2.24 5.60
C ARG A 89 10.33 3.38 6.51
N LYS A 90 9.56 3.59 7.58
CA LYS A 90 9.85 4.65 8.55
C LYS A 90 10.06 5.98 7.83
N GLY A 91 9.32 6.21 6.76
CA GLY A 91 9.43 7.44 6.01
C GLY A 91 10.39 7.31 4.85
N ARG A 92 10.43 6.14 4.23
CA ARG A 92 11.32 5.90 3.10
C ARG A 92 10.58 5.19 1.97
N PRO A 93 10.15 5.96 0.96
CA PRO A 93 9.43 5.42 -0.20
C PRO A 93 10.31 4.57 -1.10
N PHE A 94 9.73 3.51 -1.65
CA PHE A 94 10.48 2.61 -2.52
C PHE A 94 9.61 2.15 -3.69
N ASP A 95 10.11 2.35 -4.90
CA ASP A 95 9.37 1.95 -6.10
C ASP A 95 8.92 0.50 -6.01
N TYR A 96 7.61 0.31 -5.82
CA TYR A 96 7.05 -1.02 -5.71
C TYR A 96 7.03 -1.73 -7.06
N ASN A 97 7.90 -2.72 -7.22
CA ASN A 97 7.98 -3.47 -8.47
C ASN A 97 7.65 -4.94 -8.25
N GLY A 98 6.56 -5.39 -8.85
CA GLY A 98 6.15 -6.77 -8.70
C GLY A 98 4.76 -7.03 -9.24
N PRO A 99 4.13 -8.12 -8.78
CA PRO A 99 2.78 -8.50 -9.21
C PRO A 99 1.71 -7.54 -8.69
N ARG A 100 0.77 -7.18 -9.56
CA ARG A 100 -0.30 -6.27 -9.19
C ARG A 100 -1.57 -7.04 -8.86
N GLU A 101 -1.42 -8.20 -8.24
CA GLU A 101 -2.55 -9.04 -7.88
C GLU A 101 -2.56 -9.31 -6.38
N LYS A 102 -3.69 -9.78 -5.87
CA LYS A 102 -3.84 -10.08 -4.45
C LYS A 102 -2.68 -10.94 -3.96
N TYR A 103 -2.63 -12.19 -4.41
CA TYR A 103 -1.58 -13.11 -4.02
C TYR A 103 -0.20 -12.45 -4.15
N GLY A 104 0.18 -12.15 -5.39
CA GLY A 104 1.47 -11.52 -5.63
C GLY A 104 1.83 -10.52 -4.56
N ILE A 105 1.11 -9.41 -4.52
CA ILE A 105 1.37 -8.36 -3.53
C ILE A 105 1.78 -8.96 -2.19
N VAL A 106 0.98 -9.89 -1.69
CA VAL A 106 1.25 -10.55 -0.42
C VAL A 106 2.61 -11.23 -0.45
N ASP A 107 2.90 -11.92 -1.55
CA ASP A 107 4.17 -12.62 -1.70
C ASP A 107 5.34 -11.64 -1.74
N TYR A 108 5.14 -10.53 -2.44
CA TYR A 108 6.17 -9.51 -2.57
C TYR A 108 6.44 -8.83 -1.23
N MET A 109 5.43 -8.12 -0.72
CA MET A 109 5.55 -7.43 0.55
C MET A 109 6.34 -8.26 1.56
N ILE A 110 6.14 -9.57 1.52
CA ILE A 110 6.83 -10.48 2.42
C ILE A 110 8.34 -10.46 2.17
N GLU A 111 8.74 -10.90 0.98
CA GLU A 111 10.15 -10.93 0.62
C GLU A 111 10.81 -9.60 0.91
N GLN A 112 10.02 -8.53 0.89
CA GLN A 112 10.53 -7.19 1.14
C GLN A 112 10.89 -7.01 2.62
N SER A 113 9.94 -7.32 3.49
CA SER A 113 10.16 -7.20 4.92
C SER A 113 11.46 -7.86 5.33
N GLY A 114 11.76 -9.01 4.73
CA GLY A 114 12.98 -9.72 5.06
C GLY A 114 12.85 -11.21 4.81
N SER A 115 13.30 -11.65 3.64
CA SER A 115 13.24 -13.08 3.28
C SER A 115 14.41 -13.84 3.88
N GLY A 116 14.42 -15.15 3.66
CA GLY A 116 15.49 -15.98 4.19
C GLY A 116 15.66 -17.27 3.42
N PRO A 117 16.71 -17.35 2.59
CA PRO A 117 17.00 -18.53 1.78
C PRO A 117 17.46 -19.72 2.63
N SER A 118 16.51 -20.53 3.08
CA SER A 118 16.82 -21.69 3.90
C SER A 118 17.88 -22.56 3.23
N SER A 119 18.68 -23.24 4.05
CA SER A 119 19.73 -24.11 3.54
C SER A 119 19.15 -25.39 2.95
N GLY A 120 19.90 -26.02 2.05
CA GLY A 120 19.43 -27.25 1.44
C GLY A 120 18.26 -27.03 0.51
N GLY A 1 -5.01 7.45 17.38
CA GLY A 1 -6.34 7.75 16.86
C GLY A 1 -7.14 6.49 16.57
N SER A 2 -7.94 6.07 17.54
CA SER A 2 -8.77 4.87 17.38
C SER A 2 -10.23 5.25 17.18
N SER A 3 -10.60 5.53 15.94
CA SER A 3 -11.98 5.90 15.63
C SER A 3 -12.48 5.15 14.39
N GLY A 4 -13.20 4.06 14.64
CA GLY A 4 -13.72 3.26 13.54
C GLY A 4 -13.29 1.81 13.61
N SER A 5 -12.11 1.53 13.06
CA SER A 5 -11.58 0.16 13.07
C SER A 5 -12.33 -0.72 12.07
N SER A 6 -12.55 -0.19 10.87
CA SER A 6 -13.26 -0.92 9.82
C SER A 6 -12.42 -1.02 8.56
N GLY A 7 -12.39 -2.22 7.98
CA GLY A 7 -11.61 -2.43 6.77
C GLY A 7 -10.16 -2.72 7.05
N VAL A 8 -9.52 -3.47 6.16
CA VAL A 8 -8.11 -3.82 6.32
C VAL A 8 -7.20 -2.73 5.77
N THR A 9 -7.60 -2.14 4.65
CA THR A 9 -6.82 -1.07 4.03
C THR A 9 -7.01 0.24 4.77
N LEU A 10 -5.93 1.01 4.88
CA LEU A 10 -5.97 2.30 5.58
C LEU A 10 -5.92 3.45 4.57
N SER A 11 -6.73 4.47 4.82
CA SER A 11 -6.77 5.64 3.94
C SER A 11 -5.87 6.75 4.46
N LEU A 12 -4.78 6.99 3.73
CA LEU A 12 -3.82 8.03 4.12
C LEU A 12 -4.02 9.29 3.28
N THR A 13 -4.05 10.43 3.95
CA THR A 13 -4.23 11.71 3.27
C THR A 13 -3.04 12.64 3.50
N LYS A 14 -2.90 13.64 2.64
CA LYS A 14 -1.81 14.59 2.75
C LYS A 14 -1.73 15.19 4.16
N ASP A 15 -2.81 14.99 4.93
CA ASP A 15 -2.86 15.51 6.29
C ASP A 15 -2.38 14.45 7.29
N ASN A 16 -2.56 13.19 6.93
CA ASN A 16 -2.14 12.09 7.79
C ASN A 16 -1.41 11.01 6.98
N PHE A 17 -0.65 11.45 5.99
CA PHE A 17 0.10 10.53 5.14
C PHE A 17 1.53 10.37 5.64
N ASP A 18 2.15 11.49 6.02
CA ASP A 18 3.51 11.48 6.52
C ASP A 18 3.54 11.28 8.02
N ASP A 19 2.37 11.33 8.65
CA ASP A 19 2.26 11.16 10.09
C ASP A 19 1.89 9.72 10.43
N VAL A 20 1.29 9.02 9.46
CA VAL A 20 0.89 7.64 9.67
C VAL A 20 1.94 6.67 9.10
N VAL A 21 2.35 6.92 7.87
CA VAL A 21 3.36 6.07 7.22
C VAL A 21 4.65 6.04 8.03
N ASN A 22 5.08 7.21 8.48
CA ASN A 22 6.31 7.31 9.27
C ASN A 22 6.22 6.48 10.54
N ASN A 23 5.00 6.30 11.03
CA ASN A 23 4.78 5.52 12.25
C ASN A 23 4.45 4.07 11.91
N ALA A 24 4.76 3.66 10.68
CA ALA A 24 4.51 2.30 10.24
C ALA A 24 5.79 1.62 9.78
N ASP A 25 6.36 0.80 10.65
CA ASP A 25 7.60 0.09 10.34
C ASP A 25 7.66 -0.27 8.86
N ILE A 26 6.61 -0.91 8.37
CA ILE A 26 6.54 -1.31 6.96
C ILE A 26 5.11 -1.23 6.44
N ILE A 27 4.85 -0.25 5.58
CA ILE A 27 3.53 -0.07 5.00
C ILE A 27 3.61 0.10 3.48
N LEU A 28 2.53 -0.27 2.80
CA LEU A 28 2.48 -0.16 1.34
C LEU A 28 1.34 0.75 0.91
N VAL A 29 1.65 1.70 0.03
CA VAL A 29 0.64 2.64 -0.47
C VAL A 29 0.30 2.35 -1.92
N GLU A 30 -1.00 2.47 -2.25
CA GLU A 30 -1.46 2.21 -3.60
C GLU A 30 -2.28 3.39 -4.12
N PHE A 31 -1.64 4.25 -4.90
CA PHE A 31 -2.31 5.42 -5.46
C PHE A 31 -3.31 5.01 -6.55
N TYR A 32 -4.59 5.15 -6.25
CA TYR A 32 -5.64 4.79 -7.20
C TYR A 32 -6.55 5.99 -7.49
N ALA A 33 -7.35 5.87 -8.55
CA ALA A 33 -8.27 6.94 -8.92
C ALA A 33 -9.68 6.41 -9.11
N PRO A 34 -10.66 7.14 -8.57
CA PRO A 34 -12.08 6.76 -8.66
C PRO A 34 -12.62 6.90 -10.08
N TRP A 35 -11.75 7.25 -11.01
CA TRP A 35 -12.13 7.40 -12.41
C TRP A 35 -11.38 6.43 -13.31
N CYS A 36 -10.24 5.96 -12.82
CA CYS A 36 -9.41 5.03 -13.58
C CYS A 36 -10.04 3.63 -13.59
N GLY A 37 -10.41 3.17 -14.78
CA GLY A 37 -11.01 1.85 -14.90
C GLY A 37 -10.13 0.74 -14.36
N HIS A 38 -8.97 0.55 -14.99
CA HIS A 38 -8.03 -0.48 -14.56
C HIS A 38 -8.09 -0.67 -13.04
N CYS A 39 -7.96 0.42 -12.31
CA CYS A 39 -8.00 0.38 -10.85
C CYS A 39 -9.13 -0.53 -10.37
N LYS A 40 -10.33 -0.29 -10.89
CA LYS A 40 -11.50 -1.08 -10.51
C LYS A 40 -11.13 -2.55 -10.32
N LYS A 41 -10.15 -3.00 -11.10
CA LYS A 41 -9.70 -4.39 -11.02
C LYS A 41 -8.73 -4.58 -9.86
N LEU A 42 -7.87 -3.59 -9.64
CA LEU A 42 -6.90 -3.65 -8.56
C LEU A 42 -7.57 -3.42 -7.21
N ALA A 43 -8.69 -2.71 -7.23
CA ALA A 43 -9.43 -2.42 -6.00
C ALA A 43 -9.51 -3.66 -5.11
N PRO A 44 -10.13 -4.72 -5.63
CA PRO A 44 -10.29 -5.98 -4.88
C PRO A 44 -8.97 -6.71 -4.70
N GLU A 45 -8.09 -6.61 -5.69
CA GLU A 45 -6.80 -7.27 -5.65
C GLU A 45 -5.92 -6.65 -4.55
N TYR A 46 -6.18 -5.39 -4.24
CA TYR A 46 -5.42 -4.68 -3.21
C TYR A 46 -6.06 -4.86 -1.84
N GLU A 47 -7.32 -4.46 -1.74
CA GLU A 47 -8.06 -4.56 -0.48
C GLU A 47 -7.97 -5.98 0.08
N LYS A 48 -8.07 -6.97 -0.79
CA LYS A 48 -8.01 -8.36 -0.39
C LYS A 48 -6.61 -8.72 0.11
N ALA A 49 -5.60 -8.39 -0.68
CA ALA A 49 -4.22 -8.67 -0.30
C ALA A 49 -3.94 -8.23 1.13
N ALA A 50 -4.55 -7.14 1.55
CA ALA A 50 -4.37 -6.63 2.90
C ALA A 50 -4.82 -7.65 3.94
N LYS A 51 -5.96 -8.29 3.68
CA LYS A 51 -6.49 -9.29 4.59
C LYS A 51 -5.46 -10.37 4.89
N GLU A 52 -4.85 -10.89 3.83
CA GLU A 52 -3.84 -11.93 3.98
C GLU A 52 -2.68 -11.45 4.86
N LEU A 53 -2.05 -10.36 4.44
CA LEU A 53 -0.93 -9.79 5.18
C LEU A 53 -1.31 -9.53 6.63
N SER A 54 -2.53 -9.05 6.83
CA SER A 54 -3.02 -8.76 8.18
C SER A 54 -3.06 -10.03 9.03
N LYS A 55 -3.30 -11.16 8.39
CA LYS A 55 -3.35 -12.43 9.09
C LYS A 55 -2.01 -13.17 8.99
N ARG A 56 -0.98 -12.44 8.60
CA ARG A 56 0.36 -13.03 8.47
C ARG A 56 1.30 -12.47 9.53
N SER A 57 2.56 -12.87 9.45
CA SER A 57 3.57 -12.41 10.41
C SER A 57 4.97 -12.46 9.79
N PRO A 58 5.65 -11.30 9.78
CA PRO A 58 5.10 -10.05 10.34
C PRO A 58 3.97 -9.50 9.49
N PRO A 59 2.92 -8.99 10.16
CA PRO A 59 1.75 -8.42 9.49
C PRO A 59 2.07 -7.10 8.79
N ILE A 60 1.90 -7.08 7.48
CA ILE A 60 2.16 -5.87 6.69
C ILE A 60 0.86 -5.21 6.24
N PRO A 61 0.46 -4.15 6.95
CA PRO A 61 -0.76 -3.41 6.63
C PRO A 61 -0.65 -2.62 5.34
N LEU A 62 -1.76 -2.49 4.62
CA LEU A 62 -1.78 -1.76 3.37
C LEU A 62 -2.65 -0.50 3.48
N ALA A 63 -2.31 0.52 2.70
CA ALA A 63 -3.05 1.77 2.71
C ALA A 63 -3.34 2.24 1.29
N LYS A 64 -4.54 2.80 1.09
CA LYS A 64 -4.94 3.30 -0.22
C LYS A 64 -5.08 4.82 -0.21
N VAL A 65 -4.47 5.48 -1.18
CA VAL A 65 -4.52 6.93 -1.29
C VAL A 65 -5.13 7.36 -2.61
N ASP A 66 -5.95 8.41 -2.58
CA ASP A 66 -6.60 8.92 -3.78
C ASP A 66 -5.70 9.92 -4.49
N ALA A 67 -4.85 9.43 -5.38
CA ALA A 67 -3.94 10.28 -6.13
C ALA A 67 -4.69 11.42 -6.82
N THR A 68 -6.02 11.29 -6.90
CA THR A 68 -6.85 12.29 -7.54
C THR A 68 -7.06 13.49 -6.62
N GLU A 69 -7.27 13.22 -5.33
CA GLU A 69 -7.50 14.27 -4.35
C GLU A 69 -6.19 14.66 -3.67
N GLN A 70 -5.37 13.66 -3.35
CA GLN A 70 -4.09 13.91 -2.69
C GLN A 70 -2.99 14.14 -3.72
N THR A 71 -3.29 14.91 -4.75
CA THR A 71 -2.33 15.20 -5.80
C THR A 71 -0.98 15.59 -5.21
N ASP A 72 -1.00 16.40 -4.16
CA ASP A 72 0.22 16.84 -3.51
C ASP A 72 1.13 15.65 -3.20
N LEU A 73 0.54 14.59 -2.65
CA LEU A 73 1.29 13.39 -2.30
C LEU A 73 1.66 12.59 -3.55
N ALA A 74 0.72 12.49 -4.48
CA ALA A 74 0.95 11.76 -5.73
C ALA A 74 2.12 12.35 -6.49
N LYS A 75 2.00 13.62 -6.86
CA LYS A 75 3.06 14.31 -7.61
C LYS A 75 4.40 14.15 -6.91
N ARG A 76 4.39 14.18 -5.58
CA ARG A 76 5.61 14.03 -4.80
C ARG A 76 6.29 12.69 -5.09
N PHE A 77 5.47 11.68 -5.38
CA PHE A 77 5.98 10.34 -5.66
C PHE A 77 5.88 10.03 -7.15
N ASP A 78 5.91 11.09 -7.97
CA ASP A 78 5.82 10.92 -9.42
C ASP A 78 4.72 9.96 -9.80
N VAL A 79 3.52 10.20 -9.27
CA VAL A 79 2.37 9.35 -9.56
C VAL A 79 1.48 9.96 -10.64
N SER A 80 1.77 9.63 -11.89
CA SER A 80 1.00 10.15 -13.01
C SER A 80 0.29 9.03 -13.76
N GLY A 81 0.69 7.79 -13.46
CA GLY A 81 0.09 6.64 -14.12
C GLY A 81 -0.37 5.59 -13.13
N TYR A 82 -1.67 5.56 -12.85
CA TYR A 82 -2.23 4.60 -11.92
C TYR A 82 -2.65 3.32 -12.64
N PRO A 83 -2.71 2.21 -11.89
CA PRO A 83 -2.40 2.20 -10.46
C PRO A 83 -0.91 2.43 -10.19
N THR A 84 -0.60 3.03 -9.05
CA THR A 84 0.79 3.29 -8.68
C THR A 84 1.05 2.92 -7.22
N LEU A 85 1.68 1.77 -7.01
CA LEU A 85 1.99 1.30 -5.68
C LEU A 85 3.42 1.67 -5.28
N LYS A 86 3.65 1.87 -3.99
CA LYS A 86 4.96 2.23 -3.48
C LYS A 86 5.12 1.81 -2.02
N ILE A 87 6.26 1.20 -1.70
CA ILE A 87 6.52 0.77 -0.33
C ILE A 87 7.14 1.88 0.49
N PHE A 88 6.68 2.03 1.72
CA PHE A 88 7.19 3.06 2.62
C PHE A 88 7.71 2.45 3.92
N ARG A 89 8.97 2.74 4.24
CA ARG A 89 9.58 2.21 5.46
C ARG A 89 9.94 3.34 6.41
N LYS A 90 9.31 3.34 7.60
CA LYS A 90 9.56 4.36 8.60
C LYS A 90 9.71 5.74 7.95
N GLY A 91 8.98 5.96 6.87
CA GLY A 91 9.04 7.23 6.17
C GLY A 91 10.02 7.22 5.03
N ARG A 92 10.13 6.08 4.34
CA ARG A 92 11.05 5.95 3.22
C ARG A 92 10.38 5.20 2.07
N PRO A 93 10.02 5.95 1.02
CA PRO A 93 9.37 5.38 -0.17
C PRO A 93 10.33 4.52 -0.99
N PHE A 94 9.78 3.49 -1.62
CA PHE A 94 10.58 2.58 -2.45
C PHE A 94 9.77 2.07 -3.64
N ASP A 95 10.22 2.43 -4.84
CA ASP A 95 9.54 2.01 -6.06
C ASP A 95 9.09 0.56 -5.95
N TYR A 96 7.78 0.36 -5.85
CA TYR A 96 7.22 -0.99 -5.73
C TYR A 96 7.29 -1.72 -7.07
N ASN A 97 8.15 -2.72 -7.14
CA ASN A 97 8.32 -3.52 -8.36
C ASN A 97 7.98 -4.98 -8.12
N GLY A 98 6.93 -5.45 -8.77
CA GLY A 98 6.51 -6.84 -8.62
C GLY A 98 5.10 -7.08 -9.11
N PRO A 99 4.51 -8.19 -8.67
CA PRO A 99 3.15 -8.57 -9.07
C PRO A 99 2.09 -7.66 -8.45
N ARG A 100 1.16 -7.20 -9.27
CA ARG A 100 0.09 -6.32 -8.81
C ARG A 100 -1.19 -7.09 -8.55
N GLU A 101 -1.05 -8.34 -8.12
CA GLU A 101 -2.20 -9.20 -7.85
C GLU A 101 -2.33 -9.45 -6.35
N LYS A 102 -3.54 -9.81 -5.92
CA LYS A 102 -3.80 -10.09 -4.51
C LYS A 102 -2.72 -10.97 -3.92
N TYR A 103 -2.56 -12.16 -4.48
CA TYR A 103 -1.55 -13.11 -4.00
C TYR A 103 -0.15 -12.51 -4.14
N GLY A 104 0.26 -12.29 -5.39
CA GLY A 104 1.58 -11.74 -5.64
C GLY A 104 1.94 -10.62 -4.67
N ILE A 105 1.21 -9.51 -4.76
CA ILE A 105 1.45 -8.36 -3.89
C ILE A 105 1.83 -8.82 -2.48
N VAL A 106 1.11 -9.80 -1.97
CA VAL A 106 1.36 -10.33 -0.64
C VAL A 106 2.74 -10.99 -0.56
N ASP A 107 2.96 -11.96 -1.45
CA ASP A 107 4.23 -12.68 -1.48
C ASP A 107 5.41 -11.71 -1.54
N TYR A 108 5.26 -10.66 -2.36
CA TYR A 108 6.31 -9.66 -2.50
C TYR A 108 6.58 -8.95 -1.17
N MET A 109 5.59 -8.20 -0.71
CA MET A 109 5.70 -7.47 0.56
C MET A 109 6.46 -8.30 1.59
N ILE A 110 6.16 -9.59 1.64
CA ILE A 110 6.81 -10.49 2.59
C ILE A 110 8.32 -10.51 2.37
N GLU A 111 8.73 -10.96 1.19
CA GLU A 111 10.15 -11.03 0.87
C GLU A 111 10.84 -9.69 1.14
N GLN A 112 10.08 -8.61 1.05
CA GLN A 112 10.62 -7.28 1.29
C GLN A 112 10.94 -7.08 2.77
N SER A 113 9.95 -7.32 3.63
CA SER A 113 10.12 -7.16 5.06
C SER A 113 11.33 -7.95 5.55
N GLY A 114 11.55 -9.12 4.95
CA GLY A 114 12.69 -9.95 5.34
C GLY A 114 12.32 -11.41 5.39
N SER A 115 12.26 -12.05 4.23
CA SER A 115 11.92 -13.46 4.13
C SER A 115 13.18 -14.32 4.03
N GLY A 116 14.19 -13.98 4.83
CA GLY A 116 15.43 -14.73 4.81
C GLY A 116 15.44 -15.88 5.79
N PRO A 117 15.55 -15.55 7.09
CA PRO A 117 15.58 -16.56 8.16
C PRO A 117 14.22 -17.23 8.35
N SER A 118 13.16 -16.42 8.41
CA SER A 118 11.82 -16.94 8.59
C SER A 118 11.24 -17.43 7.26
N SER A 119 12.04 -18.22 6.54
CA SER A 119 11.61 -18.75 5.25
C SER A 119 10.94 -20.11 5.43
N GLY A 120 9.72 -20.23 4.93
CA GLY A 120 8.99 -21.48 5.04
C GLY A 120 7.68 -21.46 4.28
N GLY A 1 -2.89 -2.61 20.41
CA GLY A 1 -3.62 -3.58 19.62
C GLY A 1 -4.84 -2.97 18.96
N SER A 2 -4.64 -2.33 17.82
CA SER A 2 -5.73 -1.70 17.08
C SER A 2 -6.30 -2.65 16.03
N SER A 3 -7.19 -3.54 16.47
CA SER A 3 -7.81 -4.51 15.57
C SER A 3 -8.48 -3.80 14.39
N GLY A 4 -9.19 -2.72 14.68
CA GLY A 4 -9.87 -1.98 13.63
C GLY A 4 -11.32 -2.37 13.49
N SER A 5 -12.19 -1.37 13.39
CA SER A 5 -13.63 -1.60 13.26
C SER A 5 -13.94 -2.31 11.95
N SER A 6 -13.39 -1.80 10.85
CA SER A 6 -13.62 -2.38 9.54
C SER A 6 -12.76 -1.68 8.48
N GLY A 7 -12.40 -2.43 7.44
CA GLY A 7 -11.57 -1.87 6.38
C GLY A 7 -10.09 -2.13 6.59
N VAL A 8 -9.65 -3.31 6.17
CA VAL A 8 -8.24 -3.68 6.32
C VAL A 8 -7.32 -2.61 5.73
N THR A 9 -7.78 -2.00 4.63
CA THR A 9 -6.99 -0.96 3.97
C THR A 9 -7.16 0.39 4.67
N LEU A 10 -6.07 1.11 4.82
CA LEU A 10 -6.09 2.42 5.48
C LEU A 10 -6.05 3.54 4.44
N SER A 11 -6.84 4.58 4.67
CA SER A 11 -6.90 5.73 3.77
C SER A 11 -5.99 6.85 4.26
N LEU A 12 -4.82 6.97 3.63
CA LEU A 12 -3.86 8.01 3.99
C LEU A 12 -4.09 9.27 3.18
N THR A 13 -4.14 10.41 3.87
CA THR A 13 -4.35 11.69 3.21
C THR A 13 -3.19 12.64 3.46
N LYS A 14 -3.07 13.65 2.62
CA LYS A 14 -1.99 14.63 2.74
C LYS A 14 -1.93 15.20 4.15
N ASP A 15 -2.99 14.99 4.92
CA ASP A 15 -3.06 15.47 6.29
C ASP A 15 -2.55 14.41 7.27
N ASN A 16 -2.71 13.15 6.89
CA ASN A 16 -2.25 12.05 7.73
C ASN A 16 -1.51 11.01 6.91
N PHE A 17 -0.75 11.47 5.93
CA PHE A 17 0.01 10.56 5.07
C PHE A 17 1.43 10.40 5.58
N ASP A 18 2.03 11.50 6.02
CA ASP A 18 3.39 11.47 6.55
C ASP A 18 3.39 11.25 8.06
N ASP A 19 2.20 11.28 8.65
CA ASP A 19 2.06 11.08 10.09
C ASP A 19 1.70 9.64 10.41
N VAL A 20 1.13 8.94 9.43
CA VAL A 20 0.74 7.55 9.61
C VAL A 20 1.80 6.61 9.04
N VAL A 21 2.24 6.89 7.82
CA VAL A 21 3.25 6.08 7.16
C VAL A 21 4.55 6.06 7.97
N ASN A 22 4.93 7.22 8.49
CA ASN A 22 6.15 7.35 9.28
C ASN A 22 6.07 6.49 10.53
N ASN A 23 4.86 6.17 10.95
CA ASN A 23 4.64 5.36 12.15
C ASN A 23 4.39 3.90 11.78
N ALA A 24 4.73 3.53 10.55
CA ALA A 24 4.54 2.18 10.07
C ALA A 24 5.86 1.57 9.58
N ASP A 25 6.55 0.87 10.48
CA ASP A 25 7.81 0.25 10.13
C ASP A 25 7.81 -0.24 8.69
N ILE A 26 6.71 -0.85 8.28
CA ILE A 26 6.58 -1.36 6.92
C ILE A 26 5.13 -1.31 6.45
N ILE A 27 4.85 -0.38 5.54
CA ILE A 27 3.50 -0.22 5.00
C ILE A 27 3.53 0.01 3.50
N LEU A 28 2.47 -0.43 2.82
CA LEU A 28 2.38 -0.27 1.38
C LEU A 28 1.28 0.73 1.01
N VAL A 29 1.57 1.60 0.04
CA VAL A 29 0.61 2.59 -0.40
C VAL A 29 0.30 2.44 -1.89
N GLU A 30 -0.98 2.25 -2.21
CA GLU A 30 -1.41 2.08 -3.59
C GLU A 30 -2.31 3.24 -4.02
N PHE A 31 -1.80 4.06 -4.93
CA PHE A 31 -2.55 5.21 -5.43
C PHE A 31 -3.56 4.78 -6.49
N TYR A 32 -4.84 4.99 -6.21
CA TYR A 32 -5.90 4.62 -7.14
C TYR A 32 -6.81 5.81 -7.42
N ALA A 33 -7.63 5.68 -8.46
CA ALA A 33 -8.56 6.74 -8.84
C ALA A 33 -9.98 6.20 -8.99
N PRO A 34 -10.96 6.94 -8.43
CA PRO A 34 -12.37 6.55 -8.49
C PRO A 34 -12.94 6.68 -9.90
N TRP A 35 -12.09 7.04 -10.85
CA TRP A 35 -12.51 7.20 -12.24
C TRP A 35 -11.68 6.32 -13.17
N CYS A 36 -10.50 5.94 -12.70
CA CYS A 36 -9.61 5.10 -13.49
C CYS A 36 -10.04 3.63 -13.43
N GLY A 37 -10.38 3.08 -14.59
CA GLY A 37 -10.81 1.70 -14.64
C GLY A 37 -9.73 0.74 -14.19
N HIS A 38 -8.54 0.86 -14.77
CA HIS A 38 -7.42 -0.01 -14.42
C HIS A 38 -7.34 -0.20 -12.91
N CYS A 39 -7.78 0.80 -12.17
CA CYS A 39 -7.76 0.74 -10.71
C CYS A 39 -8.93 -0.07 -10.18
N LYS A 40 -10.07 0.03 -10.86
CA LYS A 40 -11.27 -0.70 -10.46
C LYS A 40 -11.01 -2.20 -10.42
N LYS A 41 -9.87 -2.61 -10.97
CA LYS A 41 -9.50 -4.03 -11.00
C LYS A 41 -8.56 -4.36 -9.84
N LEU A 42 -7.63 -3.45 -9.57
CA LEU A 42 -6.67 -3.65 -8.49
C LEU A 42 -7.31 -3.39 -7.13
N ALA A 43 -8.30 -2.50 -7.11
CA ALA A 43 -9.00 -2.17 -5.87
C ALA A 43 -9.16 -3.40 -4.98
N PRO A 44 -9.84 -4.43 -5.51
CA PRO A 44 -10.08 -5.68 -4.79
C PRO A 44 -8.80 -6.50 -4.59
N GLU A 45 -7.89 -6.38 -5.55
CA GLU A 45 -6.62 -7.10 -5.50
C GLU A 45 -5.73 -6.56 -4.38
N TYR A 46 -5.92 -5.28 -4.06
CA TYR A 46 -5.13 -4.64 -3.02
C TYR A 46 -5.75 -4.87 -1.64
N GLU A 47 -7.06 -4.64 -1.55
CA GLU A 47 -7.77 -4.83 -0.29
C GLU A 47 -7.74 -6.28 0.15
N LYS A 48 -7.84 -7.19 -0.81
CA LYS A 48 -7.81 -8.62 -0.53
C LYS A 48 -6.46 -9.04 0.06
N ALA A 49 -5.38 -8.61 -0.57
CA ALA A 49 -4.04 -8.93 -0.10
C ALA A 49 -3.83 -8.43 1.32
N ALA A 50 -4.41 -7.29 1.64
CA ALA A 50 -4.29 -6.70 2.97
C ALA A 50 -4.86 -7.63 4.04
N LYS A 51 -5.92 -8.35 3.67
CA LYS A 51 -6.56 -9.28 4.59
C LYS A 51 -5.65 -10.47 4.91
N GLU A 52 -4.93 -10.93 3.90
CA GLU A 52 -4.01 -12.06 4.06
C GLU A 52 -2.75 -11.63 4.79
N LEU A 53 -2.39 -10.35 4.66
CA LEU A 53 -1.21 -9.81 5.32
C LEU A 53 -1.51 -9.43 6.77
N SER A 54 -2.66 -8.81 6.98
CA SER A 54 -3.07 -8.40 8.32
C SER A 54 -3.08 -9.58 9.28
N LYS A 55 -3.34 -10.76 8.75
CA LYS A 55 -3.38 -11.98 9.55
C LYS A 55 -2.02 -12.67 9.56
N ARG A 56 -1.23 -12.42 8.52
CA ARG A 56 0.10 -13.02 8.41
C ARG A 56 1.03 -12.47 9.49
N SER A 57 2.27 -12.96 9.50
CA SER A 57 3.26 -12.52 10.48
C SER A 57 4.66 -12.56 9.90
N PRO A 58 5.34 -11.40 9.92
CA PRO A 58 4.79 -10.17 10.48
C PRO A 58 3.67 -9.60 9.61
N PRO A 59 2.62 -9.07 10.27
CA PRO A 59 1.47 -8.49 9.58
C PRO A 59 1.82 -7.18 8.88
N ILE A 60 1.65 -7.15 7.56
CA ILE A 60 1.95 -5.96 6.78
C ILE A 60 0.67 -5.28 6.31
N PRO A 61 0.28 -4.21 7.03
CA PRO A 61 -0.93 -3.44 6.70
C PRO A 61 -0.78 -2.66 5.40
N LEU A 62 -1.89 -2.51 4.68
CA LEU A 62 -1.89 -1.78 3.43
C LEU A 62 -2.73 -0.51 3.53
N ALA A 63 -2.42 0.48 2.69
CA ALA A 63 -3.14 1.74 2.69
C ALA A 63 -3.44 2.20 1.27
N LYS A 64 -4.64 2.72 1.06
CA LYS A 64 -5.04 3.20 -0.26
C LYS A 64 -5.17 4.72 -0.27
N VAL A 65 -4.55 5.36 -1.25
CA VAL A 65 -4.60 6.81 -1.38
C VAL A 65 -5.19 7.22 -2.71
N ASP A 66 -6.06 8.23 -2.68
CA ASP A 66 -6.70 8.73 -3.89
C ASP A 66 -5.88 9.86 -4.52
N ALA A 67 -4.97 9.49 -5.41
CA ALA A 67 -4.12 10.47 -6.08
C ALA A 67 -4.94 11.64 -6.60
N THR A 68 -6.20 11.38 -6.94
CA THR A 68 -7.09 12.42 -7.44
C THR A 68 -7.42 13.44 -6.36
N GLU A 69 -7.50 12.97 -5.12
CA GLU A 69 -7.81 13.85 -3.99
C GLU A 69 -6.54 14.24 -3.24
N GLN A 70 -5.48 13.45 -3.44
CA GLN A 70 -4.21 13.70 -2.78
C GLN A 70 -3.11 14.00 -3.79
N THR A 71 -3.49 14.62 -4.90
CA THR A 71 -2.54 14.96 -5.95
C THR A 71 -1.24 15.48 -5.37
N ASP A 72 -1.35 16.31 -4.34
CA ASP A 72 -0.17 16.88 -3.68
C ASP A 72 0.84 15.79 -3.33
N LEU A 73 0.35 14.69 -2.78
CA LEU A 73 1.21 13.57 -2.39
C LEU A 73 1.67 12.80 -3.62
N ALA A 74 0.75 12.58 -4.56
CA ALA A 74 1.06 11.86 -5.78
C ALA A 74 2.28 12.46 -6.48
N LYS A 75 2.19 13.74 -6.81
CA LYS A 75 3.29 14.43 -7.49
C LYS A 75 4.61 14.21 -6.75
N ARG A 76 4.56 14.25 -5.42
CA ARG A 76 5.75 14.05 -4.61
C ARG A 76 6.40 12.71 -4.91
N PHE A 77 5.58 11.73 -5.28
CA PHE A 77 6.07 10.40 -5.60
C PHE A 77 5.98 10.12 -7.10
N ASP A 78 5.99 11.19 -7.89
CA ASP A 78 5.90 11.07 -9.34
C ASP A 78 4.75 10.14 -9.73
N VAL A 79 3.61 10.31 -9.08
CA VAL A 79 2.44 9.48 -9.36
C VAL A 79 1.54 10.16 -10.39
N SER A 80 1.69 9.77 -11.65
CA SER A 80 0.88 10.33 -12.74
C SER A 80 0.17 9.23 -13.51
N GLY A 81 0.47 7.99 -13.17
CA GLY A 81 -0.16 6.85 -13.84
C GLY A 81 -0.58 5.76 -12.88
N TYR A 82 -1.87 5.70 -12.58
CA TYR A 82 -2.39 4.70 -11.66
C TYR A 82 -2.83 3.44 -12.42
N PRO A 83 -2.86 2.30 -11.72
CA PRO A 83 -2.49 2.25 -10.29
C PRO A 83 -1.01 2.45 -10.07
N THR A 84 -0.66 2.99 -8.90
CA THR A 84 0.74 3.25 -8.57
C THR A 84 1.04 2.81 -7.14
N LEU A 85 1.73 1.68 -7.01
CA LEU A 85 2.08 1.14 -5.70
C LEU A 85 3.50 1.57 -5.32
N LYS A 86 3.70 1.84 -4.03
CA LYS A 86 5.00 2.25 -3.52
C LYS A 86 5.19 1.81 -2.06
N ILE A 87 6.33 1.21 -1.77
CA ILE A 87 6.62 0.75 -0.42
C ILE A 87 7.29 1.85 0.40
N PHE A 88 6.86 1.98 1.65
CA PHE A 88 7.41 3.00 2.54
C PHE A 88 7.98 2.36 3.81
N ARG A 89 9.20 2.75 4.16
CA ARG A 89 9.85 2.21 5.35
C ARG A 89 10.20 3.33 6.33
N LYS A 90 9.44 3.41 7.42
CA LYS A 90 9.67 4.43 8.43
C LYS A 90 9.83 5.81 7.79
N GLY A 91 9.15 6.02 6.68
CA GLY A 91 9.23 7.29 5.99
C GLY A 91 10.19 7.25 4.80
N ARG A 92 10.32 6.08 4.20
CA ARG A 92 11.21 5.91 3.05
C ARG A 92 10.50 5.17 1.93
N PRO A 93 10.05 5.92 0.91
CA PRO A 93 9.36 5.35 -0.25
C PRO A 93 10.28 4.54 -1.14
N PHE A 94 9.74 3.51 -1.77
CA PHE A 94 10.51 2.65 -2.65
C PHE A 94 9.65 2.12 -3.80
N ASP A 95 10.09 2.36 -5.03
CA ASP A 95 9.37 1.91 -6.21
C ASP A 95 8.95 0.45 -6.06
N TYR A 96 7.65 0.21 -6.00
CA TYR A 96 7.12 -1.15 -5.86
C TYR A 96 7.16 -1.89 -7.19
N ASN A 97 7.99 -2.92 -7.27
CA ASN A 97 8.11 -3.72 -8.48
C ASN A 97 7.78 -5.18 -8.21
N GLY A 98 6.71 -5.66 -8.83
CA GLY A 98 6.30 -7.04 -8.64
C GLY A 98 4.93 -7.32 -9.22
N PRO A 99 4.31 -8.44 -8.78
CA PRO A 99 2.98 -8.83 -9.25
C PRO A 99 1.88 -7.91 -8.75
N ARG A 100 0.95 -7.57 -9.62
CA ARG A 100 -0.16 -6.69 -9.27
C ARG A 100 -1.41 -7.49 -8.95
N GLU A 101 -1.22 -8.69 -8.40
CA GLU A 101 -2.35 -9.56 -8.05
C GLU A 101 -2.45 -9.72 -6.53
N LYS A 102 -3.65 -10.07 -6.07
CA LYS A 102 -3.88 -10.26 -4.64
C LYS A 102 -2.79 -11.12 -4.01
N TYR A 103 -2.69 -12.36 -4.47
CA TYR A 103 -1.69 -13.29 -3.96
C TYR A 103 -0.29 -12.74 -4.16
N GLY A 104 0.05 -12.40 -5.41
CA GLY A 104 1.37 -11.86 -5.70
C GLY A 104 1.78 -10.78 -4.72
N ILE A 105 1.07 -9.67 -4.73
CA ILE A 105 1.37 -8.55 -3.84
C ILE A 105 1.77 -9.05 -2.45
N VAL A 106 0.91 -9.88 -1.86
CA VAL A 106 1.17 -10.42 -0.53
C VAL A 106 2.54 -11.09 -0.48
N ASP A 107 2.77 -12.05 -1.37
CA ASP A 107 4.04 -12.77 -1.42
C ASP A 107 5.20 -11.79 -1.53
N TYR A 108 5.03 -10.73 -2.32
CA TYR A 108 6.06 -9.73 -2.51
C TYR A 108 6.35 -9.00 -1.20
N MET A 109 5.36 -8.25 -0.72
CA MET A 109 5.51 -7.51 0.53
C MET A 109 6.26 -8.32 1.57
N ILE A 110 6.04 -9.63 1.56
CA ILE A 110 6.71 -10.52 2.51
C ILE A 110 8.22 -10.55 2.27
N GLU A 111 8.62 -10.97 1.07
CA GLU A 111 10.02 -11.04 0.72
C GLU A 111 10.72 -9.70 0.96
N GLN A 112 9.93 -8.63 0.91
CA GLN A 112 10.48 -7.28 1.12
C GLN A 112 10.83 -7.06 2.59
N SER A 113 9.86 -7.27 3.46
CA SER A 113 10.07 -7.09 4.90
C SER A 113 11.45 -7.60 5.31
N GLY A 114 11.87 -8.71 4.71
CA GLY A 114 13.16 -9.28 5.03
C GLY A 114 13.11 -10.79 5.15
N SER A 115 12.79 -11.46 4.05
CA SER A 115 12.70 -12.92 4.04
C SER A 115 12.73 -13.46 2.62
N GLY A 116 12.91 -14.78 2.49
CA GLY A 116 12.95 -15.40 1.18
C GLY A 116 12.31 -16.76 1.17
N PRO A 117 11.70 -17.12 0.03
CA PRO A 117 11.02 -18.40 -0.15
C PRO A 117 12.00 -19.57 -0.19
N SER A 118 11.47 -20.77 -0.44
CA SER A 118 12.30 -21.97 -0.50
C SER A 118 12.71 -22.27 -1.94
N SER A 119 13.87 -22.89 -2.09
CA SER A 119 14.39 -23.24 -3.42
C SER A 119 14.72 -24.72 -3.50
N GLY A 120 13.73 -25.52 -3.91
CA GLY A 120 13.94 -26.95 -4.03
C GLY A 120 14.07 -27.63 -2.69
N GLY A 1 -7.21 7.95 19.40
CA GLY A 1 -7.87 6.73 18.96
C GLY A 1 -7.79 6.54 17.46
N SER A 2 -8.34 7.49 16.71
CA SER A 2 -8.34 7.41 15.26
C SER A 2 -8.88 6.08 14.78
N SER A 3 -9.99 5.64 15.36
CA SER A 3 -10.60 4.37 14.99
C SER A 3 -12.04 4.57 14.53
N GLY A 4 -12.52 3.66 13.69
CA GLY A 4 -13.87 3.75 13.19
C GLY A 4 -14.01 3.19 11.79
N SER A 5 -13.04 3.48 10.94
CA SER A 5 -13.05 3.01 9.55
C SER A 5 -13.17 1.49 9.51
N SER A 6 -14.00 1.00 8.60
CA SER A 6 -14.19 -0.44 8.45
C SER A 6 -13.51 -0.96 7.19
N GLY A 7 -12.33 -1.54 7.36
CA GLY A 7 -11.60 -2.08 6.23
C GLY A 7 -10.14 -2.31 6.56
N VAL A 8 -9.59 -3.42 6.06
CA VAL A 8 -8.19 -3.76 6.30
C VAL A 8 -7.26 -2.66 5.79
N THR A 9 -7.64 -2.05 4.68
CA THR A 9 -6.84 -0.98 4.09
C THR A 9 -7.01 0.33 4.86
N LEU A 10 -5.91 1.06 5.01
CA LEU A 10 -5.93 2.32 5.73
C LEU A 10 -5.97 3.51 4.76
N SER A 11 -6.88 4.44 5.00
CA SER A 11 -7.03 5.61 4.15
C SER A 11 -6.13 6.74 4.63
N LEU A 12 -5.09 7.03 3.86
CA LEU A 12 -4.15 8.10 4.20
C LEU A 12 -4.45 9.37 3.40
N THR A 13 -4.40 10.51 4.07
CA THR A 13 -4.66 11.79 3.42
C THR A 13 -3.46 12.71 3.53
N LYS A 14 -3.56 13.89 2.92
CA LYS A 14 -2.48 14.86 2.95
C LYS A 14 -2.45 15.59 4.29
N ASP A 15 -2.80 14.89 5.35
CA ASP A 15 -2.81 15.48 6.69
C ASP A 15 -2.16 14.53 7.69
N ASN A 16 -2.21 13.23 7.40
CA ASN A 16 -1.62 12.23 8.28
C ASN A 16 -0.83 11.20 7.48
N PHE A 17 -0.51 11.56 6.24
CA PHE A 17 0.26 10.66 5.38
C PHE A 17 1.69 10.49 5.89
N ASP A 18 2.33 11.61 6.21
CA ASP A 18 3.70 11.58 6.71
C ASP A 18 3.72 11.35 8.21
N ASP A 19 2.55 11.36 8.83
CA ASP A 19 2.43 11.15 10.27
C ASP A 19 2.10 9.69 10.58
N VAL A 20 1.49 9.02 9.61
CA VAL A 20 1.13 7.61 9.78
C VAL A 20 2.17 6.69 9.17
N VAL A 21 2.46 6.91 7.88
CA VAL A 21 3.44 6.10 7.18
C VAL A 21 4.78 6.08 7.91
N ASN A 22 5.16 7.24 8.46
CA ASN A 22 6.42 7.35 9.20
C ASN A 22 6.36 6.56 10.50
N ASN A 23 5.16 6.11 10.87
CA ASN A 23 4.97 5.34 12.09
C ASN A 23 4.77 3.87 11.77
N ALA A 24 4.71 3.55 10.49
CA ALA A 24 4.52 2.18 10.05
C ALA A 24 5.82 1.57 9.55
N ASP A 25 6.45 0.74 10.40
CA ASP A 25 7.71 0.10 10.04
C ASP A 25 7.74 -0.26 8.57
N ILE A 26 6.77 -1.06 8.13
CA ILE A 26 6.69 -1.47 6.74
C ILE A 26 5.24 -1.43 6.24
N ILE A 27 4.94 -0.42 5.43
CA ILE A 27 3.60 -0.27 4.88
C ILE A 27 3.64 -0.01 3.38
N LEU A 28 2.61 -0.46 2.67
CA LEU A 28 2.53 -0.27 1.23
C LEU A 28 1.44 0.74 0.86
N VAL A 29 1.71 1.56 -0.14
CA VAL A 29 0.76 2.55 -0.59
C VAL A 29 0.44 2.39 -2.08
N GLU A 30 -0.85 2.32 -2.40
CA GLU A 30 -1.28 2.17 -3.78
C GLU A 30 -2.18 3.33 -4.21
N PHE A 31 -1.67 4.15 -5.13
CA PHE A 31 -2.42 5.30 -5.62
C PHE A 31 -3.40 4.89 -6.71
N TYR A 32 -4.69 4.95 -6.41
CA TYR A 32 -5.73 4.58 -7.36
C TYR A 32 -6.67 5.75 -7.62
N ALA A 33 -7.48 5.63 -8.67
CA ALA A 33 -8.43 6.67 -9.02
C ALA A 33 -9.83 6.09 -9.22
N PRO A 34 -10.84 6.78 -8.66
CA PRO A 34 -12.23 6.35 -8.76
C PRO A 34 -12.78 6.50 -10.17
N TRP A 35 -11.94 6.94 -11.09
CA TRP A 35 -12.34 7.13 -12.48
C TRP A 35 -11.55 6.20 -13.41
N CYS A 36 -10.36 5.82 -12.98
CA CYS A 36 -9.51 4.94 -13.77
C CYS A 36 -10.04 3.51 -13.74
N GLY A 37 -10.41 3.01 -14.91
CA GLY A 37 -10.93 1.65 -15.00
C GLY A 37 -9.96 0.62 -14.47
N HIS A 38 -8.81 0.48 -15.14
CA HIS A 38 -7.80 -0.48 -14.73
C HIS A 38 -7.78 -0.63 -13.21
N CYS A 39 -7.77 0.49 -12.51
CA CYS A 39 -7.75 0.48 -11.05
C CYS A 39 -8.82 -0.45 -10.50
N LYS A 40 -10.06 -0.27 -10.97
CA LYS A 40 -11.17 -1.10 -10.53
C LYS A 40 -10.73 -2.54 -10.32
N LYS A 41 -9.71 -2.95 -11.06
CA LYS A 41 -9.19 -4.31 -10.97
C LYS A 41 -8.27 -4.47 -9.77
N LEU A 42 -7.39 -3.49 -9.57
CA LEU A 42 -6.46 -3.51 -8.45
C LEU A 42 -7.18 -3.26 -7.13
N ALA A 43 -8.12 -2.32 -7.14
CA ALA A 43 -8.89 -1.99 -5.95
C ALA A 43 -9.10 -3.22 -5.07
N PRO A 44 -9.76 -4.24 -5.63
CA PRO A 44 -10.04 -5.49 -4.91
C PRO A 44 -8.79 -6.31 -4.67
N GLU A 45 -7.83 -6.22 -5.60
CA GLU A 45 -6.58 -6.96 -5.48
C GLU A 45 -5.74 -6.43 -4.32
N TYR A 46 -5.92 -5.15 -4.01
CA TYR A 46 -5.18 -4.52 -2.92
C TYR A 46 -5.89 -4.72 -1.59
N GLU A 47 -7.16 -4.31 -1.53
CA GLU A 47 -7.94 -4.45 -0.30
C GLU A 47 -7.95 -5.89 0.18
N LYS A 48 -7.92 -6.83 -0.76
CA LYS A 48 -7.93 -8.25 -0.43
C LYS A 48 -6.56 -8.68 0.10
N ALA A 49 -5.50 -8.22 -0.55
CA ALA A 49 -4.14 -8.55 -0.15
C ALA A 49 -3.90 -8.20 1.32
N ALA A 50 -4.54 -7.12 1.77
CA ALA A 50 -4.39 -6.68 3.16
C ALA A 50 -5.02 -7.68 4.12
N LYS A 51 -6.11 -8.30 3.69
CA LYS A 51 -6.81 -9.28 4.51
C LYS A 51 -5.90 -10.44 4.87
N GLU A 52 -5.07 -10.86 3.92
CA GLU A 52 -4.14 -11.96 4.15
C GLU A 52 -2.99 -11.52 5.04
N LEU A 53 -2.15 -10.62 4.52
CA LEU A 53 -1.01 -10.12 5.28
C LEU A 53 -1.38 -9.87 6.73
N SER A 54 -2.49 -9.16 6.94
CA SER A 54 -2.95 -8.84 8.28
C SER A 54 -2.86 -10.06 9.19
N LYS A 55 -3.17 -11.22 8.64
CA LYS A 55 -3.12 -12.47 9.40
C LYS A 55 -1.70 -13.00 9.49
N ARG A 56 -0.94 -12.82 8.42
CA ARG A 56 0.45 -13.28 8.38
C ARG A 56 1.23 -12.75 9.58
N SER A 57 2.52 -13.05 9.61
CA SER A 57 3.38 -12.61 10.71
C SER A 57 4.84 -12.59 10.27
N PRO A 58 5.46 -11.40 10.35
CA PRO A 58 4.78 -10.18 10.81
C PRO A 58 3.74 -9.68 9.82
N PRO A 59 2.59 -9.24 10.35
CA PRO A 59 1.48 -8.74 9.52
C PRO A 59 1.81 -7.40 8.87
N ILE A 60 1.82 -7.37 7.54
CA ILE A 60 2.12 -6.16 6.79
C ILE A 60 0.85 -5.45 6.36
N PRO A 61 0.52 -4.34 7.04
CA PRO A 61 -0.68 -3.55 6.74
C PRO A 61 -0.57 -2.82 5.41
N LEU A 62 -1.71 -2.57 4.78
CA LEU A 62 -1.75 -1.89 3.49
C LEU A 62 -2.60 -0.63 3.57
N ALA A 63 -2.24 0.38 2.78
CA ALA A 63 -2.97 1.64 2.76
C ALA A 63 -3.40 2.01 1.34
N LYS A 64 -4.52 2.71 1.23
CA LYS A 64 -5.03 3.13 -0.07
C LYS A 64 -5.19 4.64 -0.14
N VAL A 65 -4.71 5.24 -1.22
CA VAL A 65 -4.81 6.68 -1.41
C VAL A 65 -5.45 7.03 -2.74
N ASP A 66 -6.20 8.12 -2.76
CA ASP A 66 -6.88 8.56 -3.98
C ASP A 66 -6.08 9.67 -4.67
N ALA A 67 -5.08 9.26 -5.45
CA ALA A 67 -4.25 10.23 -6.17
C ALA A 67 -5.09 11.32 -6.80
N THR A 68 -6.37 11.04 -7.00
CA THR A 68 -7.28 12.01 -7.60
C THR A 68 -7.61 13.14 -6.63
N GLU A 69 -7.81 12.78 -5.36
CA GLU A 69 -8.12 13.77 -4.33
C GLU A 69 -6.86 14.22 -3.60
N GLN A 70 -5.96 13.27 -3.34
CA GLN A 70 -4.71 13.57 -2.66
C GLN A 70 -3.58 13.80 -3.65
N THR A 71 -3.88 14.55 -4.71
CA THR A 71 -2.89 14.85 -5.73
C THR A 71 -1.55 15.26 -5.12
N ASP A 72 -1.59 16.26 -4.24
CA ASP A 72 -0.40 16.75 -3.58
C ASP A 72 0.58 15.60 -3.29
N LEU A 73 0.07 14.55 -2.65
CA LEU A 73 0.89 13.40 -2.31
C LEU A 73 1.43 12.73 -3.57
N ALA A 74 0.58 12.62 -4.59
CA ALA A 74 0.97 12.01 -5.85
C ALA A 74 2.15 12.75 -6.47
N LYS A 75 2.02 14.06 -6.60
CA LYS A 75 3.07 14.90 -7.18
C LYS A 75 4.41 14.62 -6.50
N ARG A 76 4.38 14.48 -5.18
CA ARG A 76 5.59 14.22 -4.40
C ARG A 76 6.28 12.94 -4.89
N PHE A 77 5.48 11.98 -5.31
CA PHE A 77 6.01 10.71 -5.79
C PHE A 77 5.91 10.62 -7.32
N ASP A 78 5.96 11.77 -7.98
CA ASP A 78 5.88 11.83 -9.43
C ASP A 78 4.88 10.80 -9.96
N VAL A 79 3.75 10.67 -9.25
CA VAL A 79 2.72 9.72 -9.66
C VAL A 79 1.91 10.26 -10.82
N SER A 80 2.29 9.88 -12.03
CA SER A 80 1.60 10.33 -13.23
C SER A 80 1.13 9.13 -14.07
N GLY A 81 0.53 8.16 -13.40
CA GLY A 81 0.04 6.98 -14.09
C GLY A 81 -0.35 5.87 -13.14
N TYR A 82 -1.65 5.74 -12.89
CA TYR A 82 -2.16 4.72 -11.98
C TYR A 82 -2.53 3.45 -12.75
N PRO A 83 -2.56 2.31 -12.04
CA PRO A 83 -2.24 2.27 -10.61
C PRO A 83 -0.76 2.52 -10.33
N THR A 84 -0.48 3.10 -9.17
CA THR A 84 0.90 3.39 -8.78
C THR A 84 1.17 2.96 -7.35
N LEU A 85 1.91 1.87 -7.19
CA LEU A 85 2.25 1.35 -5.87
C LEU A 85 3.65 1.79 -5.45
N LYS A 86 3.86 1.90 -4.15
CA LYS A 86 5.16 2.31 -3.61
C LYS A 86 5.32 1.86 -2.17
N ILE A 87 6.47 1.29 -1.85
CA ILE A 87 6.76 0.82 -0.50
C ILE A 87 7.37 1.93 0.35
N PHE A 88 6.92 2.04 1.59
CA PHE A 88 7.42 3.06 2.51
C PHE A 88 7.98 2.42 3.77
N ARG A 89 9.20 2.82 4.14
CA ARG A 89 9.86 2.28 5.32
C ARG A 89 10.21 3.40 6.30
N LYS A 90 9.40 3.56 7.34
CA LYS A 90 9.64 4.59 8.35
C LYS A 90 9.84 5.95 7.69
N GLY A 91 9.19 6.16 6.55
CA GLY A 91 9.32 7.42 5.83
C GLY A 91 10.28 7.34 4.67
N ARG A 92 10.40 6.15 4.07
CA ARG A 92 11.29 5.95 2.95
C ARG A 92 10.59 5.23 1.80
N PRO A 93 10.15 6.00 0.80
CA PRO A 93 9.45 5.45 -0.37
C PRO A 93 10.37 4.63 -1.27
N PHE A 94 9.81 3.58 -1.86
CA PHE A 94 10.59 2.72 -2.75
C PHE A 94 9.72 2.20 -3.89
N ASP A 95 10.22 2.34 -5.12
CA ASP A 95 9.50 1.88 -6.30
C ASP A 95 9.05 0.43 -6.13
N TYR A 96 7.74 0.23 -6.04
CA TYR A 96 7.19 -1.10 -5.88
C TYR A 96 7.19 -1.86 -7.20
N ASN A 97 8.04 -2.88 -7.31
CA ASN A 97 8.14 -3.68 -8.52
C ASN A 97 7.80 -5.14 -8.23
N GLY A 98 6.71 -5.61 -8.84
CA GLY A 98 6.30 -7.00 -8.64
C GLY A 98 4.91 -7.26 -9.19
N PRO A 99 4.30 -8.36 -8.74
CA PRO A 99 2.95 -8.76 -9.18
C PRO A 99 1.87 -7.82 -8.65
N ARG A 100 1.00 -7.36 -9.54
CA ARG A 100 -0.08 -6.45 -9.18
C ARG A 100 -1.35 -7.23 -8.84
N GLU A 101 -1.18 -8.46 -8.37
CA GLU A 101 -2.30 -9.31 -8.01
C GLU A 101 -2.41 -9.46 -6.49
N LYS A 102 -3.61 -9.79 -6.02
CA LYS A 102 -3.84 -9.97 -4.59
C LYS A 102 -2.77 -10.86 -3.96
N TYR A 103 -2.75 -12.12 -4.37
CA TYR A 103 -1.79 -13.08 -3.87
C TYR A 103 -0.35 -12.56 -4.04
N GLY A 104 0.00 -12.27 -5.29
CA GLY A 104 1.33 -11.76 -5.57
C GLY A 104 1.77 -10.70 -4.58
N ILE A 105 1.08 -9.56 -4.61
CA ILE A 105 1.40 -8.44 -3.71
C ILE A 105 1.72 -8.95 -2.32
N VAL A 106 0.87 -9.82 -1.79
CA VAL A 106 1.06 -10.38 -0.46
C VAL A 106 2.41 -11.07 -0.34
N ASP A 107 2.72 -11.93 -1.30
CA ASP A 107 3.99 -12.65 -1.31
C ASP A 107 5.16 -11.70 -1.41
N TYR A 108 5.00 -10.65 -2.21
CA TYR A 108 6.05 -9.65 -2.39
C TYR A 108 6.34 -8.92 -1.09
N MET A 109 5.38 -8.11 -0.66
CA MET A 109 5.52 -7.34 0.58
C MET A 109 6.23 -8.17 1.65
N ILE A 110 5.93 -9.47 1.69
CA ILE A 110 6.53 -10.37 2.66
C ILE A 110 8.04 -10.49 2.44
N GLU A 111 8.41 -11.03 1.28
CA GLU A 111 9.83 -11.20 0.95
C GLU A 111 10.60 -9.90 1.19
N GLN A 112 9.92 -8.77 1.07
CA GLN A 112 10.54 -7.47 1.28
C GLN A 112 10.87 -7.26 2.75
N SER A 113 9.91 -7.58 3.62
CA SER A 113 10.10 -7.42 5.06
C SER A 113 11.31 -8.22 5.54
N GLY A 114 11.74 -9.18 4.72
CA GLY A 114 12.87 -10.00 5.09
C GLY A 114 12.61 -11.48 4.90
N SER A 115 13.14 -12.04 3.81
CA SER A 115 12.93 -13.46 3.51
C SER A 115 14.12 -14.28 3.99
N GLY A 116 14.04 -15.59 3.81
CA GLY A 116 15.12 -16.47 4.22
C GLY A 116 14.61 -17.70 4.97
N PRO A 117 14.65 -17.65 6.30
CA PRO A 117 14.19 -18.74 7.16
C PRO A 117 12.68 -18.92 7.12
N SER A 118 11.99 -17.92 6.60
CA SER A 118 10.53 -17.96 6.50
C SER A 118 10.05 -19.38 6.24
N SER A 119 10.57 -19.98 5.17
CA SER A 119 10.19 -21.35 4.81
C SER A 119 11.03 -22.37 5.57
N GLY A 120 12.34 -22.23 5.49
CA GLY A 120 13.23 -23.15 6.16
C GLY A 120 13.95 -24.08 5.21
N GLY A 1 -10.42 -9.84 23.71
CA GLY A 1 -10.93 -9.18 22.53
C GLY A 1 -9.83 -8.74 21.58
N SER A 2 -9.55 -7.44 21.56
CA SER A 2 -8.50 -6.91 20.69
C SER A 2 -8.80 -7.24 19.23
N SER A 3 -10.05 -7.10 18.84
CA SER A 3 -10.47 -7.38 17.47
C SER A 3 -11.77 -6.66 17.13
N GLY A 4 -11.69 -5.67 16.24
CA GLY A 4 -12.86 -4.92 15.85
C GLY A 4 -12.53 -3.78 14.90
N SER A 5 -12.60 -4.06 13.61
CA SER A 5 -12.29 -3.04 12.60
C SER A 5 -13.25 -3.17 11.41
N SER A 6 -13.56 -2.02 10.80
CA SER A 6 -14.46 -2.00 9.66
C SER A 6 -13.68 -1.91 8.35
N GLY A 7 -12.62 -2.70 8.24
CA GLY A 7 -11.80 -2.69 7.05
C GLY A 7 -10.38 -3.12 7.32
N VAL A 8 -9.62 -3.37 6.25
CA VAL A 8 -8.23 -3.79 6.38
C VAL A 8 -7.28 -2.73 5.82
N THR A 9 -7.72 -2.06 4.75
CA THR A 9 -6.90 -1.03 4.12
C THR A 9 -7.07 0.31 4.84
N LEU A 10 -5.96 1.03 4.98
CA LEU A 10 -5.98 2.33 5.66
C LEU A 10 -6.04 3.46 4.64
N SER A 11 -6.88 4.45 4.94
CA SER A 11 -7.05 5.61 4.04
C SER A 11 -6.13 6.74 4.47
N LEU A 12 -5.00 6.87 3.78
CA LEU A 12 -4.04 7.92 4.08
C LEU A 12 -4.30 9.16 3.22
N THR A 13 -4.26 10.33 3.86
CA THR A 13 -4.49 11.59 3.15
C THR A 13 -3.28 12.50 3.25
N LYS A 14 -3.31 13.61 2.52
CA LYS A 14 -2.22 14.57 2.52
C LYS A 14 -2.14 15.30 3.86
N ASP A 15 -2.88 14.81 4.84
CA ASP A 15 -2.89 15.42 6.17
C ASP A 15 -2.39 14.44 7.21
N ASN A 16 -2.50 13.15 6.91
CA ASN A 16 -2.06 12.11 7.84
C ASN A 16 -1.25 11.04 7.11
N PHE A 17 -0.62 11.43 6.01
CA PHE A 17 0.18 10.50 5.21
C PHE A 17 1.59 10.36 5.79
N ASP A 18 2.21 11.51 6.08
CA ASP A 18 3.56 11.52 6.64
C ASP A 18 3.52 11.33 8.16
N ASP A 19 2.31 11.36 8.71
CA ASP A 19 2.14 11.20 10.16
C ASP A 19 1.80 9.75 10.49
N VAL A 20 1.23 9.03 9.53
CA VAL A 20 0.85 7.63 9.74
C VAL A 20 1.93 6.69 9.20
N VAL A 21 2.30 6.88 7.94
CA VAL A 21 3.32 6.05 7.30
C VAL A 21 4.62 6.07 8.11
N ASN A 22 5.01 7.26 8.56
CA ASN A 22 6.23 7.41 9.34
C ASN A 22 6.18 6.56 10.60
N ASN A 23 4.96 6.27 11.08
CA ASN A 23 4.78 5.47 12.28
C ASN A 23 4.52 4.01 11.92
N ALA A 24 4.80 3.65 10.67
CA ALA A 24 4.60 2.28 10.18
C ALA A 24 5.89 1.69 9.67
N ASP A 25 6.56 0.90 10.50
CA ASP A 25 7.82 0.27 10.12
C ASP A 25 7.81 -0.11 8.65
N ILE A 26 6.82 -0.91 8.25
CA ILE A 26 6.69 -1.34 6.87
C ILE A 26 5.25 -1.27 6.40
N ILE A 27 4.97 -0.32 5.51
CA ILE A 27 3.62 -0.15 4.98
C ILE A 27 3.65 0.10 3.48
N LEU A 28 2.62 -0.36 2.78
CA LEU A 28 2.53 -0.18 1.33
C LEU A 28 1.40 0.78 0.97
N VAL A 29 1.68 1.68 0.04
CA VAL A 29 0.68 2.66 -0.40
C VAL A 29 0.41 2.52 -1.89
N GLU A 30 -0.86 2.39 -2.24
CA GLU A 30 -1.26 2.26 -3.64
C GLU A 30 -2.14 3.43 -4.07
N PHE A 31 -1.69 4.14 -5.10
CA PHE A 31 -2.43 5.28 -5.62
C PHE A 31 -3.42 4.85 -6.69
N TYR A 32 -4.70 5.01 -6.40
CA TYR A 32 -5.76 4.63 -7.35
C TYR A 32 -6.69 5.80 -7.62
N ALA A 33 -7.49 5.69 -8.67
CA ALA A 33 -8.43 6.73 -9.04
C ALA A 33 -9.84 6.17 -9.24
N PRO A 34 -10.84 6.85 -8.68
CA PRO A 34 -12.24 6.44 -8.79
C PRO A 34 -12.79 6.60 -10.20
N TRP A 35 -11.92 7.02 -11.12
CA TRP A 35 -12.32 7.21 -12.52
C TRP A 35 -11.53 6.29 -13.44
N CYS A 36 -10.37 5.84 -12.96
CA CYS A 36 -9.51 4.96 -13.76
C CYS A 36 -9.99 3.52 -13.67
N GLY A 37 -10.53 3.02 -14.77
CA GLY A 37 -11.04 1.65 -14.80
C GLY A 37 -9.99 0.65 -14.33
N HIS A 38 -8.89 0.58 -15.05
CA HIS A 38 -7.81 -0.35 -14.70
C HIS A 38 -7.72 -0.54 -13.19
N CYS A 39 -7.84 0.57 -12.46
CA CYS A 39 -7.77 0.52 -11.00
C CYS A 39 -8.91 -0.32 -10.43
N LYS A 40 -10.13 -0.06 -10.88
CA LYS A 40 -11.30 -0.78 -10.41
C LYS A 40 -10.99 -2.28 -10.29
N LYS A 41 -10.00 -2.74 -11.05
CA LYS A 41 -9.61 -4.14 -11.01
C LYS A 41 -8.65 -4.42 -9.86
N LEU A 42 -7.76 -3.47 -9.59
CA LEU A 42 -6.80 -3.61 -8.51
C LEU A 42 -7.46 -3.37 -7.15
N ALA A 43 -8.42 -2.46 -7.12
CA ALA A 43 -9.14 -2.14 -5.89
C ALA A 43 -9.28 -3.37 -5.02
N PRO A 44 -9.96 -4.41 -5.54
CA PRO A 44 -10.18 -5.66 -4.82
C PRO A 44 -8.89 -6.46 -4.63
N GLU A 45 -8.00 -6.36 -5.61
CA GLU A 45 -6.72 -7.07 -5.55
C GLU A 45 -5.82 -6.51 -4.46
N TYR A 46 -6.07 -5.26 -4.09
CA TYR A 46 -5.28 -4.59 -3.05
C TYR A 46 -5.91 -4.78 -1.68
N GLU A 47 -7.20 -4.48 -1.58
CA GLU A 47 -7.92 -4.62 -0.32
C GLU A 47 -7.88 -6.06 0.17
N LYS A 48 -7.93 -7.00 -0.77
CA LYS A 48 -7.91 -8.42 -0.44
C LYS A 48 -6.55 -8.82 0.15
N ALA A 49 -5.48 -8.53 -0.60
CA ALA A 49 -4.14 -8.86 -0.16
C ALA A 49 -3.89 -8.37 1.28
N ALA A 50 -4.50 -7.24 1.61
CA ALA A 50 -4.35 -6.66 2.95
C ALA A 50 -4.88 -7.61 4.01
N LYS A 51 -5.89 -8.40 3.65
CA LYS A 51 -6.48 -9.36 4.57
C LYS A 51 -5.52 -10.51 4.87
N GLU A 52 -4.96 -11.09 3.81
CA GLU A 52 -4.02 -12.20 3.96
C GLU A 52 -2.76 -11.75 4.70
N LEU A 53 -2.39 -10.49 4.52
CA LEU A 53 -1.21 -9.94 5.17
C LEU A 53 -1.51 -9.58 6.63
N SER A 54 -2.68 -8.99 6.86
CA SER A 54 -3.09 -8.60 8.20
C SER A 54 -3.14 -9.80 9.13
N LYS A 55 -3.47 -10.96 8.57
CA LYS A 55 -3.55 -12.20 9.34
C LYS A 55 -2.21 -12.93 9.35
N ARG A 56 -1.34 -12.55 8.42
CA ARG A 56 -0.02 -13.18 8.32
C ARG A 56 0.91 -12.66 9.42
N SER A 57 2.15 -13.12 9.39
CA SER A 57 3.14 -12.72 10.38
C SER A 57 4.56 -12.78 9.80
N PRO A 58 5.26 -11.64 9.86
CA PRO A 58 4.73 -10.40 10.43
C PRO A 58 3.63 -9.79 9.58
N PRO A 59 2.60 -9.25 10.24
CA PRO A 59 1.46 -8.62 9.57
C PRO A 59 1.85 -7.30 8.89
N ILE A 60 1.67 -7.25 7.58
CA ILE A 60 2.00 -6.05 6.82
C ILE A 60 0.74 -5.29 6.42
N PRO A 61 0.47 -4.18 7.13
CA PRO A 61 -0.71 -3.34 6.87
C PRO A 61 -0.60 -2.59 5.54
N LEU A 62 -1.73 -2.41 4.87
CA LEU A 62 -1.76 -1.70 3.60
C LEU A 62 -2.62 -0.45 3.69
N ALA A 63 -2.41 0.47 2.76
CA ALA A 63 -3.16 1.72 2.73
C ALA A 63 -3.48 2.14 1.29
N LYS A 64 -4.66 2.72 1.10
CA LYS A 64 -5.08 3.17 -0.22
C LYS A 64 -5.16 4.69 -0.28
N VAL A 65 -4.57 5.27 -1.31
CA VAL A 65 -4.58 6.72 -1.48
C VAL A 65 -5.19 7.12 -2.82
N ASP A 66 -6.11 8.09 -2.79
CA ASP A 66 -6.77 8.55 -3.99
C ASP A 66 -5.97 9.67 -4.67
N ALA A 67 -4.99 9.28 -5.49
CA ALA A 67 -4.16 10.25 -6.18
C ALA A 67 -5.00 11.37 -6.79
N THR A 68 -6.28 11.11 -6.96
CA THR A 68 -7.20 12.09 -7.53
C THR A 68 -7.45 13.23 -6.56
N GLU A 69 -7.60 12.90 -5.28
CA GLU A 69 -7.84 13.91 -4.25
C GLU A 69 -6.54 14.29 -3.55
N GLN A 70 -5.67 13.31 -3.35
CA GLN A 70 -4.39 13.54 -2.69
C GLN A 70 -3.28 13.77 -3.72
N THR A 71 -3.58 14.56 -4.74
CA THR A 71 -2.61 14.85 -5.78
C THR A 71 -1.27 15.28 -5.19
N ASP A 72 -1.31 16.29 -4.34
CA ASP A 72 -0.10 16.80 -3.70
C ASP A 72 0.86 15.66 -3.38
N LEU A 73 0.34 14.61 -2.76
CA LEU A 73 1.15 13.45 -2.39
C LEU A 73 1.71 12.76 -3.64
N ALA A 74 0.86 12.59 -4.64
CA ALA A 74 1.27 11.95 -5.89
C ALA A 74 2.46 12.68 -6.51
N LYS A 75 2.30 13.97 -6.74
CA LYS A 75 3.36 14.78 -7.34
C LYS A 75 4.69 14.54 -6.62
N ARG A 76 4.63 14.40 -5.30
CA ARG A 76 5.82 14.17 -4.51
C ARG A 76 6.53 12.88 -4.94
N PHE A 77 5.74 11.88 -5.32
CA PHE A 77 6.28 10.60 -5.76
C PHE A 77 6.17 10.46 -7.28
N ASP A 78 6.23 11.58 -7.97
CA ASP A 78 6.14 11.58 -9.43
C ASP A 78 5.15 10.53 -9.92
N VAL A 79 3.94 10.57 -9.37
CA VAL A 79 2.89 9.62 -9.75
C VAL A 79 2.08 10.13 -10.92
N SER A 80 2.41 9.68 -12.13
CA SER A 80 1.71 10.09 -13.33
C SER A 80 1.21 8.89 -14.11
N GLY A 81 0.64 7.93 -13.38
CA GLY A 81 0.11 6.73 -14.02
C GLY A 81 -0.30 5.68 -13.02
N TYR A 82 -1.60 5.60 -12.75
CA TYR A 82 -2.13 4.62 -11.80
C TYR A 82 -2.58 3.36 -12.51
N PRO A 83 -2.65 2.25 -11.76
CA PRO A 83 -2.32 2.23 -10.34
C PRO A 83 -0.82 2.43 -10.10
N THR A 84 -0.49 3.03 -8.96
CA THR A 84 0.91 3.27 -8.60
C THR A 84 1.20 2.85 -7.18
N LEU A 85 1.85 1.70 -7.02
CA LEU A 85 2.20 1.18 -5.70
C LEU A 85 3.60 1.62 -5.29
N LYS A 86 3.77 1.87 -3.99
CA LYS A 86 5.07 2.29 -3.46
C LYS A 86 5.22 1.87 -2.00
N ILE A 87 6.42 1.39 -1.66
CA ILE A 87 6.70 0.95 -0.30
C ILE A 87 7.34 2.07 0.51
N PHE A 88 6.92 2.19 1.78
CA PHE A 88 7.46 3.21 2.67
C PHE A 88 8.03 2.59 3.93
N ARG A 89 9.30 2.86 4.19
CA ARG A 89 9.98 2.33 5.38
C ARG A 89 10.36 3.45 6.33
N LYS A 90 9.55 3.63 7.38
CA LYS A 90 9.82 4.67 8.38
C LYS A 90 10.05 6.01 7.71
N GLY A 91 9.34 6.26 6.60
CA GLY A 91 9.49 7.50 5.89
C GLY A 91 10.44 7.40 4.71
N ARG A 92 10.48 6.22 4.10
CA ARG A 92 11.36 5.99 2.95
C ARG A 92 10.60 5.30 1.83
N PRO A 93 10.17 6.08 0.83
CA PRO A 93 9.44 5.57 -0.33
C PRO A 93 10.31 4.72 -1.24
N PHE A 94 9.71 3.68 -1.83
CA PHE A 94 10.43 2.80 -2.73
C PHE A 94 9.51 2.25 -3.82
N ASP A 95 9.91 2.45 -5.07
CA ASP A 95 9.11 1.98 -6.20
C ASP A 95 8.74 0.51 -6.03
N TYR A 96 7.46 0.25 -5.80
CA TYR A 96 6.98 -1.11 -5.61
C TYR A 96 7.05 -1.90 -6.92
N ASN A 97 8.08 -2.73 -7.04
CA ASN A 97 8.26 -3.54 -8.24
C ASN A 97 7.93 -5.00 -7.97
N GLY A 98 6.88 -5.50 -8.62
CA GLY A 98 6.47 -6.87 -8.44
C GLY A 98 5.10 -7.17 -9.02
N PRO A 99 4.48 -8.25 -8.55
CA PRO A 99 3.15 -8.66 -9.02
C PRO A 99 2.05 -7.70 -8.55
N ARG A 100 1.02 -7.54 -9.39
CA ARG A 100 -0.09 -6.66 -9.06
C ARG A 100 -1.36 -7.46 -8.80
N GLU A 101 -1.19 -8.65 -8.23
CA GLU A 101 -2.33 -9.51 -7.93
C GLU A 101 -2.44 -9.75 -6.43
N LYS A 102 -3.66 -10.02 -5.97
CA LYS A 102 -3.92 -10.26 -4.56
C LYS A 102 -2.82 -11.13 -3.95
N TYR A 103 -2.68 -12.35 -4.45
CA TYR A 103 -1.66 -13.27 -3.96
C TYR A 103 -0.26 -12.67 -4.10
N GLY A 104 0.16 -12.44 -5.34
CA GLY A 104 1.47 -11.87 -5.59
C GLY A 104 1.83 -10.79 -4.59
N ILE A 105 1.09 -9.68 -4.62
CA ILE A 105 1.33 -8.57 -3.71
C ILE A 105 1.71 -9.07 -2.32
N VAL A 106 0.91 -9.99 -1.79
CA VAL A 106 1.16 -10.56 -0.47
C VAL A 106 2.52 -11.25 -0.42
N ASP A 107 2.79 -12.10 -1.40
CA ASP A 107 4.05 -12.82 -1.47
C ASP A 107 5.22 -11.85 -1.54
N TYR A 108 5.04 -10.76 -2.29
CA TYR A 108 6.09 -9.76 -2.45
C TYR A 108 6.38 -9.06 -1.13
N MET A 109 5.41 -8.29 -0.65
CA MET A 109 5.58 -7.56 0.60
C MET A 109 6.36 -8.38 1.61
N ILE A 110 6.10 -9.68 1.64
CA ILE A 110 6.79 -10.59 2.56
C ILE A 110 8.29 -10.57 2.31
N GLU A 111 8.70 -10.98 1.12
CA GLU A 111 10.11 -11.02 0.76
C GLU A 111 10.77 -9.67 1.03
N GLN A 112 9.99 -8.60 0.94
CA GLN A 112 10.51 -7.26 1.18
C GLN A 112 10.82 -7.05 2.66
N SER A 113 9.86 -7.37 3.51
CA SER A 113 10.03 -7.22 4.95
C SER A 113 11.36 -7.82 5.41
N GLY A 114 11.71 -8.96 4.83
CA GLY A 114 12.95 -9.63 5.18
C GLY A 114 12.99 -11.07 4.72
N SER A 115 13.74 -11.31 3.64
CA SER A 115 13.85 -12.66 3.08
C SER A 115 15.27 -13.18 3.21
N GLY A 116 15.42 -14.39 3.73
CA GLY A 116 16.73 -14.98 3.90
C GLY A 116 16.69 -16.30 4.63
N PRO A 117 16.65 -17.40 3.86
CA PRO A 117 16.60 -18.76 4.42
C PRO A 117 17.90 -19.16 5.09
N SER A 118 17.99 -18.92 6.40
CA SER A 118 19.18 -19.25 7.16
C SER A 118 20.44 -18.79 6.43
N SER A 119 20.36 -17.60 5.82
CA SER A 119 21.48 -17.04 5.08
C SER A 119 22.16 -18.11 4.22
N GLY A 120 21.33 -18.91 3.55
CA GLY A 120 21.87 -19.95 2.69
C GLY A 120 22.41 -19.42 1.38
N GLY A 1 -3.35 -6.32 17.57
CA GLY A 1 -3.96 -5.31 16.72
C GLY A 1 -5.46 -5.40 16.70
N SER A 2 -6.13 -4.28 16.45
CA SER A 2 -7.58 -4.23 16.41
C SER A 2 -8.07 -3.82 15.03
N SER A 3 -9.11 -4.50 14.55
CA SER A 3 -9.67 -4.21 13.23
C SER A 3 -9.66 -2.71 12.96
N GLY A 4 -9.37 -2.35 11.71
CA GLY A 4 -9.33 -0.95 11.33
C GLY A 4 -10.69 -0.29 11.43
N SER A 5 -10.72 1.03 11.21
CA SER A 5 -11.97 1.78 11.28
C SER A 5 -12.92 1.36 10.18
N SER A 6 -12.43 1.37 8.94
CA SER A 6 -13.24 0.99 7.79
C SER A 6 -13.11 -0.51 7.51
N GLY A 7 -11.87 -0.96 7.33
CA GLY A 7 -11.62 -2.36 7.05
C GLY A 7 -10.19 -2.76 7.27
N VAL A 8 -9.57 -3.34 6.25
CA VAL A 8 -8.17 -3.77 6.34
C VAL A 8 -7.24 -2.72 5.74
N THR A 9 -7.71 -2.04 4.70
CA THR A 9 -6.92 -1.01 4.03
C THR A 9 -6.99 0.31 4.79
N LEU A 10 -5.86 0.99 4.91
CA LEU A 10 -5.80 2.26 5.61
C LEU A 10 -5.83 3.43 4.61
N SER A 11 -6.70 4.39 4.88
CA SER A 11 -6.84 5.56 4.01
C SER A 11 -5.92 6.69 4.46
N LEU A 12 -4.78 6.82 3.79
CA LEU A 12 -3.82 7.86 4.12
C LEU A 12 -4.07 9.12 3.29
N THR A 13 -4.06 10.27 3.97
CA THR A 13 -4.28 11.55 3.30
C THR A 13 -3.08 12.48 3.47
N LYS A 14 -3.00 13.50 2.63
CA LYS A 14 -1.90 14.46 2.69
C LYS A 14 -1.83 15.11 4.07
N ASP A 15 -2.83 14.85 4.90
CA ASP A 15 -2.87 15.41 6.24
C ASP A 15 -2.33 14.41 7.26
N ASN A 16 -2.46 13.13 6.94
CA ASN A 16 -2.00 12.07 7.83
C ASN A 16 -1.23 11.00 7.05
N PHE A 17 -0.57 11.42 5.98
CA PHE A 17 0.18 10.49 5.14
C PHE A 17 1.60 10.31 5.69
N ASP A 18 2.23 11.43 6.05
CA ASP A 18 3.58 11.39 6.59
C ASP A 18 3.57 11.20 8.10
N ASP A 19 2.38 11.24 8.68
CA ASP A 19 2.23 11.07 10.12
C ASP A 19 1.88 9.63 10.46
N VAL A 20 1.28 8.92 9.50
CA VAL A 20 0.89 7.53 9.71
C VAL A 20 1.94 6.58 9.14
N VAL A 21 2.42 6.88 7.93
CA VAL A 21 3.42 6.06 7.26
C VAL A 21 4.71 6.02 8.07
N ASN A 22 5.13 7.18 8.57
CA ASN A 22 6.35 7.28 9.36
C ASN A 22 6.26 6.41 10.60
N ASN A 23 5.03 6.14 11.05
CA ASN A 23 4.82 5.32 12.23
C ASN A 23 4.51 3.87 11.85
N ALA A 24 4.84 3.52 10.61
CA ALA A 24 4.60 2.16 10.12
C ALA A 24 5.89 1.54 9.60
N ASP A 25 6.55 0.74 10.44
CA ASP A 25 7.78 0.08 10.07
C ASP A 25 7.77 -0.31 8.58
N ILE A 26 6.75 -1.06 8.19
CA ILE A 26 6.61 -1.48 6.80
C ILE A 26 5.17 -1.34 6.31
N ILE A 27 4.95 -0.38 5.42
CA ILE A 27 3.62 -0.16 4.88
C ILE A 27 3.67 0.09 3.37
N LEU A 28 2.64 -0.35 2.66
CA LEU A 28 2.58 -0.17 1.21
C LEU A 28 1.45 0.79 0.84
N VAL A 29 1.75 1.70 -0.08
CA VAL A 29 0.77 2.69 -0.52
C VAL A 29 0.44 2.49 -2.01
N GLU A 30 -0.85 2.40 -2.31
CA GLU A 30 -1.30 2.21 -3.68
C GLU A 30 -2.18 3.37 -4.14
N PHE A 31 -1.65 4.19 -5.03
CA PHE A 31 -2.38 5.35 -5.54
C PHE A 31 -3.40 4.92 -6.59
N TYR A 32 -4.67 5.11 -6.28
CA TYR A 32 -5.74 4.73 -7.21
C TYR A 32 -6.67 5.92 -7.46
N ALA A 33 -7.52 5.79 -8.48
CA ALA A 33 -8.46 6.85 -8.84
C ALA A 33 -9.87 6.29 -8.98
N PRO A 34 -10.85 7.02 -8.42
CA PRO A 34 -12.26 6.62 -8.48
C PRO A 34 -12.84 6.74 -9.88
N TRP A 35 -11.99 7.11 -10.84
CA TRP A 35 -12.42 7.26 -12.22
C TRP A 35 -11.64 6.33 -13.14
N CYS A 36 -10.48 5.89 -12.68
CA CYS A 36 -9.63 5.00 -13.46
C CYS A 36 -10.21 3.58 -13.49
N GLY A 37 -10.48 3.08 -14.68
CA GLY A 37 -11.03 1.75 -14.82
C GLY A 37 -10.10 0.68 -14.30
N HIS A 38 -8.94 0.55 -14.94
CA HIS A 38 -7.96 -0.45 -14.54
C HIS A 38 -7.97 -0.65 -13.02
N CYS A 39 -8.07 0.45 -12.29
CA CYS A 39 -8.10 0.39 -10.83
C CYS A 39 -9.21 -0.53 -10.34
N LYS A 40 -10.40 -0.35 -10.89
CA LYS A 40 -11.56 -1.16 -10.52
C LYS A 40 -11.15 -2.63 -10.36
N LYS A 41 -10.07 -3.02 -11.02
CA LYS A 41 -9.58 -4.39 -10.96
C LYS A 41 -8.60 -4.56 -9.79
N LEU A 42 -7.81 -3.53 -9.53
CA LEU A 42 -6.84 -3.55 -8.45
C LEU A 42 -7.52 -3.40 -7.09
N ALA A 43 -8.50 -2.49 -7.02
CA ALA A 43 -9.22 -2.26 -5.79
C ALA A 43 -9.33 -3.52 -4.96
N PRO A 44 -9.94 -4.57 -5.54
CA PRO A 44 -10.11 -5.86 -4.87
C PRO A 44 -8.80 -6.61 -4.68
N GLU A 45 -7.90 -6.46 -5.66
CA GLU A 45 -6.60 -7.13 -5.61
C GLU A 45 -5.72 -6.51 -4.53
N TYR A 46 -6.06 -5.29 -4.12
CA TYR A 46 -5.30 -4.59 -3.10
C TYR A 46 -5.89 -4.82 -1.71
N GLU A 47 -7.20 -4.55 -1.59
CA GLU A 47 -7.89 -4.73 -0.32
C GLU A 47 -7.75 -6.17 0.18
N LYS A 48 -7.87 -7.12 -0.75
CA LYS A 48 -7.77 -8.53 -0.41
C LYS A 48 -6.39 -8.85 0.18
N ALA A 49 -5.35 -8.53 -0.57
CA ALA A 49 -3.98 -8.77 -0.12
C ALA A 49 -3.78 -8.29 1.32
N ALA A 50 -4.55 -7.30 1.72
CA ALA A 50 -4.46 -6.75 3.07
C ALA A 50 -4.99 -7.74 4.10
N LYS A 51 -6.05 -8.46 3.73
CA LYS A 51 -6.65 -9.45 4.63
C LYS A 51 -5.72 -10.64 4.83
N GLU A 52 -4.88 -10.90 3.83
CA GLU A 52 -3.94 -12.01 3.90
C GLU A 52 -2.70 -11.63 4.70
N LEU A 53 -2.23 -10.41 4.49
CA LEU A 53 -1.06 -9.91 5.20
C LEU A 53 -1.39 -9.54 6.64
N SER A 54 -2.45 -8.74 6.80
CA SER A 54 -2.88 -8.31 8.13
C SER A 54 -2.99 -9.50 9.07
N LYS A 55 -3.34 -10.66 8.51
CA LYS A 55 -3.48 -11.88 9.30
C LYS A 55 -2.16 -12.63 9.40
N ARG A 56 -1.30 -12.44 8.41
CA ARG A 56 0.00 -13.09 8.38
C ARG A 56 0.91 -12.54 9.49
N SER A 57 2.14 -13.06 9.55
CA SER A 57 3.09 -12.63 10.56
C SER A 57 4.52 -12.70 10.01
N PRO A 58 5.21 -11.55 10.04
CA PRO A 58 4.65 -10.29 10.55
C PRO A 58 3.56 -9.73 9.65
N PRO A 59 2.51 -9.17 10.26
CA PRO A 59 1.39 -8.57 9.53
C PRO A 59 1.78 -7.30 8.80
N ILE A 60 1.68 -7.31 7.48
CA ILE A 60 2.02 -6.16 6.66
C ILE A 60 0.77 -5.37 6.28
N PRO A 61 0.54 -4.25 6.97
CA PRO A 61 -0.62 -3.38 6.72
C PRO A 61 -0.52 -2.65 5.38
N LEU A 62 -1.65 -2.47 4.71
CA LEU A 62 -1.68 -1.79 3.43
C LEU A 62 -2.54 -0.53 3.51
N ALA A 63 -2.18 0.48 2.71
CA ALA A 63 -2.93 1.73 2.69
C ALA A 63 -3.23 2.16 1.26
N LYS A 64 -4.43 2.68 1.05
CA LYS A 64 -4.84 3.13 -0.28
C LYS A 64 -5.02 4.65 -0.31
N VAL A 65 -4.30 5.31 -1.20
CA VAL A 65 -4.39 6.76 -1.33
C VAL A 65 -5.01 7.16 -2.67
N ASP A 66 -5.91 8.14 -2.62
CA ASP A 66 -6.58 8.61 -3.83
C ASP A 66 -5.80 9.76 -4.46
N ALA A 67 -4.89 9.44 -5.36
CA ALA A 67 -4.08 10.45 -6.04
C ALA A 67 -4.96 11.55 -6.62
N THR A 68 -6.25 11.27 -6.77
CA THR A 68 -7.20 12.23 -7.30
C THR A 68 -7.49 13.34 -6.30
N GLU A 69 -7.47 12.99 -5.02
CA GLU A 69 -7.73 13.96 -3.96
C GLU A 69 -6.44 14.36 -3.26
N GLN A 70 -5.46 13.46 -3.27
CA GLN A 70 -4.17 13.72 -2.63
C GLN A 70 -3.10 14.01 -3.68
N THR A 71 -3.49 14.68 -4.75
CA THR A 71 -2.57 15.02 -5.82
C THR A 71 -1.22 15.49 -5.27
N ASP A 72 -1.28 16.29 -4.21
CA ASP A 72 -0.07 16.82 -3.58
C ASP A 72 0.92 15.69 -3.29
N LEU A 73 0.41 14.58 -2.76
CA LEU A 73 1.25 13.43 -2.44
C LEU A 73 1.77 12.77 -3.71
N ALA A 74 0.89 12.61 -4.70
CA ALA A 74 1.26 11.99 -5.96
C ALA A 74 2.46 12.70 -6.58
N LYS A 75 2.33 14.00 -6.81
CA LYS A 75 3.39 14.79 -7.39
C LYS A 75 4.73 14.52 -6.70
N ARG A 76 4.68 14.42 -5.38
CA ARG A 76 5.88 14.16 -4.59
C ARG A 76 6.55 12.86 -5.03
N PHE A 77 5.74 11.88 -5.40
CA PHE A 77 6.25 10.59 -5.85
C PHE A 77 6.19 10.48 -7.37
N ASP A 78 6.20 11.62 -8.05
CA ASP A 78 6.14 11.65 -9.51
C ASP A 78 5.11 10.66 -10.03
N VAL A 79 3.98 10.55 -9.33
CA VAL A 79 2.92 9.64 -9.72
C VAL A 79 2.07 10.23 -10.85
N SER A 80 2.35 9.80 -12.07
CA SER A 80 1.62 10.30 -13.23
C SER A 80 1.04 9.13 -14.04
N GLY A 81 0.47 8.16 -13.34
CA GLY A 81 -0.12 7.01 -13.99
C GLY A 81 -0.49 5.91 -13.02
N TYR A 82 -1.77 5.79 -12.72
CA TYR A 82 -2.25 4.77 -11.80
C TYR A 82 -2.72 3.53 -12.55
N PRO A 83 -2.79 2.39 -11.84
CA PRO A 83 -2.44 2.33 -10.41
C PRO A 83 -0.95 2.51 -10.17
N THR A 84 -0.60 3.08 -9.02
CA THR A 84 0.80 3.30 -8.67
C THR A 84 1.09 2.88 -7.23
N LEU A 85 1.72 1.73 -7.07
CA LEU A 85 2.05 1.22 -5.74
C LEU A 85 3.46 1.62 -5.34
N LYS A 86 3.67 1.85 -4.05
CA LYS A 86 4.96 2.25 -3.53
C LYS A 86 5.10 1.88 -2.05
N ILE A 87 6.22 1.25 -1.70
CA ILE A 87 6.47 0.85 -0.33
C ILE A 87 7.08 1.99 0.48
N PHE A 88 6.76 2.03 1.77
CA PHE A 88 7.28 3.08 2.65
C PHE A 88 7.80 2.48 3.95
N ARG A 89 9.06 2.74 4.26
CA ARG A 89 9.67 2.23 5.48
C ARG A 89 10.06 3.37 6.42
N LYS A 90 9.49 3.35 7.62
CA LYS A 90 9.78 4.39 8.61
C LYS A 90 9.90 5.76 7.94
N GLY A 91 9.18 5.94 6.84
CA GLY A 91 9.21 7.21 6.14
C GLY A 91 10.19 7.20 4.98
N ARG A 92 10.27 6.06 4.29
CA ARG A 92 11.17 5.92 3.15
C ARG A 92 10.47 5.23 1.98
N PRO A 93 10.11 6.03 0.96
CA PRO A 93 9.42 5.52 -0.23
C PRO A 93 10.33 4.66 -1.10
N PHE A 94 9.77 3.60 -1.67
CA PHE A 94 10.54 2.70 -2.52
C PHE A 94 9.69 2.19 -3.68
N ASP A 95 10.16 2.41 -4.90
CA ASP A 95 9.45 1.99 -6.10
C ASP A 95 9.01 0.52 -5.97
N TYR A 96 7.70 0.32 -5.89
CA TYR A 96 7.15 -1.02 -5.77
C TYR A 96 7.18 -1.76 -7.11
N ASN A 97 8.08 -2.74 -7.21
CA ASN A 97 8.22 -3.52 -8.43
C ASN A 97 7.87 -4.99 -8.19
N GLY A 98 6.80 -5.45 -8.82
CA GLY A 98 6.38 -6.84 -8.66
C GLY A 98 5.01 -7.09 -9.22
N PRO A 99 4.38 -8.20 -8.78
CA PRO A 99 3.04 -8.58 -9.24
C PRO A 99 1.96 -7.65 -8.70
N ARG A 100 1.00 -7.29 -9.56
CA ARG A 100 -0.09 -6.41 -9.16
C ARG A 100 -1.36 -7.19 -8.90
N GLU A 101 -1.21 -8.39 -8.35
CA GLU A 101 -2.35 -9.25 -8.06
C GLU A 101 -2.42 -9.56 -6.56
N LYS A 102 -3.62 -9.88 -6.08
CA LYS A 102 -3.84 -10.19 -4.68
C LYS A 102 -2.72 -11.08 -4.15
N TYR A 103 -2.66 -12.31 -4.66
CA TYR A 103 -1.64 -13.28 -4.23
C TYR A 103 -0.25 -12.67 -4.35
N GLY A 104 0.14 -12.33 -5.58
CA GLY A 104 1.46 -11.75 -5.81
C GLY A 104 1.82 -10.71 -4.76
N ILE A 105 1.10 -9.60 -4.76
CA ILE A 105 1.36 -8.53 -3.79
C ILE A 105 1.75 -9.10 -2.43
N VAL A 106 0.99 -10.08 -1.97
CA VAL A 106 1.26 -10.71 -0.68
C VAL A 106 2.66 -11.31 -0.65
N ASP A 107 2.97 -12.12 -1.65
CA ASP A 107 4.29 -12.76 -1.74
C ASP A 107 5.40 -11.72 -1.73
N TYR A 108 5.15 -10.59 -2.37
CA TYR A 108 6.13 -9.51 -2.44
C TYR A 108 6.26 -8.81 -1.10
N MET A 109 5.18 -8.20 -0.64
CA MET A 109 5.17 -7.50 0.63
C MET A 109 5.93 -8.29 1.69
N ILE A 110 5.85 -9.62 1.62
CA ILE A 110 6.53 -10.47 2.57
C ILE A 110 8.05 -10.39 2.40
N GLU A 111 8.53 -10.81 1.23
CA GLU A 111 9.96 -10.78 0.94
C GLU A 111 10.55 -9.41 1.25
N GLN A 112 9.72 -8.37 1.12
CA GLN A 112 10.16 -7.00 1.39
C GLN A 112 10.47 -6.81 2.87
N SER A 113 9.56 -7.25 3.72
CA SER A 113 9.74 -7.12 5.17
C SER A 113 11.07 -7.73 5.61
N GLY A 114 11.44 -8.85 4.99
CA GLY A 114 12.69 -9.50 5.33
C GLY A 114 12.56 -11.02 5.35
N SER A 115 12.35 -11.60 4.17
CA SER A 115 12.22 -13.05 4.05
C SER A 115 12.66 -13.52 2.67
N GLY A 116 12.92 -14.83 2.56
CA GLY A 116 13.36 -15.38 1.29
C GLY A 116 14.87 -15.42 1.15
N PRO A 117 15.37 -16.46 0.48
CA PRO A 117 16.81 -16.64 0.27
C PRO A 117 17.39 -15.61 -0.69
N SER A 118 16.71 -15.40 -1.81
CA SER A 118 17.15 -14.44 -2.82
C SER A 118 16.63 -13.05 -2.50
N SER A 119 17.55 -12.13 -2.19
CA SER A 119 17.18 -10.76 -1.87
C SER A 119 18.04 -9.76 -2.65
N GLY A 120 17.41 -9.05 -3.57
CA GLY A 120 18.13 -8.08 -4.38
C GLY A 120 18.63 -6.91 -3.56
N GLY A 1 -4.88 1.85 21.57
CA GLY A 1 -4.86 1.68 20.13
C GLY A 1 -6.26 1.67 19.53
N SER A 2 -6.36 2.11 18.28
CA SER A 2 -7.66 2.15 17.60
C SER A 2 -7.66 1.23 16.38
N SER A 3 -8.24 0.04 16.55
CA SER A 3 -8.30 -0.94 15.47
C SER A 3 -9.74 -1.43 15.28
N GLY A 4 -10.29 -1.17 14.10
CA GLY A 4 -11.64 -1.60 13.80
C GLY A 4 -11.73 -3.07 13.45
N SER A 5 -12.92 -3.64 13.58
CA SER A 5 -13.13 -5.05 13.28
C SER A 5 -12.93 -5.33 11.79
N SER A 6 -13.76 -4.69 10.96
CA SER A 6 -13.68 -4.88 9.52
C SER A 6 -12.77 -3.83 8.89
N GLY A 7 -12.33 -4.09 7.67
CA GLY A 7 -11.45 -3.17 6.98
C GLY A 7 -9.99 -3.44 7.25
N VAL A 8 -9.23 -3.69 6.18
CA VAL A 8 -7.80 -3.98 6.30
C VAL A 8 -6.97 -2.84 5.72
N THR A 9 -7.46 -2.24 4.65
CA THR A 9 -6.76 -1.15 3.99
C THR A 9 -6.97 0.17 4.74
N LEU A 10 -5.91 0.98 4.83
CA LEU A 10 -5.99 2.25 5.52
C LEU A 10 -6.02 3.41 4.52
N SER A 11 -6.86 4.41 4.80
CA SER A 11 -6.99 5.56 3.93
C SER A 11 -6.11 6.72 4.41
N LEU A 12 -5.00 6.95 3.72
CA LEU A 12 -4.07 8.01 4.09
C LEU A 12 -4.32 9.26 3.24
N THR A 13 -4.27 10.42 3.88
CA THR A 13 -4.49 11.68 3.19
C THR A 13 -3.26 12.57 3.26
N LYS A 14 -3.32 13.73 2.61
CA LYS A 14 -2.21 14.67 2.61
C LYS A 14 -2.15 15.45 3.92
N ASP A 15 -2.62 14.82 5.00
CA ASP A 15 -2.61 15.45 6.31
C ASP A 15 -2.09 14.49 7.38
N ASN A 16 -2.18 13.19 7.10
CA ASN A 16 -1.72 12.17 8.03
C ASN A 16 -0.92 11.10 7.30
N PHE A 17 -0.46 11.41 6.10
CA PHE A 17 0.32 10.49 5.30
C PHE A 17 1.73 10.32 5.86
N ASP A 18 2.37 11.45 6.16
CA ASP A 18 3.72 11.45 6.70
C ASP A 18 3.68 11.25 8.22
N ASP A 19 2.49 11.30 8.80
CA ASP A 19 2.33 11.13 10.24
C ASP A 19 1.98 9.69 10.58
N VAL A 20 1.39 8.99 9.61
CA VAL A 20 1.01 7.59 9.81
C VAL A 20 2.07 6.65 9.27
N VAL A 21 2.40 6.80 7.99
CA VAL A 21 3.40 5.96 7.36
C VAL A 21 4.71 5.96 8.15
N ASN A 22 5.09 7.13 8.64
CA ASN A 22 6.32 7.27 9.42
C ASN A 22 6.28 6.40 10.67
N ASN A 23 5.07 6.15 11.16
CA ASN A 23 4.88 5.32 12.35
C ASN A 23 4.59 3.88 11.97
N ALA A 24 4.82 3.54 10.70
CA ALA A 24 4.58 2.19 10.22
C ALA A 24 5.88 1.54 9.74
N ASP A 25 6.50 0.75 10.60
CA ASP A 25 7.74 0.06 10.27
C ASP A 25 7.76 -0.34 8.80
N ILE A 26 6.63 -0.85 8.32
CA ILE A 26 6.52 -1.27 6.93
C ILE A 26 5.08 -1.15 6.43
N ILE A 27 4.87 -0.25 5.46
CA ILE A 27 3.55 -0.03 4.90
C ILE A 27 3.63 0.20 3.40
N LEU A 28 2.60 -0.26 2.67
CA LEU A 28 2.56 -0.10 1.23
C LEU A 28 1.38 0.79 0.81
N VAL A 29 1.67 1.82 0.04
CA VAL A 29 0.64 2.74 -0.43
C VAL A 29 0.30 2.49 -1.89
N GLU A 30 -0.99 2.51 -2.21
CA GLU A 30 -1.44 2.28 -3.58
C GLU A 30 -2.27 3.45 -4.08
N PHE A 31 -1.67 4.31 -4.89
CA PHE A 31 -2.35 5.48 -5.43
C PHE A 31 -3.32 5.06 -6.53
N TYR A 32 -4.62 5.13 -6.23
CA TYR A 32 -5.65 4.77 -7.19
C TYR A 32 -6.57 5.96 -7.47
N ALA A 33 -7.38 5.83 -8.52
CA ALA A 33 -8.31 6.89 -8.90
C ALA A 33 -9.72 6.34 -9.08
N PRO A 34 -10.71 7.05 -8.53
CA PRO A 34 -12.12 6.64 -8.61
C PRO A 34 -12.67 6.80 -10.03
N TRP A 35 -11.81 7.19 -10.95
CA TRP A 35 -12.22 7.37 -12.35
C TRP A 35 -11.44 6.43 -13.27
N CYS A 36 -10.33 5.91 -12.76
CA CYS A 36 -9.49 5.00 -13.54
C CYS A 36 -10.08 3.60 -13.55
N GLY A 37 -10.39 3.10 -14.76
CA GLY A 37 -10.97 1.78 -14.89
C GLY A 37 -10.02 0.69 -14.41
N HIS A 38 -8.87 0.60 -15.07
CA HIS A 38 -7.87 -0.41 -14.71
C HIS A 38 -7.84 -0.64 -13.21
N CYS A 39 -8.03 0.43 -12.45
CA CYS A 39 -8.02 0.34 -10.99
C CYS A 39 -9.15 -0.55 -10.49
N LYS A 40 -10.36 -0.32 -11.01
CA LYS A 40 -11.52 -1.10 -10.62
C LYS A 40 -11.15 -2.58 -10.44
N LYS A 41 -10.10 -3.00 -11.14
CA LYS A 41 -9.64 -4.39 -11.05
C LYS A 41 -8.71 -4.58 -9.87
N LEU A 42 -7.83 -3.61 -9.64
CA LEU A 42 -6.89 -3.67 -8.53
C LEU A 42 -7.60 -3.48 -7.20
N ALA A 43 -8.61 -2.62 -7.19
CA ALA A 43 -9.37 -2.35 -5.98
C ALA A 43 -9.46 -3.59 -5.10
N PRO A 44 -10.07 -4.66 -5.64
CA PRO A 44 -10.24 -5.92 -4.92
C PRO A 44 -8.91 -6.66 -4.72
N GLU A 45 -8.01 -6.50 -5.68
CA GLU A 45 -6.70 -7.14 -5.61
C GLU A 45 -5.83 -6.50 -4.53
N TYR A 46 -6.17 -5.28 -4.16
CA TYR A 46 -5.42 -4.55 -3.14
C TYR A 46 -6.02 -4.78 -1.76
N GLU A 47 -7.32 -4.50 -1.63
CA GLU A 47 -8.01 -4.68 -0.36
C GLU A 47 -7.92 -6.13 0.12
N LYS A 48 -7.90 -7.06 -0.83
CA LYS A 48 -7.81 -8.48 -0.52
C LYS A 48 -6.43 -8.83 0.02
N ALA A 49 -5.39 -8.48 -0.74
CA ALA A 49 -4.02 -8.75 -0.33
C ALA A 49 -3.77 -8.30 1.10
N ALA A 50 -4.41 -7.20 1.49
CA ALA A 50 -4.26 -6.67 2.84
C ALA A 50 -4.73 -7.67 3.88
N LYS A 51 -5.81 -8.36 3.60
CA LYS A 51 -6.36 -9.35 4.51
C LYS A 51 -5.34 -10.46 4.78
N GLU A 52 -4.51 -10.75 3.79
CA GLU A 52 -3.50 -11.79 3.93
C GLU A 52 -2.37 -11.33 4.86
N LEU A 53 -1.85 -10.14 4.58
CA LEU A 53 -0.77 -9.58 5.39
C LEU A 53 -1.27 -9.19 6.79
N SER A 54 -2.56 -8.88 6.87
CA SER A 54 -3.16 -8.49 8.15
C SER A 54 -3.13 -9.65 9.14
N LYS A 55 -2.87 -10.85 8.63
CA LYS A 55 -2.82 -12.05 9.46
C LYS A 55 -1.39 -12.57 9.58
N ARG A 56 -0.49 -11.99 8.79
CA ARG A 56 0.91 -12.39 8.81
C ARG A 56 1.58 -12.01 10.13
N SER A 57 2.88 -12.19 10.20
CA SER A 57 3.64 -11.88 11.40
C SER A 57 5.14 -11.80 11.11
N PRO A 58 5.67 -10.58 11.09
CA PRO A 58 4.89 -9.36 11.34
C PRO A 58 3.92 -9.06 10.20
N PRO A 59 2.71 -8.61 10.56
CA PRO A 59 1.67 -8.27 9.58
C PRO A 59 2.00 -7.01 8.79
N ILE A 60 1.86 -7.11 7.47
CA ILE A 60 2.14 -5.97 6.59
C ILE A 60 0.86 -5.29 6.13
N PRO A 61 0.49 -4.21 6.84
CA PRO A 61 -0.72 -3.44 6.52
C PRO A 61 -0.60 -2.67 5.21
N LEU A 62 -1.73 -2.45 4.55
CA LEU A 62 -1.74 -1.72 3.29
C LEU A 62 -2.63 -0.48 3.39
N ALA A 63 -2.24 0.57 2.67
CA ALA A 63 -3.00 1.81 2.67
C ALA A 63 -3.33 2.25 1.25
N LYS A 64 -4.57 2.71 1.05
CA LYS A 64 -5.01 3.16 -0.26
C LYS A 64 -5.19 4.67 -0.28
N VAL A 65 -4.47 5.34 -1.17
CA VAL A 65 -4.56 6.79 -1.30
C VAL A 65 -5.13 7.20 -2.65
N ASP A 66 -6.04 8.17 -2.64
CA ASP A 66 -6.66 8.66 -3.87
C ASP A 66 -5.85 9.80 -4.47
N ALA A 67 -4.88 9.46 -5.31
CA ALA A 67 -4.04 10.45 -5.95
C ALA A 67 -4.87 11.57 -6.56
N THR A 68 -6.16 11.30 -6.76
CA THR A 68 -7.07 12.28 -7.33
C THR A 68 -7.37 13.40 -6.34
N GLU A 69 -7.46 13.04 -5.06
CA GLU A 69 -7.74 14.01 -4.01
C GLU A 69 -6.46 14.42 -3.29
N GLN A 70 -5.53 13.47 -3.17
CA GLN A 70 -4.27 13.73 -2.49
C GLN A 70 -3.16 13.99 -3.51
N THR A 71 -3.51 14.63 -4.62
CA THR A 71 -2.55 14.95 -5.66
C THR A 71 -1.20 15.35 -5.07
N ASP A 72 -1.24 16.19 -4.04
CA ASP A 72 -0.02 16.65 -3.38
C ASP A 72 0.94 15.48 -3.15
N LEU A 73 0.41 14.36 -2.66
CA LEU A 73 1.22 13.18 -2.39
C LEU A 73 1.71 12.56 -3.69
N ALA A 74 0.82 12.46 -4.67
CA ALA A 74 1.18 11.88 -5.96
C ALA A 74 2.37 12.60 -6.58
N LYS A 75 2.29 13.91 -6.66
CA LYS A 75 3.37 14.72 -7.23
C LYS A 75 4.70 14.41 -6.54
N ARG A 76 4.66 14.33 -5.21
CA ARG A 76 5.86 14.04 -4.43
C ARG A 76 6.48 12.71 -4.87
N PHE A 77 5.65 11.78 -5.31
CA PHE A 77 6.11 10.48 -5.76
C PHE A 77 6.05 10.37 -7.29
N ASP A 78 6.11 11.51 -7.96
CA ASP A 78 6.05 11.55 -9.41
C ASP A 78 5.03 10.55 -9.94
N VAL A 79 3.88 10.50 -9.29
CA VAL A 79 2.81 9.58 -9.70
C VAL A 79 2.01 10.15 -10.86
N SER A 80 2.24 9.62 -12.05
CA SER A 80 1.53 10.07 -13.24
C SER A 80 0.98 8.89 -14.03
N GLY A 81 0.52 7.87 -13.32
CA GLY A 81 -0.03 6.70 -13.97
C GLY A 81 -0.49 5.65 -12.98
N TYR A 82 -1.79 5.60 -12.74
CA TYR A 82 -2.36 4.64 -11.80
C TYR A 82 -2.81 3.37 -12.52
N PRO A 83 -2.87 2.25 -11.78
CA PRO A 83 -2.53 2.24 -10.35
C PRO A 83 -1.03 2.44 -10.11
N THR A 84 -0.70 3.03 -8.97
CA THR A 84 0.70 3.27 -8.62
C THR A 84 0.98 2.88 -7.17
N LEU A 85 1.66 1.75 -6.99
CA LEU A 85 1.99 1.26 -5.66
C LEU A 85 3.43 1.63 -5.29
N LYS A 86 3.65 1.93 -4.02
CA LYS A 86 4.97 2.29 -3.53
C LYS A 86 5.16 1.84 -2.09
N ILE A 87 6.32 1.25 -1.81
CA ILE A 87 6.63 0.77 -0.46
C ILE A 87 7.28 1.86 0.37
N PHE A 88 6.85 1.98 1.62
CA PHE A 88 7.40 2.99 2.52
C PHE A 88 7.91 2.35 3.81
N ARG A 89 9.14 2.67 4.17
CA ARG A 89 9.76 2.13 5.38
C ARG A 89 10.17 3.24 6.33
N LYS A 90 9.45 3.37 7.44
CA LYS A 90 9.74 4.40 8.43
C LYS A 90 9.92 5.77 7.77
N GLY A 91 9.28 5.95 6.62
CA GLY A 91 9.38 7.21 5.90
C GLY A 91 10.34 7.13 4.73
N ARG A 92 10.41 5.97 4.10
CA ARG A 92 11.29 5.76 2.96
C ARG A 92 10.56 5.07 1.81
N PRO A 93 10.12 5.87 0.83
CA PRO A 93 9.40 5.36 -0.35
C PRO A 93 10.30 4.53 -1.27
N PHE A 94 9.73 3.48 -1.84
CA PHE A 94 10.49 2.62 -2.75
C PHE A 94 9.62 2.16 -3.92
N ASP A 95 10.19 2.17 -5.12
CA ASP A 95 9.48 1.76 -6.31
C ASP A 95 9.02 0.30 -6.21
N TYR A 96 7.72 0.10 -6.09
CA TYR A 96 7.16 -1.25 -5.98
C TYR A 96 7.22 -1.97 -7.31
N ASN A 97 7.98 -3.07 -7.35
CA ASN A 97 8.13 -3.86 -8.56
C ASN A 97 7.74 -5.31 -8.32
N GLY A 98 6.67 -5.76 -8.97
CA GLY A 98 6.22 -7.13 -8.82
C GLY A 98 4.82 -7.34 -9.35
N PRO A 99 4.15 -8.39 -8.86
CA PRO A 99 2.79 -8.73 -9.27
C PRO A 99 1.76 -7.72 -8.78
N ARG A 100 0.74 -7.46 -9.58
CA ARG A 100 -0.31 -6.52 -9.22
C ARG A 100 -1.59 -7.25 -8.83
N GLU A 101 -1.44 -8.46 -8.29
CA GLU A 101 -2.59 -9.26 -7.88
C GLU A 101 -2.59 -9.46 -6.36
N LYS A 102 -3.72 -9.89 -5.82
CA LYS A 102 -3.86 -10.12 -4.39
C LYS A 102 -2.70 -10.96 -3.86
N TYR A 103 -2.64 -12.23 -4.29
CA TYR A 103 -1.59 -13.14 -3.86
C TYR A 103 -0.22 -12.49 -4.06
N GLY A 104 0.14 -12.22 -5.31
CA GLY A 104 1.42 -11.61 -5.61
C GLY A 104 1.79 -10.53 -4.61
N ILE A 105 1.06 -9.43 -4.63
CA ILE A 105 1.32 -8.32 -3.72
C ILE A 105 1.71 -8.82 -2.34
N VAL A 106 0.97 -9.81 -1.84
CA VAL A 106 1.24 -10.38 -0.53
C VAL A 106 2.60 -11.07 -0.49
N ASP A 107 2.80 -12.01 -1.42
CA ASP A 107 4.06 -12.73 -1.49
C ASP A 107 5.24 -11.77 -1.59
N TYR A 108 5.04 -10.66 -2.29
CA TYR A 108 6.09 -9.67 -2.46
C TYR A 108 6.36 -8.93 -1.15
N MET A 109 5.36 -8.16 -0.70
CA MET A 109 5.48 -7.42 0.54
C MET A 109 6.18 -8.23 1.61
N ILE A 110 6.01 -9.54 1.56
CA ILE A 110 6.63 -10.44 2.52
C ILE A 110 8.14 -10.47 2.36
N GLU A 111 8.61 -10.90 1.18
CA GLU A 111 10.03 -10.97 0.91
C GLU A 111 10.71 -9.63 1.22
N GLN A 112 9.95 -8.55 1.11
CA GLN A 112 10.48 -7.22 1.38
C GLN A 112 10.75 -7.02 2.86
N SER A 113 9.74 -7.32 3.68
CA SER A 113 9.87 -7.18 5.13
C SER A 113 11.16 -7.82 5.63
N GLY A 114 11.53 -8.95 5.01
CA GLY A 114 12.74 -9.65 5.42
C GLY A 114 12.62 -11.15 5.24
N SER A 115 12.04 -11.56 4.12
CA SER A 115 11.86 -12.99 3.83
C SER A 115 12.51 -13.36 2.51
N GLY A 116 12.94 -14.61 2.40
CA GLY A 116 13.57 -15.08 1.18
C GLY A 116 12.64 -15.91 0.32
N PRO A 117 12.38 -15.44 -0.91
CA PRO A 117 11.50 -16.13 -1.85
C PRO A 117 12.10 -17.42 -2.37
N SER A 118 13.40 -17.59 -2.17
CA SER A 118 14.11 -18.79 -2.62
C SER A 118 13.23 -20.03 -2.42
N SER A 119 13.35 -20.97 -3.36
CA SER A 119 12.57 -22.20 -3.29
C SER A 119 13.42 -23.36 -2.75
N GLY A 120 14.61 -23.51 -3.32
CA GLY A 120 15.50 -24.58 -2.89
C GLY A 120 16.75 -24.05 -2.23
N GLY A 1 -6.94 1.22 16.73
CA GLY A 1 -7.51 1.23 18.07
C GLY A 1 -8.92 1.77 18.10
N SER A 2 -9.89 0.86 17.98
CA SER A 2 -11.29 1.25 18.00
C SER A 2 -12.19 0.04 18.27
N SER A 3 -12.89 0.08 19.40
CA SER A 3 -13.78 -1.01 19.78
C SER A 3 -14.74 -1.35 18.65
N GLY A 4 -14.46 -2.43 17.94
CA GLY A 4 -15.32 -2.84 16.83
C GLY A 4 -15.06 -2.03 15.57
N SER A 5 -14.27 -2.60 14.66
CA SER A 5 -13.95 -1.92 13.41
C SER A 5 -13.82 -2.93 12.27
N SER A 6 -14.13 -2.48 11.05
CA SER A 6 -14.04 -3.35 9.89
C SER A 6 -13.18 -2.70 8.80
N GLY A 7 -12.40 -3.53 8.10
CA GLY A 7 -11.54 -3.03 7.06
C GLY A 7 -10.07 -3.24 7.36
N VAL A 8 -9.31 -3.63 6.34
CA VAL A 8 -7.88 -3.87 6.50
C VAL A 8 -7.06 -2.74 5.90
N THR A 9 -7.49 -2.26 4.73
CA THR A 9 -6.80 -1.17 4.05
C THR A 9 -6.98 0.14 4.78
N LEU A 10 -5.91 0.92 4.86
CA LEU A 10 -5.94 2.21 5.53
C LEU A 10 -6.00 3.35 4.53
N SER A 11 -6.72 4.42 4.88
CA SER A 11 -6.85 5.57 4.00
C SER A 11 -5.95 6.72 4.46
N LEU A 12 -4.85 6.93 3.74
CA LEU A 12 -3.90 7.97 4.08
C LEU A 12 -4.13 9.21 3.20
N THR A 13 -4.09 10.38 3.83
CA THR A 13 -4.29 11.64 3.12
C THR A 13 -3.06 12.53 3.22
N LYS A 14 -3.09 13.66 2.52
CA LYS A 14 -1.99 14.60 2.53
C LYS A 14 -1.90 15.34 3.87
N ASP A 15 -2.55 14.79 4.88
CA ASP A 15 -2.55 15.39 6.21
C ASP A 15 -2.10 14.37 7.26
N ASN A 16 -2.23 13.09 6.93
CA ASN A 16 -1.84 12.02 7.84
C ASN A 16 -1.06 10.94 7.11
N PHE A 17 -0.42 11.33 6.01
CA PHE A 17 0.37 10.38 5.22
C PHE A 17 1.79 10.28 5.75
N ASP A 18 2.41 11.43 5.99
CA ASP A 18 3.77 11.47 6.50
C ASP A 18 3.79 11.32 8.02
N ASP A 19 2.61 11.39 8.63
CA ASP A 19 2.49 11.25 10.08
C ASP A 19 2.14 9.82 10.46
N VAL A 20 1.54 9.09 9.52
CA VAL A 20 1.15 7.70 9.75
C VAL A 20 2.20 6.74 9.24
N VAL A 21 2.53 6.85 7.95
CA VAL A 21 3.53 5.99 7.34
C VAL A 21 4.83 6.00 8.13
N ASN A 22 5.23 7.19 8.57
CA ASN A 22 6.45 7.34 9.34
C ASN A 22 6.37 6.61 10.67
N ASN A 23 5.15 6.19 11.03
CA ASN A 23 4.93 5.47 12.28
C ASN A 23 4.71 3.99 12.02
N ALA A 24 4.68 3.61 10.75
CA ALA A 24 4.47 2.22 10.37
C ALA A 24 5.77 1.58 9.88
N ASP A 25 6.37 0.75 10.72
CA ASP A 25 7.62 0.08 10.39
C ASP A 25 7.67 -0.27 8.90
N ILE A 26 6.62 -0.93 8.43
CA ILE A 26 6.54 -1.32 7.02
C ILE A 26 5.11 -1.22 6.51
N ILE A 27 4.91 -0.33 5.52
CA ILE A 27 3.59 -0.13 4.94
C ILE A 27 3.68 0.05 3.43
N LEU A 28 2.61 -0.31 2.73
CA LEU A 28 2.57 -0.18 1.27
C LEU A 28 1.43 0.73 0.85
N VAL A 29 1.77 1.77 0.08
CA VAL A 29 0.77 2.72 -0.40
C VAL A 29 0.39 2.43 -1.85
N GLU A 30 -0.89 2.62 -2.17
CA GLU A 30 -1.38 2.37 -3.51
C GLU A 30 -2.28 3.51 -3.99
N PHE A 31 -1.77 4.30 -4.93
CA PHE A 31 -2.52 5.43 -5.47
C PHE A 31 -3.52 4.97 -6.52
N TYR A 32 -4.79 5.27 -6.28
CA TYR A 32 -5.85 4.89 -7.21
C TYR A 32 -6.79 6.06 -7.48
N ALA A 33 -7.64 5.91 -8.49
CA ALA A 33 -8.59 6.96 -8.85
C ALA A 33 -10.01 6.39 -8.98
N PRO A 34 -10.99 7.13 -8.44
CA PRO A 34 -12.39 6.72 -8.48
C PRO A 34 -12.97 6.79 -9.89
N TRP A 35 -12.13 7.12 -10.86
CA TRP A 35 -12.56 7.21 -12.25
C TRP A 35 -11.71 6.32 -13.14
N CYS A 36 -10.55 5.91 -12.64
CA CYS A 36 -9.64 5.05 -13.40
C CYS A 36 -10.15 3.62 -13.41
N GLY A 37 -10.49 3.12 -14.59
CA GLY A 37 -10.98 1.75 -14.72
C GLY A 37 -9.97 0.73 -14.25
N HIS A 38 -8.79 0.73 -14.88
CA HIS A 38 -7.75 -0.21 -14.53
C HIS A 38 -7.74 -0.49 -13.03
N CYS A 39 -8.03 0.54 -12.23
CA CYS A 39 -8.06 0.40 -10.79
C CYS A 39 -9.19 -0.52 -10.36
N LYS A 40 -10.37 -0.30 -10.90
CA LYS A 40 -11.54 -1.12 -10.57
C LYS A 40 -11.18 -2.59 -10.51
N LYS A 41 -10.09 -2.96 -11.20
CA LYS A 41 -9.63 -4.34 -11.21
C LYS A 41 -8.66 -4.60 -10.06
N LEU A 42 -7.87 -3.59 -9.71
CA LEU A 42 -6.91 -3.72 -8.62
C LEU A 42 -7.58 -3.54 -7.27
N ALA A 43 -8.72 -2.86 -7.27
CA ALA A 43 -9.47 -2.61 -6.04
C ALA A 43 -9.55 -3.88 -5.20
N PRO A 44 -10.14 -4.95 -5.76
CA PRO A 44 -10.28 -6.23 -5.07
C PRO A 44 -8.95 -6.95 -4.89
N GLU A 45 -8.00 -6.68 -5.79
CA GLU A 45 -6.69 -7.30 -5.73
C GLU A 45 -5.85 -6.68 -4.62
N TYR A 46 -6.19 -5.45 -4.25
CA TYR A 46 -5.47 -4.74 -3.20
C TYR A 46 -6.13 -4.94 -1.84
N GLU A 47 -7.42 -4.67 -1.78
CA GLU A 47 -8.18 -4.82 -0.53
C GLU A 47 -8.06 -6.24 0.00
N LYS A 48 -8.07 -7.21 -0.90
CA LYS A 48 -7.96 -8.62 -0.53
C LYS A 48 -6.59 -8.91 0.06
N ALA A 49 -5.53 -8.61 -0.70
CA ALA A 49 -4.17 -8.85 -0.25
C ALA A 49 -3.96 -8.34 1.17
N ALA A 50 -4.64 -7.24 1.50
CA ALA A 50 -4.53 -6.64 2.83
C ALA A 50 -5.15 -7.55 3.88
N LYS A 51 -6.18 -8.29 3.48
CA LYS A 51 -6.85 -9.20 4.40
C LYS A 51 -5.97 -10.38 4.76
N GLU A 52 -5.08 -10.75 3.84
CA GLU A 52 -4.17 -11.87 4.06
C GLU A 52 -3.00 -11.45 4.94
N LEU A 53 -2.26 -10.44 4.49
CA LEU A 53 -1.11 -9.95 5.24
C LEU A 53 -1.48 -9.68 6.69
N SER A 54 -2.67 -9.13 6.91
CA SER A 54 -3.14 -8.82 8.25
C SER A 54 -3.08 -10.06 9.15
N LYS A 55 -3.14 -11.22 8.53
CA LYS A 55 -3.10 -12.48 9.27
C LYS A 55 -1.66 -13.02 9.33
N ARG A 56 -0.91 -12.79 8.27
CA ARG A 56 0.47 -13.25 8.20
C ARG A 56 1.26 -12.79 9.42
N SER A 57 2.56 -13.05 9.42
CA SER A 57 3.42 -12.66 10.54
C SER A 57 4.89 -12.65 10.12
N PRO A 58 5.51 -11.47 10.22
CA PRO A 58 4.87 -10.26 10.70
C PRO A 58 3.83 -9.73 9.72
N PRO A 59 2.68 -9.28 10.24
CA PRO A 59 1.59 -8.74 9.42
C PRO A 59 1.95 -7.40 8.80
N ILE A 60 1.84 -7.31 7.47
CA ILE A 60 2.15 -6.08 6.76
C ILE A 60 0.87 -5.37 6.32
N PRO A 61 0.52 -4.28 7.02
CA PRO A 61 -0.67 -3.49 6.72
C PRO A 61 -0.54 -2.72 5.41
N LEU A 62 -1.66 -2.51 4.74
CA LEU A 62 -1.66 -1.78 3.47
C LEU A 62 -2.46 -0.49 3.59
N ALA A 63 -2.29 0.40 2.62
CA ALA A 63 -2.99 1.67 2.61
C ALA A 63 -3.33 2.11 1.19
N LYS A 64 -4.54 2.62 1.00
CA LYS A 64 -4.98 3.07 -0.31
C LYS A 64 -5.13 4.59 -0.34
N VAL A 65 -4.40 5.23 -1.26
CA VAL A 65 -4.44 6.68 -1.39
C VAL A 65 -5.06 7.10 -2.72
N ASP A 66 -5.67 8.27 -2.75
CA ASP A 66 -6.30 8.78 -3.96
C ASP A 66 -5.49 9.93 -4.55
N ALA A 67 -4.77 9.65 -5.63
CA ALA A 67 -3.96 10.66 -6.29
C ALA A 67 -4.82 11.81 -6.80
N THR A 68 -6.14 11.62 -6.78
CA THR A 68 -7.07 12.65 -7.24
C THR A 68 -7.24 13.74 -6.19
N GLU A 69 -7.48 13.34 -4.94
CA GLU A 69 -7.67 14.28 -3.86
C GLU A 69 -6.37 14.49 -3.09
N GLN A 70 -5.43 13.57 -3.28
CA GLN A 70 -4.14 13.66 -2.60
C GLN A 70 -3.01 13.90 -3.59
N THR A 71 -3.31 14.63 -4.65
CA THR A 71 -2.32 14.94 -5.68
C THR A 71 -1.00 15.36 -5.06
N ASP A 72 -1.07 16.23 -4.06
CA ASP A 72 0.13 16.71 -3.38
C ASP A 72 1.09 15.56 -3.11
N LEU A 73 0.57 14.45 -2.62
CA LEU A 73 1.39 13.28 -2.31
C LEU A 73 1.88 12.61 -3.60
N ALA A 74 0.98 12.48 -4.57
CA ALA A 74 1.33 11.87 -5.85
C ALA A 74 2.52 12.57 -6.49
N LYS A 75 2.37 13.87 -6.77
CA LYS A 75 3.43 14.65 -7.38
C LYS A 75 4.76 14.39 -6.70
N ARG A 76 4.73 14.25 -5.37
CA ARG A 76 5.95 14.00 -4.60
C ARG A 76 6.59 12.69 -5.04
N PHE A 77 5.78 11.69 -5.36
CA PHE A 77 6.28 10.39 -5.78
C PHE A 77 6.18 10.25 -7.30
N ASP A 78 6.13 11.38 -7.99
CA ASP A 78 6.03 11.38 -9.44
C ASP A 78 4.98 10.38 -9.93
N VAL A 79 3.76 10.51 -9.40
CA VAL A 79 2.67 9.63 -9.76
C VAL A 79 1.87 10.21 -10.92
N SER A 80 2.15 9.73 -12.13
CA SER A 80 1.45 10.21 -13.32
C SER A 80 0.88 9.04 -14.12
N GLY A 81 0.36 8.05 -13.41
CA GLY A 81 -0.21 6.88 -14.06
C GLY A 81 -0.61 5.80 -13.08
N TYR A 82 -1.90 5.73 -12.77
CA TYR A 82 -2.41 4.74 -11.84
C TYR A 82 -2.86 3.47 -12.57
N PRO A 83 -2.91 2.35 -11.83
CA PRO A 83 -2.56 2.32 -10.41
C PRO A 83 -1.08 2.52 -10.17
N THR A 84 -0.73 3.07 -9.02
CA THR A 84 0.66 3.31 -8.67
C THR A 84 0.94 2.94 -7.21
N LEU A 85 1.62 1.81 -7.02
CA LEU A 85 1.96 1.34 -5.67
C LEU A 85 3.38 1.75 -5.29
N LYS A 86 3.61 1.94 -4.00
CA LYS A 86 4.92 2.32 -3.50
C LYS A 86 5.09 1.90 -2.03
N ILE A 87 6.23 1.29 -1.74
CA ILE A 87 6.51 0.84 -0.38
C ILE A 87 7.16 1.95 0.44
N PHE A 88 6.82 1.99 1.73
CA PHE A 88 7.37 3.01 2.63
C PHE A 88 7.90 2.38 3.91
N ARG A 89 9.10 2.79 4.32
CA ARG A 89 9.72 2.27 5.53
C ARG A 89 10.09 3.40 6.49
N LYS A 90 9.36 3.47 7.60
CA LYS A 90 9.62 4.51 8.60
C LYS A 90 9.81 5.86 7.93
N GLY A 91 9.22 6.05 6.76
CA GLY A 91 9.34 7.30 6.05
C GLY A 91 10.30 7.21 4.88
N ARG A 92 10.42 6.02 4.30
CA ARG A 92 11.31 5.82 3.17
C ARG A 92 10.58 5.13 2.02
N PRO A 93 10.21 5.92 1.00
CA PRO A 93 9.50 5.41 -0.18
C PRO A 93 10.39 4.53 -1.05
N PHE A 94 9.78 3.55 -1.71
CA PHE A 94 10.50 2.64 -2.58
C PHE A 94 9.61 2.11 -3.69
N ASP A 95 10.03 2.33 -4.94
CA ASP A 95 9.27 1.87 -6.09
C ASP A 95 8.80 0.43 -5.91
N TYR A 96 7.50 0.22 -5.96
CA TYR A 96 6.93 -1.11 -5.78
C TYR A 96 6.92 -1.87 -7.11
N ASN A 97 7.88 -2.78 -7.26
CA ASN A 97 7.99 -3.57 -8.48
C ASN A 97 7.68 -5.04 -8.20
N GLY A 98 6.60 -5.53 -8.80
CA GLY A 98 6.21 -6.92 -8.60
C GLY A 98 4.81 -7.20 -9.09
N PRO A 99 4.23 -8.33 -8.65
CA PRO A 99 2.88 -8.75 -9.04
C PRO A 99 1.81 -7.84 -8.43
N ARG A 100 0.90 -7.38 -9.28
CA ARG A 100 -0.19 -6.51 -8.84
C ARG A 100 -1.45 -7.32 -8.52
N GLU A 101 -1.25 -8.60 -8.19
CA GLU A 101 -2.36 -9.48 -7.86
C GLU A 101 -2.47 -9.68 -6.35
N LYS A 102 -3.67 -10.01 -5.89
CA LYS A 102 -3.91 -10.24 -4.47
C LYS A 102 -2.80 -11.09 -3.86
N TYR A 103 -2.71 -12.35 -4.29
CA TYR A 103 -1.70 -13.26 -3.79
C TYR A 103 -0.31 -12.69 -3.98
N GLY A 104 0.06 -12.46 -5.24
CA GLY A 104 1.37 -11.90 -5.54
C GLY A 104 1.74 -10.76 -4.64
N ILE A 105 1.03 -9.64 -4.77
CA ILE A 105 1.29 -8.47 -3.95
C ILE A 105 1.72 -8.86 -2.55
N VAL A 106 0.91 -9.70 -1.90
CA VAL A 106 1.21 -10.15 -0.54
C VAL A 106 2.60 -10.78 -0.47
N ASP A 107 2.76 -11.93 -1.13
CA ASP A 107 4.04 -12.63 -1.13
C ASP A 107 5.20 -11.64 -1.27
N TYR A 108 5.03 -10.65 -2.14
CA TYR A 108 6.07 -9.65 -2.37
C TYR A 108 6.36 -8.88 -1.08
N MET A 109 5.35 -8.17 -0.59
CA MET A 109 5.50 -7.38 0.63
C MET A 109 6.36 -8.12 1.65
N ILE A 110 6.17 -9.42 1.73
CA ILE A 110 6.93 -10.25 2.68
C ILE A 110 8.43 -10.18 2.38
N GLU A 111 8.81 -10.67 1.20
CA GLU A 111 10.22 -10.65 0.79
C GLU A 111 10.84 -9.29 1.04
N GLN A 112 10.02 -8.24 0.97
CA GLN A 112 10.50 -6.88 1.19
C GLN A 112 10.80 -6.64 2.66
N SER A 113 9.91 -7.12 3.53
CA SER A 113 10.07 -6.95 4.97
C SER A 113 11.41 -7.51 5.44
N GLY A 114 11.91 -8.50 4.71
CA GLY A 114 13.17 -9.12 5.06
C GLY A 114 13.22 -10.59 4.71
N SER A 115 13.86 -10.91 3.58
CA SER A 115 13.96 -12.29 3.14
C SER A 115 15.36 -12.84 3.38
N GLY A 116 15.45 -14.15 3.60
CA GLY A 116 16.74 -14.78 3.85
C GLY A 116 17.75 -14.50 2.75
N PRO A 117 19.02 -14.35 3.13
CA PRO A 117 20.11 -14.08 2.18
C PRO A 117 20.40 -15.27 1.28
N SER A 118 20.41 -16.47 1.87
CA SER A 118 20.68 -17.69 1.12
C SER A 118 21.92 -17.52 0.24
N SER A 119 22.89 -16.78 0.75
CA SER A 119 24.13 -16.54 0.00
C SER A 119 24.98 -17.80 -0.05
N GLY A 120 25.15 -18.45 1.10
CA GLY A 120 25.94 -19.67 1.15
C GLY A 120 26.48 -19.94 2.54
#